data_4LYL
#
_entry.id   4LYL
#
_cell.length_a   98.210
_cell.length_b   86.920
_cell.length_c   175.370
_cell.angle_alpha   90.000
_cell.angle_beta   90.350
_cell.angle_gamma   90.000
#
_symmetry.space_group_name_H-M   'P 1 21 1'
#
loop_
_entity.id
_entity.type
_entity.pdbx_description
1 polymer 'Uracil-DNA glycosylase'
2 polymer 'Uracil-DNA glycosylase inhibitor'
3 water water
#
loop_
_entity_poly.entity_id
_entity_poly.type
_entity_poly.pdbx_seq_one_letter_code
_entity_poly.pdbx_strand_id
1 'polypeptide(L)'
;MEFFGETWRRELAAEFEKPYFKQLMSFVADERSRHTVYPPADQVYSWTEMCDIQDVKVVILGQDPYHGPNQAHGLCFSVQ
KPVPPPPSLVNIYKELCTDIDGFKHPGHGDLSGWAKQGVLLLNAVLTVRAHQANSHKDRGWETFTDAVIKWLSVNREGVV
FLLWGSYAHKKGATIDRKRHHVLQAVHPSPLSAHRGFLGCKHFSKANGLLKLSGTEPINWRAL
;
A,C,E,G,I,K,M,O
2 'polypeptide(L)'
;MTNLSDIIEKETGKQLVIQESILMLPEEVEEVIGNKPESDILVHTAYDESTDENVMLLTSDAPEYKPWALVIQDSNGENK
IKML
;
B,D,F,H,J,L,N,P
#
# COMPACT_ATOMS: atom_id res chain seq x y z
N MET A 1 -17.13 22.15 19.95
CA MET A 1 -16.49 20.97 19.30
C MET A 1 -17.17 20.72 17.96
N GLU A 2 -16.37 20.27 17.00
CA GLU A 2 -16.73 20.26 15.59
C GLU A 2 -17.87 19.31 15.37
N PHE A 3 -18.90 19.78 14.67
CA PHE A 3 -19.97 18.91 14.18
C PHE A 3 -21.03 18.60 15.25
N PHE A 4 -20.79 19.09 16.46
CA PHE A 4 -21.65 18.84 17.58
C PHE A 4 -22.31 20.13 17.99
N GLY A 5 -23.62 20.22 17.84
CA GLY A 5 -24.43 21.38 18.22
C GLY A 5 -24.13 21.78 19.65
N GLU A 6 -24.01 23.07 19.93
CA GLU A 6 -23.57 23.58 21.25
C GLU A 6 -24.48 23.30 22.45
N THR A 7 -25.81 23.37 22.31
CA THR A 7 -26.71 23.08 23.46
C THR A 7 -26.56 21.62 23.87
N TRP A 8 -26.16 20.79 22.90
CA TRP A 8 -25.90 19.39 23.19
C TRP A 8 -24.54 19.27 23.90
N ARG A 9 -23.49 19.87 23.32
CA ARG A 9 -22.14 19.83 23.89
C ARG A 9 -22.16 20.30 25.35
N ARG A 10 -22.77 21.44 25.60
CA ARG A 10 -22.80 21.99 26.95
C ARG A 10 -23.21 20.93 27.95
N GLU A 11 -24.20 20.13 27.60
CA GLU A 11 -24.82 19.24 28.58
C GLU A 11 -24.18 17.89 28.73
N LEU A 12 -23.52 17.44 27.66
CA LEU A 12 -22.86 16.16 27.60
C LEU A 12 -21.35 16.24 27.76
N ALA A 13 -20.85 17.44 28.03
CA ALA A 13 -19.39 17.71 28.01
C ALA A 13 -18.57 16.77 28.86
N ALA A 14 -19.05 16.38 30.03
CA ALA A 14 -18.26 15.42 30.83
C ALA A 14 -17.89 14.19 29.97
N GLU A 15 -18.83 13.69 29.18
CA GLU A 15 -18.57 12.44 28.45
C GLU A 15 -17.33 12.50 27.57
N PHE A 16 -17.11 13.64 26.91
CA PHE A 16 -16.06 13.76 25.91
C PHE A 16 -14.67 13.58 26.53
N GLU A 17 -14.52 13.95 27.79
CA GLU A 17 -13.21 13.89 28.43
C GLU A 17 -12.89 12.49 29.00
N LYS A 18 -13.85 11.58 28.95
CA LYS A 18 -13.72 10.28 29.60
C LYS A 18 -12.89 9.35 28.74
N PRO A 19 -12.03 8.56 29.39
CA PRO A 19 -11.26 7.57 28.64
C PRO A 19 -12.09 6.85 27.55
N TYR A 20 -13.18 6.20 27.92
CA TYR A 20 -13.92 5.42 26.92
C TYR A 20 -14.31 6.21 25.66
N PHE A 21 -14.69 7.48 25.82
CA PHE A 21 -15.02 8.31 24.66
C PHE A 21 -13.78 8.68 23.88
N LYS A 22 -12.69 8.99 24.57
CA LYS A 22 -11.46 9.33 23.89
C LYS A 22 -10.93 8.09 23.11
N GLN A 23 -11.14 6.89 23.67
CA GLN A 23 -10.67 5.71 23.01
C GLN A 23 -11.62 5.35 21.84
N LEU A 24 -12.88 5.73 21.96
CA LEU A 24 -13.84 5.67 20.85
C LEU A 24 -13.38 6.56 19.65
N MET A 25 -13.04 7.81 19.91
CA MET A 25 -12.61 8.71 18.85
CA MET A 25 -12.61 8.70 18.84
C MET A 25 -11.41 8.14 18.07
N SER A 26 -10.42 7.63 18.77
CA SER A 26 -9.23 7.18 18.07
C SER A 26 -9.48 5.80 17.42
N PHE A 27 -10.44 5.01 17.92
CA PHE A 27 -10.90 3.83 17.16
C PHE A 27 -11.52 4.29 15.81
N VAL A 28 -12.40 5.28 15.86
CA VAL A 28 -13.01 5.84 14.65
C VAL A 28 -11.95 6.44 13.72
N ALA A 29 -11.01 7.23 14.24
CA ALA A 29 -9.89 7.77 13.43
C ALA A 29 -9.13 6.66 12.73
N ASP A 30 -8.85 5.59 13.45
CA ASP A 30 -8.10 4.49 12.89
C ASP A 30 -8.86 3.88 11.71
N GLU A 31 -10.12 3.56 11.99
CA GLU A 31 -11.04 3.07 10.94
C GLU A 31 -11.09 3.92 9.65
N ARG A 32 -11.21 5.23 9.78
CA ARG A 32 -11.20 6.13 8.65
C ARG A 32 -9.83 6.18 7.96
N SER A 33 -8.75 5.90 8.69
CA SER A 33 -7.44 6.02 8.10
C SER A 33 -7.29 4.93 7.06
N ARG A 34 -7.87 3.76 7.37
CA ARG A 34 -7.77 2.53 6.59
C ARG A 34 -8.99 2.16 5.72
N HIS A 35 -10.19 2.57 6.12
CA HIS A 35 -11.41 2.20 5.40
C HIS A 35 -12.37 3.40 5.23
N THR A 36 -13.42 3.21 4.42
CA THR A 36 -14.57 4.11 4.44
C THR A 36 -15.47 3.80 5.66
N VAL A 37 -15.88 4.83 6.36
CA VAL A 37 -16.78 4.72 7.52
C VAL A 37 -17.98 5.58 7.27
N TYR A 38 -19.17 5.07 7.60
CA TYR A 38 -20.37 5.84 7.45
C TYR A 38 -21.02 6.13 8.79
N PRO A 39 -21.71 7.27 8.89
CA PRO A 39 -21.73 8.36 7.92
C PRO A 39 -20.42 9.17 7.90
N PRO A 40 -20.30 10.14 6.98
CA PRO A 40 -19.11 11.00 7.05
C PRO A 40 -18.91 11.68 8.42
N ALA A 41 -17.65 11.89 8.80
CA ALA A 41 -17.33 12.57 10.06
C ALA A 41 -18.24 13.77 10.38
N ASP A 42 -18.55 14.58 9.37
CA ASP A 42 -19.32 15.78 9.62
C ASP A 42 -20.83 15.59 9.84
N GLN A 43 -21.31 14.35 9.76
CA GLN A 43 -22.72 13.98 9.91
C GLN A 43 -22.98 12.99 11.02
N VAL A 44 -21.94 12.61 11.74
CA VAL A 44 -22.09 11.70 12.85
C VAL A 44 -23.00 12.27 13.92
N TYR A 45 -23.05 13.57 14.04
CA TYR A 45 -23.73 14.15 15.15
C TYR A 45 -24.80 15.05 14.58
N SER A 46 -25.26 14.69 13.38
CA SER A 46 -26.27 15.49 12.69
C SER A 46 -27.44 15.71 13.61
N TRP A 47 -27.81 14.67 14.36
CA TRP A 47 -28.91 14.73 15.31
C TRP A 47 -28.76 15.76 16.40
N THR A 48 -27.52 16.13 16.74
CA THR A 48 -27.30 17.23 17.67
C THR A 48 -27.54 18.60 17.01
N GLU A 49 -27.62 18.65 15.67
CA GLU A 49 -27.64 19.93 14.94
C GLU A 49 -29.00 20.40 14.41
N MET A 50 -29.99 19.51 14.30
CA MET A 50 -31.30 19.83 13.72
C MET A 50 -32.22 20.50 14.75
N CYS A 51 -31.93 20.29 16.04
CA CYS A 51 -32.71 20.95 17.11
C CYS A 51 -31.84 21.08 18.36
N ASP A 52 -32.30 21.90 19.29
CA ASP A 52 -31.63 22.11 20.55
C ASP A 52 -32.09 20.98 21.48
N ILE A 53 -31.32 20.70 22.51
CA ILE A 53 -31.58 19.57 23.40
C ILE A 53 -32.87 19.76 24.21
N GLN A 54 -33.13 21.01 24.58
CA GLN A 54 -34.37 21.44 25.26
C GLN A 54 -35.59 21.25 24.37
N ASP A 55 -35.36 21.24 23.08
CA ASP A 55 -36.53 21.23 22.21
C ASP A 55 -36.96 19.84 21.76
N VAL A 56 -36.23 18.83 22.18
CA VAL A 56 -36.59 17.43 21.92
C VAL A 56 -37.96 17.14 22.55
N LYS A 57 -38.89 16.70 21.70
CA LYS A 57 -40.24 16.27 22.12
C LYS A 57 -40.47 14.78 21.98
N VAL A 58 -39.90 14.20 20.92
CA VAL A 58 -39.99 12.74 20.65
C VAL A 58 -38.62 12.10 20.37
N VAL A 59 -38.43 10.89 20.88
CA VAL A 59 -37.23 10.08 20.59
C VAL A 59 -37.58 8.76 19.86
N ILE A 60 -36.90 8.53 18.73
CA ILE A 60 -36.96 7.27 18.03
C ILE A 60 -35.53 6.72 18.00
N LEU A 61 -35.36 5.51 18.52
CA LEU A 61 -34.05 4.87 18.58
C LEU A 61 -33.84 3.95 17.40
N GLY A 62 -32.59 3.92 16.96
CA GLY A 62 -32.19 2.99 15.92
C GLY A 62 -30.97 2.22 16.36
N GLN A 63 -30.47 1.37 15.49
CA GLN A 63 -29.35 0.57 15.82
C GLN A 63 -28.07 1.18 15.37
N ASP A 64 -27.53 0.69 14.27
CA ASP A 64 -26.37 1.34 13.70
C ASP A 64 -26.72 1.99 12.33
N PRO A 65 -25.80 2.83 11.80
CA PRO A 65 -25.93 3.56 10.57
C PRO A 65 -25.93 2.65 9.38
N TYR A 66 -26.77 2.99 8.38
CA TYR A 66 -26.75 2.26 7.09
C TYR A 66 -25.31 2.19 6.63
N HIS A 67 -24.97 1.09 5.96
CA HIS A 67 -23.60 0.84 5.59
C HIS A 67 -23.30 0.91 4.10
N GLY A 68 -24.28 1.37 3.31
CA GLY A 68 -24.10 1.64 1.88
C GLY A 68 -23.73 3.06 1.54
N PRO A 69 -23.08 3.29 0.36
CA PRO A 69 -22.66 4.61 0.01
C PRO A 69 -23.78 5.65 0.03
N ASN A 70 -23.56 6.74 0.76
CA ASN A 70 -24.51 7.87 0.82
C ASN A 70 -25.81 7.68 1.55
N GLN A 71 -26.01 6.49 2.14
CA GLN A 71 -27.26 6.26 2.83
C GLN A 71 -27.31 7.01 4.14
N ALA A 72 -26.42 6.68 5.08
CA ALA A 72 -26.52 7.22 6.44
C ALA A 72 -26.08 8.64 6.40
N HIS A 73 -26.76 9.48 7.17
CA HIS A 73 -26.32 10.82 7.34
C HIS A 73 -26.55 11.31 8.75
N GLY A 74 -26.52 10.37 9.68
CA GLY A 74 -26.50 10.63 11.11
C GLY A 74 -27.80 10.79 11.82
N LEU A 75 -28.88 10.42 11.14
CA LEU A 75 -30.21 10.33 11.76
C LEU A 75 -30.69 8.90 11.56
N CYS A 76 -31.33 8.32 12.57
CA CYS A 76 -31.75 6.91 12.48
C CYS A 76 -32.90 6.83 11.47
N PHE A 77 -32.96 5.72 10.74
CA PHE A 77 -33.90 5.46 9.62
C PHE A 77 -33.88 6.27 8.35
N SER A 78 -33.41 7.50 8.47
CA SER A 78 -33.41 8.49 7.38
C SER A 78 -32.32 8.19 6.40
N VAL A 79 -32.56 8.54 5.15
CA VAL A 79 -31.51 8.51 4.12
C VAL A 79 -31.33 9.85 3.41
N GLN A 80 -30.09 10.13 3.05
CA GLN A 80 -29.76 11.29 2.24
C GLN A 80 -30.51 11.32 0.92
N LYS A 81 -31.12 12.46 0.58
CA LYS A 81 -31.75 12.63 -0.74
C LYS A 81 -30.66 12.40 -1.77
N PRO A 82 -30.97 11.70 -2.85
CA PRO A 82 -32.22 11.04 -3.22
C PRO A 82 -32.15 9.50 -3.13
N VAL A 83 -31.50 9.00 -2.07
CA VAL A 83 -31.42 7.57 -1.87
C VAL A 83 -32.84 7.06 -1.61
N PRO A 84 -33.18 5.87 -2.11
CA PRO A 84 -34.53 5.31 -1.83
C PRO A 84 -34.71 4.92 -0.35
N PRO A 85 -35.91 5.19 0.19
CA PRO A 85 -36.15 4.71 1.54
C PRO A 85 -35.83 3.22 1.72
N PRO A 86 -34.97 2.84 2.68
CA PRO A 86 -34.74 1.42 2.90
C PRO A 86 -36.00 0.72 3.34
N PRO A 87 -36.00 -0.61 3.28
CA PRO A 87 -37.17 -1.45 3.66
C PRO A 87 -37.91 -1.15 4.99
N SER A 88 -37.19 -0.84 6.05
CA SER A 88 -37.83 -0.40 7.29
C SER A 88 -38.51 0.97 7.11
N LEU A 89 -37.86 1.89 6.37
CA LEU A 89 -38.43 3.22 6.19
C LEU A 89 -39.68 3.19 5.29
N VAL A 90 -39.68 2.23 4.38
CA VAL A 90 -40.84 2.01 3.53
C VAL A 90 -42.03 1.68 4.42
N ASN A 91 -41.77 0.83 5.42
CA ASN A 91 -42.83 0.44 6.35
C ASN A 91 -43.20 1.52 7.35
N ILE A 92 -42.24 2.35 7.78
CA ILE A 92 -42.55 3.54 8.57
C ILE A 92 -43.53 4.45 7.84
N TYR A 93 -43.20 4.77 6.59
CA TYR A 93 -44.04 5.55 5.71
C TYR A 93 -45.44 4.92 5.43
N LYS A 94 -45.53 3.59 5.41
CA LYS A 94 -46.80 2.88 5.25
C LYS A 94 -47.65 3.10 6.50
N GLU A 95 -46.99 3.15 7.64
CA GLU A 95 -47.74 3.33 8.87
C GLU A 95 -48.27 4.75 8.95
N LEU A 96 -47.49 5.73 8.50
CA LEU A 96 -47.88 7.11 8.53
C LEU A 96 -49.07 7.36 7.64
N CYS A 97 -49.17 6.64 6.54
CA CYS A 97 -50.25 6.90 5.58
C CYS A 97 -51.62 6.59 6.21
N THR A 98 -51.70 5.49 6.95
CA THR A 98 -52.92 5.11 7.62
C THR A 98 -53.09 5.72 9.03
N ASP A 99 -52.00 6.19 9.63
CA ASP A 99 -52.06 6.72 10.99
C ASP A 99 -52.28 8.23 10.97
N ILE A 100 -51.63 8.92 10.03
CA ILE A 100 -51.68 10.38 10.04
C ILE A 100 -52.40 10.78 8.75
N ASP A 101 -53.69 11.15 8.91
CA ASP A 101 -54.50 11.59 7.76
C ASP A 101 -53.87 12.81 7.09
N GLY A 102 -53.65 12.71 5.79
CA GLY A 102 -53.11 13.80 5.04
C GLY A 102 -51.66 13.51 4.73
N PHE A 103 -51.08 12.48 5.36
CA PHE A 103 -49.68 12.13 5.16
C PHE A 103 -49.51 11.59 3.75
N LYS A 104 -48.43 12.04 3.12
CA LYS A 104 -48.14 11.75 1.73
C LYS A 104 -46.69 11.40 1.64
N HIS A 105 -46.38 10.26 1.00
CA HIS A 105 -45.00 9.82 0.82
C HIS A 105 -44.29 11.00 0.21
N PRO A 106 -43.26 11.54 0.89
CA PRO A 106 -42.66 12.76 0.44
C PRO A 106 -41.79 12.63 -0.81
N GLY A 107 -41.58 11.41 -1.25
CA GLY A 107 -40.79 11.13 -2.45
C GLY A 107 -39.31 11.21 -2.17
N HIS A 108 -38.96 11.01 -0.92
CA HIS A 108 -37.58 10.84 -0.54
C HIS A 108 -37.59 10.27 0.88
N GLY A 109 -36.40 9.98 1.39
CA GLY A 109 -36.28 9.35 2.71
C GLY A 109 -35.56 10.19 3.75
N ASP A 110 -35.36 11.45 3.44
CA ASP A 110 -34.73 12.39 4.35
C ASP A 110 -35.69 12.79 5.45
N LEU A 111 -35.37 12.40 6.67
CA LEU A 111 -36.26 12.71 7.81
C LEU A 111 -35.99 14.00 8.62
N SER A 112 -35.20 14.90 8.03
CA SER A 112 -34.66 16.07 8.77
C SER A 112 -35.83 16.93 9.23
N GLY A 113 -36.89 16.97 8.43
CA GLY A 113 -38.05 17.73 8.76
C GLY A 113 -38.71 17.39 10.06
N TRP A 114 -38.64 16.12 10.46
CA TRP A 114 -38.93 15.63 11.81
C TRP A 114 -37.90 16.09 12.87
N ALA A 115 -36.63 15.85 12.61
CA ALA A 115 -35.57 16.26 13.54
C ALA A 115 -35.62 17.73 13.91
N LYS A 116 -35.91 18.58 12.91
CA LYS A 116 -36.02 20.03 13.16
C LYS A 116 -37.19 20.41 14.02
N GLN A 117 -38.15 19.51 14.23
CA GLN A 117 -39.26 19.79 15.11
C GLN A 117 -39.11 19.16 16.48
N GLY A 118 -37.94 18.59 16.79
CA GLY A 118 -37.76 17.96 18.09
C GLY A 118 -37.92 16.47 18.09
N VAL A 119 -37.79 15.82 16.92
CA VAL A 119 -37.81 14.38 16.92
C VAL A 119 -36.37 13.93 16.87
N LEU A 120 -35.90 13.44 17.99
CA LEU A 120 -34.56 12.94 18.07
C LEU A 120 -34.48 11.57 17.41
N LEU A 121 -33.77 11.54 16.31
CA LEU A 121 -33.55 10.33 15.55
C LEU A 121 -32.16 9.77 15.86
N LEU A 122 -32.11 9.03 16.95
CA LEU A 122 -30.86 8.55 17.53
C LEU A 122 -30.50 7.08 17.32
N ASN A 123 -29.47 6.81 16.53
CA ASN A 123 -28.91 5.45 16.48
C ASN A 123 -28.11 5.22 17.76
N ALA A 124 -28.11 3.99 18.24
CA ALA A 124 -27.39 3.62 19.47
C ALA A 124 -25.92 3.50 19.17
N VAL A 125 -25.58 3.05 17.97
CA VAL A 125 -24.25 3.06 17.45
C VAL A 125 -24.15 4.10 16.31
N LEU A 126 -23.12 4.91 16.38
CA LEU A 126 -23.10 6.07 15.53
C LEU A 126 -22.26 6.04 14.26
N THR A 127 -21.36 5.08 14.16
CA THR A 127 -20.59 4.84 12.91
C THR A 127 -20.64 3.38 12.52
N VAL A 128 -20.24 3.10 11.28
CA VAL A 128 -20.13 1.76 10.77
C VAL A 128 -19.08 1.73 9.64
N ARG A 129 -18.29 0.68 9.56
CA ARG A 129 -17.40 0.58 8.42
C ARG A 129 -18.26 0.19 7.22
N ALA A 130 -17.96 0.80 6.07
CA ALA A 130 -18.61 0.46 4.78
C ALA A 130 -18.86 -1.01 4.56
N HIS A 131 -20.10 -1.35 4.23
CA HIS A 131 -20.52 -2.70 3.87
C HIS A 131 -20.50 -3.75 4.95
N GLN A 132 -20.38 -3.34 6.21
CA GLN A 132 -20.25 -4.27 7.33
C GLN A 132 -21.15 -3.84 8.48
N ALA A 133 -22.41 -4.26 8.41
CA ALA A 133 -23.40 -4.14 9.49
C ALA A 133 -22.82 -4.42 10.85
N ASN A 134 -23.09 -3.52 11.81
CA ASN A 134 -22.76 -3.77 13.25
C ASN A 134 -21.26 -3.87 13.54
N SER A 135 -20.47 -3.38 12.59
CA SER A 135 -19.02 -3.55 12.63
C SER A 135 -18.32 -2.65 13.62
N HIS A 136 -19.02 -1.59 14.07
CA HIS A 136 -18.52 -0.76 15.12
C HIS A 136 -19.19 -0.93 16.47
N LYS A 137 -19.88 -2.05 16.68
CA LYS A 137 -20.52 -2.32 17.99
C LYS A 137 -19.52 -2.46 19.15
N ASP A 138 -19.95 -2.12 20.36
CA ASP A 138 -19.10 -2.18 21.55
C ASP A 138 -17.71 -1.55 21.34
N ARG A 139 -17.65 -0.40 20.68
CA ARG A 139 -16.40 0.36 20.64
C ARG A 139 -16.42 1.64 21.49
N GLY A 140 -17.57 1.91 22.11
CA GLY A 140 -17.84 3.03 22.99
C GLY A 140 -19.18 3.73 22.74
N TRP A 141 -19.73 3.64 21.52
CA TRP A 141 -20.95 4.39 21.16
C TRP A 141 -22.13 4.01 22.05
N GLU A 142 -22.30 2.72 22.30
CA GLU A 142 -23.41 2.26 23.15
C GLU A 142 -23.41 3.01 24.49
N THR A 143 -22.23 3.10 25.08
CA THR A 143 -21.99 3.78 26.33
C THR A 143 -22.33 5.24 26.23
N PHE A 144 -21.87 5.92 25.16
CA PHE A 144 -22.21 7.34 24.92
C PHE A 144 -23.71 7.62 24.68
N THR A 145 -24.33 6.83 23.82
CA THR A 145 -25.76 6.97 23.61
C THR A 145 -26.57 6.59 24.85
N ASP A 146 -26.12 5.60 25.61
CA ASP A 146 -26.72 5.39 26.93
C ASP A 146 -26.69 6.71 27.75
N ALA A 147 -25.56 7.43 27.67
CA ALA A 147 -25.38 8.73 28.35
C ALA A 147 -26.37 9.76 27.83
N VAL A 148 -26.59 9.79 26.52
CA VAL A 148 -27.56 10.72 25.95
C VAL A 148 -28.96 10.36 26.40
N ILE A 149 -29.32 9.06 26.40
CA ILE A 149 -30.69 8.66 26.76
C ILE A 149 -30.95 8.94 28.26
N LYS A 150 -29.96 8.65 29.11
CA LYS A 150 -30.03 8.94 30.56
C LYS A 150 -30.28 10.42 30.79
N TRP A 151 -29.46 11.26 30.14
CA TRP A 151 -29.54 12.68 30.31
C TRP A 151 -30.95 13.16 30.03
N LEU A 152 -31.56 12.69 28.93
CA LEU A 152 -32.93 13.07 28.60
C LEU A 152 -33.96 12.53 29.63
N SER A 153 -33.73 11.32 30.16
CA SER A 153 -34.66 10.73 31.16
C SER A 153 -34.66 11.56 32.47
N VAL A 154 -33.46 11.95 32.86
CA VAL A 154 -33.22 12.71 34.07
C VAL A 154 -33.69 14.15 33.98
N ASN A 155 -33.33 14.84 32.90
CA ASN A 155 -33.40 16.31 32.90
C ASN A 155 -34.64 16.95 32.24
N ARG A 156 -35.27 16.20 31.35
CA ARG A 156 -36.45 16.67 30.64
C ARG A 156 -37.62 15.94 31.29
N GLU A 157 -38.83 16.30 30.90
CA GLU A 157 -40.05 15.61 31.34
C GLU A 157 -41.10 15.51 30.21
N GLY A 158 -41.87 14.44 30.21
CA GLY A 158 -42.95 14.27 29.23
C GLY A 158 -42.51 13.93 27.80
N VAL A 159 -41.26 13.51 27.66
CA VAL A 159 -40.73 13.11 26.33
C VAL A 159 -41.29 11.75 25.92
N VAL A 160 -41.64 11.58 24.63
CA VAL A 160 -42.33 10.34 24.24
C VAL A 160 -41.23 9.53 23.54
N PHE A 161 -40.95 8.34 24.06
CA PHE A 161 -40.01 7.41 23.42
C PHE A 161 -40.74 6.35 22.60
N LEU A 162 -40.33 6.21 21.34
CA LEU A 162 -40.97 5.25 20.48
C LEU A 162 -39.93 4.18 20.25
N LEU A 163 -40.13 3.04 20.86
CA LEU A 163 -39.10 2.02 20.78
C LEU A 163 -39.51 0.88 19.89
N TRP A 164 -38.79 0.72 18.78
CA TRP A 164 -39.08 -0.30 17.77
C TRP A 164 -38.13 -1.52 17.69
N GLY A 165 -38.67 -2.71 17.94
CA GLY A 165 -37.86 -3.91 18.04
C GLY A 165 -37.25 -4.07 19.43
N SER A 166 -36.83 -5.29 19.75
CA SER A 166 -36.35 -5.63 21.11
C SER A 166 -35.05 -4.96 21.58
N TYR A 167 -34.10 -4.78 20.67
CA TYR A 167 -32.87 -4.07 21.00
C TYR A 167 -33.16 -2.65 21.50
N ALA A 168 -34.07 -1.97 20.82
CA ALA A 168 -34.52 -0.65 21.25
C ALA A 168 -35.35 -0.73 22.54
N HIS A 169 -36.19 -1.73 22.70
CA HIS A 169 -36.88 -1.86 24.03
C HIS A 169 -35.80 -1.93 25.14
N LYS A 170 -34.76 -2.69 24.87
CA LYS A 170 -33.67 -2.89 25.85
C LYS A 170 -32.97 -1.60 26.17
N LYS A 171 -32.64 -0.84 25.12
CA LYS A 171 -31.90 0.36 25.31
C LYS A 171 -32.71 1.39 26.12
N GLY A 172 -34.03 1.32 26.03
CA GLY A 172 -34.93 2.21 26.78
C GLY A 172 -35.55 1.66 28.05
N ALA A 173 -35.03 0.55 28.55
CA ALA A 173 -35.60 -0.13 29.72
C ALA A 173 -35.46 0.66 31.03
N THR A 174 -34.51 1.59 31.14
CA THR A 174 -34.41 2.41 32.37
C THR A 174 -34.99 3.82 32.24
N ILE A 175 -35.68 4.09 31.15
CA ILE A 175 -36.23 5.42 31.00
C ILE A 175 -37.22 5.55 32.16
N ASP A 176 -37.13 6.65 32.90
CA ASP A 176 -38.02 6.97 34.03
C ASP A 176 -39.45 6.98 33.55
N ARG A 177 -40.20 5.93 33.87
CA ARG A 177 -41.59 5.81 33.41
C ARG A 177 -42.57 6.83 34.10
N LYS A 178 -42.10 7.50 35.14
CA LYS A 178 -42.94 8.54 35.75
C LYS A 178 -42.89 9.86 34.96
N ARG A 179 -41.69 10.27 34.59
CA ARG A 179 -41.46 11.53 33.87
C ARG A 179 -41.70 11.49 32.35
N HIS A 180 -41.85 10.30 31.78
CA HIS A 180 -41.90 10.18 30.33
C HIS A 180 -42.86 9.09 29.85
N HIS A 181 -43.10 9.11 28.54
CA HIS A 181 -43.98 8.16 27.90
C HIS A 181 -43.17 7.28 27.00
N VAL A 182 -43.24 5.97 27.25
CA VAL A 182 -42.63 4.98 26.38
C VAL A 182 -43.69 4.18 25.66
N LEU A 183 -43.62 4.15 24.33
CA LEU A 183 -44.43 3.27 23.52
C LEU A 183 -43.51 2.25 22.83
N GLN A 184 -43.89 0.99 22.89
CA GLN A 184 -43.08 -0.08 22.29
C GLN A 184 -43.83 -0.75 21.15
N ALA A 185 -43.09 -1.19 20.11
CA ALA A 185 -43.63 -2.08 19.10
C ALA A 185 -42.51 -3.00 18.54
N VAL A 186 -42.88 -3.95 17.68
CA VAL A 186 -41.86 -4.78 16.97
C VAL A 186 -41.24 -3.96 15.86
N HIS A 187 -40.11 -4.42 15.28
CA HIS A 187 -39.39 -3.59 14.26
C HIS A 187 -40.19 -3.37 12.95
N PRO A 188 -40.05 -2.19 12.30
CA PRO A 188 -40.66 -2.01 11.02
C PRO A 188 -40.04 -2.87 9.89
N SER A 189 -38.92 -3.54 10.10
CA SER A 189 -38.31 -4.43 9.10
C SER A 189 -39.48 -5.22 8.48
N PRO A 190 -39.41 -5.47 7.19
CA PRO A 190 -40.35 -6.44 6.60
C PRO A 190 -40.49 -7.81 7.28
N LEU A 191 -39.42 -8.36 7.91
CA LEU A 191 -39.56 -9.58 8.66
C LEU A 191 -40.67 -9.47 9.74
N SER A 192 -40.82 -8.28 10.37
CA SER A 192 -41.75 -8.17 11.50
C SER A 192 -42.91 -7.20 11.37
N ALA A 193 -42.87 -6.29 10.41
CA ALA A 193 -43.84 -5.18 10.42
C ALA A 193 -45.33 -5.52 10.42
N HIS A 194 -45.75 -6.56 9.70
CA HIS A 194 -47.16 -6.93 9.68
C HIS A 194 -47.52 -7.73 10.93
N ARG A 195 -46.64 -7.67 11.92
CA ARG A 195 -46.76 -8.46 13.12
C ARG A 195 -46.80 -7.54 14.33
N GLY A 196 -47.21 -6.29 14.10
CA GLY A 196 -47.36 -5.30 15.16
C GLY A 196 -46.88 -3.90 14.83
N PHE A 197 -46.00 -3.73 13.84
CA PHE A 197 -45.54 -2.38 13.54
C PHE A 197 -46.66 -1.66 12.77
N LEU A 198 -47.15 -2.23 11.68
CA LEU A 198 -48.34 -1.71 10.98
C LEU A 198 -49.59 -1.71 11.89
N GLY A 199 -50.34 -0.62 11.96
CA GLY A 199 -51.39 -0.52 13.01
C GLY A 199 -50.91 -0.10 14.40
N CYS A 200 -49.61 0.04 14.64
CA CYS A 200 -49.20 0.52 15.98
C CYS A 200 -49.61 1.98 16.31
N LYS A 201 -49.93 2.79 15.30
CA LYS A 201 -50.28 4.21 15.46
C LYS A 201 -49.39 5.02 16.41
N HIS A 202 -48.09 4.80 16.34
CA HIS A 202 -47.20 5.46 17.30
C HIS A 202 -47.14 6.94 17.09
N PHE A 203 -47.43 7.40 15.87
CA PHE A 203 -47.15 8.79 15.52
C PHE A 203 -48.29 9.68 16.04
N SER A 204 -49.53 9.27 15.81
CA SER A 204 -50.67 9.97 16.42
C SER A 204 -50.75 9.82 17.94
N LYS A 205 -50.30 8.68 18.46
CA LYS A 205 -50.39 8.40 19.91
C LYS A 205 -49.40 9.27 20.61
N ALA A 206 -48.21 9.43 19.99
CA ALA A 206 -47.25 10.40 20.47
C ALA A 206 -47.90 11.78 20.58
N ASN A 207 -48.46 12.30 19.50
CA ASN A 207 -49.15 13.61 19.53
C ASN A 207 -50.31 13.68 20.57
N GLY A 208 -50.99 12.57 20.77
CA GLY A 208 -51.99 12.46 21.86
C GLY A 208 -51.36 12.63 23.23
N LEU A 209 -50.16 12.06 23.41
CA LEU A 209 -49.41 12.19 24.64
C LEU A 209 -48.81 13.59 24.80
N LEU A 210 -48.22 14.12 23.73
CA LEU A 210 -47.74 15.50 23.80
C LEU A 210 -48.87 16.45 24.28
N LYS A 211 -50.07 16.30 23.72
CA LYS A 211 -51.20 17.20 24.04
C LYS A 211 -51.60 17.24 25.52
N LEU A 212 -51.14 16.25 26.29
CA LEU A 212 -51.42 16.19 27.72
C LEU A 212 -50.53 17.15 28.49
N SER A 213 -49.36 17.46 27.93
CA SER A 213 -48.43 18.44 28.50
C SER A 213 -48.74 19.86 28.04
N GLY A 214 -49.68 19.98 27.12
CA GLY A 214 -49.93 21.25 26.44
C GLY A 214 -48.76 21.54 25.54
N THR A 215 -48.12 20.46 25.11
CA THR A 215 -47.00 20.48 24.17
C THR A 215 -47.58 20.42 22.75
N GLU A 216 -47.00 21.20 21.85
CA GLU A 216 -47.53 21.31 20.50
C GLU A 216 -47.07 20.04 19.75
N PRO A 217 -47.94 19.49 18.89
CA PRO A 217 -47.67 18.19 18.28
C PRO A 217 -46.61 18.26 17.22
N ILE A 218 -46.04 17.10 16.93
CA ILE A 218 -45.22 16.97 15.75
C ILE A 218 -46.07 16.96 14.48
N ASN A 219 -45.71 17.75 13.49
CA ASN A 219 -46.37 17.67 12.20
C ASN A 219 -45.59 16.65 11.39
N TRP A 220 -46.10 15.42 11.42
CA TRP A 220 -45.37 14.30 10.84
C TRP A 220 -45.27 14.47 9.35
N ARG A 221 -46.13 15.34 8.81
CA ARG A 221 -46.21 15.57 7.38
C ARG A 221 -45.15 16.49 6.81
N ALA A 222 -44.48 17.26 7.65
CA ALA A 222 -43.47 18.19 7.16
C ALA A 222 -42.12 17.55 6.87
N LEU A 223 -42.01 16.83 5.75
CA LEU A 223 -40.75 16.21 5.36
C LEU A 223 -40.23 16.79 4.06
N ASN B 3 -19.74 -10.67 -0.03
CA ASN B 3 -20.11 -12.00 0.51
C ASN B 3 -21.61 -12.20 0.39
N LEU B 4 -22.37 -11.37 1.10
CA LEU B 4 -23.77 -11.73 1.35
C LEU B 4 -24.66 -11.64 0.12
N SER B 5 -24.40 -10.73 -0.81
CA SER B 5 -25.28 -10.71 -1.97
C SER B 5 -24.95 -11.86 -2.90
N ASP B 6 -23.75 -12.42 -2.77
CA ASP B 6 -23.39 -13.62 -3.54
C ASP B 6 -24.19 -14.79 -2.97
N ILE B 7 -24.39 -14.73 -1.66
CA ILE B 7 -25.13 -15.79 -0.96
C ILE B 7 -26.58 -15.74 -1.42
N ILE B 8 -27.16 -14.54 -1.48
CA ILE B 8 -28.48 -14.35 -2.09
C ILE B 8 -28.51 -14.84 -3.56
N GLU B 9 -27.51 -14.48 -4.36
CA GLU B 9 -27.53 -14.87 -5.78
C GLU B 9 -27.59 -16.38 -5.94
N LYS B 10 -26.76 -17.07 -5.18
CA LYS B 10 -26.70 -18.54 -5.23
C LYS B 10 -28.05 -19.15 -4.93
N GLU B 11 -28.74 -18.58 -3.94
CA GLU B 11 -29.98 -19.17 -3.48
C GLU B 11 -31.18 -18.90 -4.37
N THR B 12 -31.19 -17.74 -5.01
CA THR B 12 -32.40 -17.27 -5.69
C THR B 12 -32.15 -16.82 -7.14
N GLY B 13 -30.89 -16.89 -7.56
CA GLY B 13 -30.50 -16.40 -8.88
C GLY B 13 -30.65 -14.90 -9.11
N LYS B 14 -30.98 -14.14 -8.05
CA LYS B 14 -31.13 -12.68 -8.13
C LYS B 14 -29.87 -11.97 -7.61
N GLN B 15 -29.31 -11.03 -8.40
CA GLN B 15 -28.13 -10.24 -8.02
C GLN B 15 -28.61 -8.90 -7.40
N LEU B 16 -28.58 -8.81 -6.08
CA LEU B 16 -29.31 -7.75 -5.36
C LEU B 16 -28.47 -7.00 -4.37
N VAL B 17 -28.92 -5.80 -4.00
CA VAL B 17 -28.18 -4.93 -3.12
C VAL B 17 -28.89 -4.84 -1.79
N ILE B 18 -28.14 -5.15 -0.73
CA ILE B 18 -28.67 -5.19 0.61
C ILE B 18 -28.86 -3.74 1.01
N GLN B 19 -30.05 -3.37 1.42
CA GLN B 19 -30.26 -1.94 1.78
C GLN B 19 -30.13 -1.60 3.26
N GLU B 20 -30.27 -2.62 4.10
CA GLU B 20 -30.27 -2.47 5.54
C GLU B 20 -30.10 -3.82 6.20
N SER B 21 -29.52 -3.78 7.41
CA SER B 21 -29.24 -4.91 8.24
C SER B 21 -29.70 -4.62 9.67
N ILE B 22 -30.76 -5.29 10.11
CA ILE B 22 -31.40 -5.01 11.41
C ILE B 22 -31.11 -6.15 12.35
N LEU B 23 -30.50 -5.90 13.52
CA LEU B 23 -30.32 -6.94 14.54
C LEU B 23 -31.62 -7.28 15.31
N MET B 24 -31.84 -8.58 15.44
CA MET B 24 -32.99 -9.09 16.19
C MET B 24 -32.60 -10.21 17.13
N LEU B 25 -33.23 -10.21 18.30
CA LEU B 25 -33.18 -11.30 19.24
C LEU B 25 -33.68 -12.61 18.64
N PRO B 26 -33.16 -13.74 19.15
CA PRO B 26 -33.74 -15.02 18.73
C PRO B 26 -35.27 -15.10 18.87
N GLU B 27 -35.80 -14.61 19.99
CA GLU B 27 -37.24 -14.65 20.26
CA GLU B 27 -37.25 -14.67 20.24
C GLU B 27 -38.04 -13.77 19.29
N GLU B 28 -37.42 -12.67 18.83
CA GLU B 28 -38.01 -11.73 17.88
C GLU B 28 -38.29 -12.34 16.49
N VAL B 29 -37.46 -13.30 16.10
CA VAL B 29 -37.47 -13.97 14.80
C VAL B 29 -38.18 -15.36 14.78
N GLU B 30 -38.33 -15.95 15.96
CA GLU B 30 -38.72 -17.38 16.12
C GLU B 30 -40.08 -17.75 15.50
N GLU B 31 -41.12 -17.01 15.85
CA GLU B 31 -42.47 -17.32 15.41
C GLU B 31 -42.60 -17.18 13.92
N VAL B 32 -42.03 -16.10 13.39
CA VAL B 32 -42.08 -15.82 11.98
C VAL B 32 -41.36 -16.92 11.17
N ILE B 33 -40.20 -17.31 11.64
CA ILE B 33 -39.41 -18.32 10.97
C ILE B 33 -39.86 -19.75 11.33
N GLY B 34 -40.42 -19.96 12.52
CA GLY B 34 -40.76 -21.31 13.00
C GLY B 34 -39.55 -22.15 13.40
N ASN B 35 -38.53 -21.48 13.90
CA ASN B 35 -37.34 -22.09 14.47
C ASN B 35 -36.65 -20.94 15.16
N LYS B 36 -35.92 -21.23 16.23
CA LYS B 36 -35.20 -20.23 17.02
C LYS B 36 -33.72 -20.31 16.69
N PRO B 37 -33.08 -19.18 16.39
CA PRO B 37 -31.65 -19.27 16.18
C PRO B 37 -30.88 -19.33 17.50
N GLU B 38 -29.66 -19.86 17.43
CA GLU B 38 -28.82 -20.03 18.61
C GLU B 38 -28.47 -18.69 19.27
N SER B 39 -28.32 -17.62 18.48
CA SER B 39 -28.13 -16.26 19.00
C SER B 39 -28.75 -15.18 18.12
N ASP B 40 -28.27 -13.94 18.28
CA ASP B 40 -28.87 -12.79 17.58
C ASP B 40 -28.77 -12.97 16.06
N ILE B 41 -29.71 -12.36 15.37
CA ILE B 41 -29.69 -12.40 13.92
C ILE B 41 -29.70 -11.00 13.37
N LEU B 42 -28.85 -10.79 12.38
CA LEU B 42 -28.98 -9.69 11.43
C LEU B 42 -29.92 -10.02 10.24
N VAL B 43 -30.98 -9.21 10.13
CA VAL B 43 -31.93 -9.30 9.02
C VAL B 43 -31.47 -8.34 7.95
N HIS B 44 -30.84 -8.90 6.91
CA HIS B 44 -30.26 -8.14 5.82
C HIS B 44 -31.26 -8.12 4.67
N THR B 45 -31.70 -6.93 4.25
CA THR B 45 -32.84 -6.82 3.32
C THR B 45 -32.54 -6.10 2.04
N ALA B 46 -32.87 -6.75 0.92
CA ALA B 46 -32.88 -6.15 -0.40
C ALA B 46 -34.31 -6.14 -0.92
N TYR B 47 -34.54 -5.28 -1.90
CA TYR B 47 -35.83 -5.21 -2.58
C TYR B 47 -35.59 -5.73 -3.99
N ASP B 48 -36.36 -6.72 -4.42
CA ASP B 48 -36.31 -7.16 -5.80
C ASP B 48 -37.37 -6.41 -6.59
N GLU B 49 -36.97 -5.41 -7.36
CA GLU B 49 -37.96 -4.54 -8.02
C GLU B 49 -38.72 -5.25 -9.11
N SER B 50 -38.13 -6.32 -9.64
CA SER B 50 -38.74 -7.03 -10.75
C SER B 50 -39.97 -7.76 -10.26
N THR B 51 -39.82 -8.43 -9.12
CA THR B 51 -40.88 -9.25 -8.57
C THR B 51 -41.63 -8.52 -7.47
N ASP B 52 -41.20 -7.32 -7.11
CA ASP B 52 -41.83 -6.54 -6.04
C ASP B 52 -41.74 -7.36 -4.76
N GLU B 53 -40.54 -7.83 -4.47
CA GLU B 53 -40.35 -8.72 -3.35
C GLU B 53 -39.27 -8.16 -2.42
N ASN B 54 -39.53 -8.33 -1.13
CA ASN B 54 -38.49 -8.14 -0.12
C ASN B 54 -37.81 -9.48 0.12
N VAL B 55 -36.49 -9.43 0.06
CA VAL B 55 -35.67 -10.57 0.09
C VAL B 55 -34.71 -10.35 1.23
N MET B 56 -34.88 -11.19 2.24
CA MET B 56 -34.11 -11.14 3.49
C MET B 56 -33.21 -12.35 3.73
N LEU B 57 -31.92 -12.09 3.96
CA LEU B 57 -30.91 -13.07 4.33
C LEU B 57 -30.64 -12.85 5.79
N LEU B 58 -31.04 -13.81 6.61
CA LEU B 58 -30.78 -13.72 8.02
C LEU B 58 -29.42 -14.35 8.29
N THR B 59 -28.55 -13.60 8.96
CA THR B 59 -27.27 -14.19 9.36
C THR B 59 -27.07 -14.09 10.86
N SER B 60 -26.00 -14.69 11.37
CA SER B 60 -25.59 -14.40 12.74
C SER B 60 -24.94 -13.02 12.72
N ASP B 61 -24.64 -12.52 13.92
CA ASP B 61 -24.09 -11.18 14.09
C ASP B 61 -22.68 -11.10 13.53
N ALA B 62 -22.26 -9.87 13.25
CA ALA B 62 -20.86 -9.60 13.02
C ALA B 62 -20.06 -10.11 14.23
N PRO B 63 -18.86 -10.67 13.97
CA PRO B 63 -18.20 -10.63 12.67
C PRO B 63 -18.42 -11.86 11.80
N GLU B 64 -19.07 -12.90 12.33
CA GLU B 64 -19.21 -14.16 11.57
C GLU B 64 -20.14 -14.05 10.36
N TYR B 65 -21.30 -13.38 10.53
CA TYR B 65 -22.36 -13.29 9.52
C TYR B 65 -22.59 -14.68 8.91
N LYS B 66 -22.77 -15.70 9.73
CA LYS B 66 -23.01 -17.05 9.20
C LYS B 66 -24.48 -17.19 8.74
N PRO B 67 -24.70 -17.58 7.48
CA PRO B 67 -26.08 -17.54 7.01
C PRO B 67 -26.95 -18.51 7.77
N TRP B 68 -28.15 -18.05 8.14
CA TRP B 68 -29.05 -18.88 8.93
C TRP B 68 -30.29 -19.26 8.13
N ALA B 69 -30.85 -18.29 7.39
CA ALA B 69 -32.15 -18.45 6.76
C ALA B 69 -32.33 -17.41 5.68
N LEU B 70 -33.20 -17.71 4.72
CA LEU B 70 -33.54 -16.77 3.65
C LEU B 70 -35.03 -16.70 3.50
N VAL B 71 -35.53 -15.47 3.50
CA VAL B 71 -36.95 -15.20 3.37
C VAL B 71 -37.26 -14.30 2.19
N ILE B 72 -38.29 -14.68 1.42
CA ILE B 72 -38.73 -13.93 0.24
C ILE B 72 -40.11 -13.46 0.54
N GLN B 73 -40.33 -12.16 0.65
CA GLN B 73 -41.66 -11.66 1.06
C GLN B 73 -42.35 -10.89 -0.07
N ASP B 74 -43.64 -11.15 -0.25
CA ASP B 74 -44.41 -10.45 -1.29
C ASP B 74 -44.99 -9.11 -0.81
N SER B 75 -45.83 -8.46 -1.63
CA SER B 75 -46.38 -7.13 -1.29
C SER B 75 -47.23 -7.15 -0.02
N ASN B 76 -47.97 -8.23 0.19
CA ASN B 76 -48.84 -8.26 1.37
C ASN B 76 -48.18 -8.96 2.55
N GLY B 77 -46.90 -9.31 2.43
CA GLY B 77 -46.17 -9.75 3.61
C GLY B 77 -46.15 -11.26 3.84
N GLU B 78 -46.66 -12.03 2.88
CA GLU B 78 -46.52 -13.48 2.97
C GLU B 78 -45.08 -13.91 2.67
N ASN B 79 -44.60 -14.87 3.47
CA ASN B 79 -43.22 -15.33 3.38
C ASN B 79 -43.03 -16.69 2.77
N LYS B 80 -41.97 -16.80 1.97
CA LYS B 80 -41.40 -18.11 1.59
C LYS B 80 -40.03 -18.21 2.30
N ILE B 81 -39.89 -19.26 3.12
CA ILE B 81 -38.81 -19.44 4.08
C ILE B 81 -38.00 -20.67 3.70
N LYS B 82 -36.69 -20.51 3.76
CA LYS B 82 -35.76 -21.57 3.43
C LYS B 82 -34.63 -21.52 4.46
N MET B 83 -34.48 -22.59 5.24
CA MET B 83 -33.37 -22.70 6.19
C MET B 83 -32.09 -23.04 5.44
N LEU B 84 -31.00 -22.37 5.78
CA LEU B 84 -29.75 -22.46 5.02
C LEU B 84 -28.70 -23.35 5.69
N MET C 1 -67.74 11.22 -50.95
CA MET C 1 -68.55 10.52 -49.92
C MET C 1 -68.03 10.83 -48.53
N GLU C 2 -68.90 10.71 -47.53
CA GLU C 2 -68.54 11.07 -46.17
C GLU C 2 -67.26 10.30 -45.79
N PHE C 3 -66.38 10.96 -45.06
CA PHE C 3 -65.20 10.36 -44.49
C PHE C 3 -64.15 9.82 -45.46
N PHE C 4 -64.27 10.13 -46.75
CA PHE C 4 -63.41 9.50 -47.79
C PHE C 4 -62.78 10.60 -48.66
N GLY C 5 -61.45 10.68 -48.69
CA GLY C 5 -60.75 11.77 -49.37
C GLY C 5 -61.08 11.88 -50.86
N GLU C 6 -61.35 13.11 -51.32
CA GLU C 6 -61.86 13.35 -52.67
C GLU C 6 -60.98 12.81 -53.80
N THR C 7 -59.65 12.95 -53.71
CA THR C 7 -58.76 12.52 -54.78
C THR C 7 -58.80 11.00 -54.87
N TRP C 8 -59.04 10.33 -53.73
CA TRP C 8 -59.15 8.89 -53.71
C TRP C 8 -60.54 8.52 -54.27
N ARG C 9 -61.55 9.28 -53.87
CA ARG C 9 -62.94 9.01 -54.29
C ARG C 9 -63.05 9.06 -55.81
N ARG C 10 -62.45 10.10 -56.39
CA ARG C 10 -62.46 10.32 -57.82
C ARG C 10 -61.96 9.11 -58.64
N GLU C 11 -60.87 8.49 -58.16
CA GLU C 11 -60.23 7.40 -58.88
C GLU C 11 -60.87 6.04 -58.61
N LEU C 12 -61.38 5.84 -57.42
CA LEU C 12 -61.95 4.55 -57.07
C LEU C 12 -63.46 4.54 -57.18
N ALA C 13 -64.03 5.61 -57.77
CA ALA C 13 -65.48 5.85 -57.74
C ALA C 13 -66.32 4.63 -58.14
N ALA C 14 -65.86 3.97 -59.19
CA ALA C 14 -66.55 2.80 -59.75
C ALA C 14 -66.79 1.70 -58.72
N GLU C 15 -65.84 1.49 -57.81
CA GLU C 15 -65.98 0.40 -56.81
C GLU C 15 -67.26 0.57 -55.98
N PHE C 16 -67.56 1.80 -55.60
CA PHE C 16 -68.64 2.05 -54.62
C PHE C 16 -70.01 1.71 -55.19
N GLU C 17 -70.09 1.58 -56.52
CA GLU C 17 -71.33 1.21 -57.20
C GLU C 17 -71.46 -0.30 -57.46
N LYS C 18 -70.38 -1.05 -57.24
CA LYS C 18 -70.39 -2.47 -57.56
C LYS C 18 -71.24 -3.18 -56.53
N PRO C 19 -71.99 -4.21 -56.96
CA PRO C 19 -72.70 -5.11 -56.06
C PRO C 19 -71.89 -5.58 -54.81
N TYR C 20 -70.69 -6.13 -54.96
CA TYR C 20 -69.88 -6.54 -53.78
C TYR C 20 -69.69 -5.40 -52.72
N PHE C 21 -69.55 -4.14 -53.14
CA PHE C 21 -69.21 -3.05 -52.20
C PHE C 21 -70.44 -2.55 -51.48
N LYS C 22 -71.47 -2.37 -52.27
CA LYS C 22 -72.79 -2.12 -51.72
C LYS C 22 -73.18 -3.19 -50.68
N GLN C 23 -72.93 -4.45 -50.98
CA GLN C 23 -73.28 -5.53 -50.06
C GLN C 23 -72.43 -5.53 -48.81
N LEU C 24 -71.15 -5.22 -48.99
CA LEU C 24 -70.22 -4.91 -47.89
C LEU C 24 -70.73 -3.80 -47.00
N MET C 25 -71.22 -2.72 -47.61
CA MET C 25 -71.71 -1.58 -46.84
C MET C 25 -72.93 -1.95 -45.97
N SER C 26 -73.84 -2.76 -46.50
CA SER C 26 -75.01 -3.26 -45.73
C SER C 26 -74.67 -4.25 -44.61
N PHE C 27 -73.72 -5.15 -44.89
CA PHE C 27 -73.13 -5.99 -43.85
C PHE C 27 -72.65 -5.14 -42.66
N VAL C 28 -71.78 -4.18 -42.98
CA VAL C 28 -71.14 -3.40 -41.94
C VAL C 28 -72.21 -2.63 -41.19
N ALA C 29 -73.27 -2.21 -41.88
CA ALA C 29 -74.35 -1.44 -41.23
C ALA C 29 -75.18 -2.28 -40.29
N ASP C 30 -75.44 -3.53 -40.66
CA ASP C 30 -76.13 -4.46 -39.81
C ASP C 30 -75.26 -4.73 -38.55
N GLU C 31 -73.96 -4.93 -38.76
CA GLU C 31 -73.01 -5.12 -37.62
C GLU C 31 -73.03 -4.00 -36.60
N ARG C 32 -72.96 -2.74 -37.05
CA ARG C 32 -73.06 -1.59 -36.16
C ARG C 32 -74.42 -1.40 -35.52
N SER C 33 -75.49 -1.88 -36.13
CA SER C 33 -76.80 -1.80 -35.47
C SER C 33 -76.83 -2.80 -34.31
N ARG C 34 -76.05 -3.87 -34.42
CA ARG C 34 -76.06 -4.96 -33.45
C ARG C 34 -74.91 -4.93 -32.45
N HIS C 35 -73.76 -4.41 -32.88
CA HIS C 35 -72.54 -4.61 -32.11
C HIS C 35 -71.68 -3.39 -32.18
N THR C 36 -70.58 -3.44 -31.42
CA THR C 36 -69.59 -2.39 -31.52
C THR C 36 -68.63 -2.84 -32.66
N VAL C 37 -68.37 -1.95 -33.59
CA VAL C 37 -67.48 -2.20 -34.75
C VAL C 37 -66.37 -1.19 -34.77
N TYR C 38 -65.11 -1.63 -35.01
CA TYR C 38 -63.99 -0.75 -34.93
C TYR C 38 -63.35 -0.74 -36.36
N PRO C 39 -62.79 0.40 -36.77
CA PRO C 39 -62.77 1.64 -36.06
C PRO C 39 -64.12 2.32 -36.20
N PRO C 40 -64.28 3.46 -35.48
CA PRO C 40 -65.49 4.22 -35.65
C PRO C 40 -65.77 4.47 -37.12
N ALA C 41 -67.03 4.57 -37.47
CA ALA C 41 -67.37 4.81 -38.88
C ALA C 41 -66.64 5.96 -39.59
N ASP C 42 -66.31 7.05 -38.89
CA ASP C 42 -65.59 8.21 -39.52
C ASP C 42 -64.08 8.09 -39.72
N GLN C 43 -63.51 7.01 -39.22
CA GLN C 43 -62.09 6.73 -39.35
C GLN C 43 -61.83 5.49 -40.19
N VAL C 44 -62.87 4.89 -40.78
CA VAL C 44 -62.71 3.68 -41.62
C VAL C 44 -61.79 3.92 -42.84
N TYR C 45 -61.87 5.11 -43.38
CA TYR C 45 -61.03 5.53 -44.48
C TYR C 45 -60.02 6.60 -44.11
N SER C 46 -59.56 6.60 -42.85
CA SER C 46 -58.54 7.56 -42.41
C SER C 46 -57.36 7.58 -43.38
N TRP C 47 -56.97 6.43 -43.86
CA TRP C 47 -55.88 6.35 -44.85
C TRP C 47 -56.07 7.09 -46.17
N THR C 48 -57.28 7.60 -46.45
CA THR C 48 -57.53 8.36 -47.70
C THR C 48 -57.47 9.84 -47.42
N GLU C 49 -57.48 10.18 -46.13
CA GLU C 49 -57.60 11.52 -45.64
C GLU C 49 -56.31 12.24 -45.26
N MET C 50 -55.21 11.49 -45.14
CA MET C 50 -53.97 12.01 -44.62
C MET C 50 -53.09 12.59 -45.73
N CYS C 51 -53.33 12.12 -46.94
CA CYS C 51 -52.60 12.55 -48.13
C CYS C 51 -53.43 12.28 -49.39
N ASP C 52 -53.02 12.90 -50.50
CA ASP C 52 -53.63 12.65 -51.78
C ASP C 52 -53.11 11.32 -52.39
N ILE C 53 -53.91 10.72 -53.25
CA ILE C 53 -53.59 9.41 -53.80
C ILE C 53 -52.34 9.53 -54.69
N GLN C 54 -52.25 10.64 -55.40
CA GLN C 54 -51.06 11.01 -56.15
C GLN C 54 -49.81 11.14 -55.26
N ASP C 55 -49.98 11.32 -53.94
CA ASP C 55 -48.82 11.54 -53.09
C ASP C 55 -48.26 10.28 -52.42
N VAL C 56 -48.92 9.14 -52.61
CA VAL C 56 -48.48 7.89 -52.00
C VAL C 56 -47.09 7.57 -52.53
N LYS C 57 -46.16 7.35 -51.60
CA LYS C 57 -44.79 6.97 -51.91
C LYS C 57 -44.45 5.57 -51.45
N VAL C 58 -45.04 5.19 -50.31
CA VAL C 58 -44.72 3.93 -49.67
C VAL C 58 -46.01 3.27 -49.23
N VAL C 59 -46.12 1.96 -49.40
CA VAL C 59 -47.27 1.23 -48.90
C VAL C 59 -46.91 0.10 -47.93
N ILE C 60 -47.56 0.15 -46.78
CA ILE C 60 -47.47 -0.92 -45.80
C ILE C 60 -48.87 -1.53 -45.66
N LEU C 61 -48.95 -2.83 -45.80
CA LEU C 61 -50.19 -3.54 -45.79
C LEU C 61 -50.36 -4.12 -44.39
N GLY C 62 -51.55 -3.99 -43.82
CA GLY C 62 -51.90 -4.69 -42.61
C GLY C 62 -52.93 -5.75 -42.95
N GLN C 63 -53.43 -6.44 -41.92
CA GLN C 63 -54.49 -7.42 -42.10
C GLN C 63 -55.82 -6.75 -41.77
N ASP C 64 -56.34 -6.95 -40.55
CA ASP C 64 -57.58 -6.31 -40.14
C ASP C 64 -57.35 -5.45 -38.91
N PRO C 65 -58.29 -4.53 -38.60
CA PRO C 65 -58.02 -3.57 -37.52
C PRO C 65 -57.97 -4.19 -36.14
N TYR C 66 -57.30 -3.49 -35.22
CA TYR C 66 -57.27 -3.86 -33.77
C TYR C 66 -58.70 -3.90 -33.22
N HIS C 67 -58.91 -4.74 -32.24
CA HIS C 67 -60.26 -5.10 -31.93
C HIS C 67 -60.68 -4.70 -30.50
N GLY C 68 -59.81 -3.98 -29.83
CA GLY C 68 -60.09 -3.46 -28.51
C GLY C 68 -60.44 -1.98 -28.54
N PRO C 69 -61.16 -1.50 -27.51
CA PRO C 69 -61.55 -0.12 -27.55
C PRO C 69 -60.40 0.87 -27.80
N ASN C 70 -60.70 1.85 -28.64
CA ASN C 70 -59.84 2.99 -28.95
C ASN C 70 -58.53 2.69 -29.68
N GLN C 71 -58.27 1.44 -30.01
CA GLN C 71 -57.02 1.15 -30.68
C GLN C 71 -57.05 1.61 -32.11
N ALA C 72 -57.96 1.02 -32.88
CA ALA C 72 -58.08 1.31 -34.31
C ALA C 72 -58.67 2.68 -34.61
N HIS C 73 -57.98 3.32 -35.53
CA HIS C 73 -58.41 4.57 -36.08
C HIS C 73 -58.16 4.70 -37.58
N GLY C 74 -57.97 3.58 -38.26
CA GLY C 74 -58.09 3.58 -39.71
C GLY C 74 -56.80 3.63 -40.47
N LEU C 75 -55.72 3.34 -39.73
CA LEU C 75 -54.39 3.09 -40.29
C LEU C 75 -53.92 1.73 -39.76
N CYS C 76 -53.25 0.98 -40.63
CA CYS C 76 -52.60 -0.25 -40.20
C CYS C 76 -51.48 0.02 -39.19
N PHE C 77 -51.44 -0.80 -38.16
CA PHE C 77 -50.38 -0.86 -37.11
C PHE C 77 -50.46 0.27 -36.12
N SER C 78 -50.91 1.41 -36.59
CA SER C 78 -51.06 2.59 -35.75
C SER C 78 -52.16 2.44 -34.73
N VAL C 79 -51.99 3.10 -33.60
CA VAL C 79 -53.02 3.21 -32.60
C VAL C 79 -53.18 4.63 -32.17
N GLN C 80 -54.42 4.93 -31.80
CA GLN C 80 -54.81 6.28 -31.39
C GLN C 80 -54.11 6.66 -30.14
N LYS C 81 -53.76 7.94 -30.02
CA LYS C 81 -53.22 8.47 -28.77
C LYS C 81 -54.31 8.44 -27.72
N PRO C 82 -53.99 8.11 -26.47
CA PRO C 82 -52.68 7.67 -26.02
C PRO C 82 -52.58 6.18 -25.73
N VAL C 83 -53.18 5.33 -26.57
CA VAL C 83 -53.09 3.87 -26.41
C VAL C 83 -51.63 3.43 -26.56
N PRO C 84 -51.23 2.36 -25.86
CA PRO C 84 -49.88 1.83 -25.93
C PRO C 84 -49.62 1.19 -27.28
N PRO C 85 -48.39 1.28 -27.77
CA PRO C 85 -48.11 0.51 -28.97
C PRO C 85 -48.31 -0.97 -28.75
N PRO C 86 -49.17 -1.60 -29.57
CA PRO C 86 -49.29 -3.02 -29.54
C PRO C 86 -48.03 -3.73 -29.97
N PRO C 87 -47.97 -5.01 -29.63
CA PRO C 87 -46.73 -5.74 -29.76
C PRO C 87 -45.94 -5.67 -31.13
N SER C 88 -46.60 -5.70 -32.29
CA SER C 88 -45.83 -5.71 -33.56
C SER C 88 -45.34 -4.27 -33.76
N LEU C 89 -46.07 -3.29 -33.25
CA LEU C 89 -45.63 -1.91 -33.37
C LEU C 89 -44.43 -1.66 -32.51
N VAL C 90 -44.44 -2.26 -31.31
CA VAL C 90 -43.25 -2.23 -30.46
C VAL C 90 -42.03 -2.72 -31.28
N ASN C 91 -42.23 -3.73 -32.07
CA ASN C 91 -41.09 -4.27 -32.84
C ASN C 91 -40.75 -3.40 -34.06
N ILE C 92 -41.77 -2.80 -34.68
CA ILE C 92 -41.53 -1.80 -35.75
C ILE C 92 -40.70 -0.61 -35.19
N TYR C 93 -41.06 -0.15 -34.02
CA TYR C 93 -40.24 0.86 -33.38
C TYR C 93 -38.80 0.31 -33.04
N LYS C 94 -38.66 -0.96 -32.68
CA LYS C 94 -37.34 -1.50 -32.34
C LYS C 94 -36.45 -1.43 -33.58
N GLU C 95 -37.03 -1.73 -34.73
CA GLU C 95 -36.25 -1.75 -35.99
C GLU C 95 -35.86 -0.33 -36.37
N LEU C 96 -36.79 0.60 -36.23
CA LEU C 96 -36.53 1.99 -36.56
C LEU C 96 -35.29 2.56 -35.87
N CYS C 97 -35.17 2.24 -34.57
CA CYS C 97 -34.10 2.74 -33.71
C CYS C 97 -32.75 2.37 -34.24
N THR C 98 -32.67 1.20 -34.86
CA THR C 98 -31.40 0.69 -35.40
C THR C 98 -31.23 0.92 -36.89
N ASP C 99 -32.33 1.04 -37.61
CA ASP C 99 -32.32 1.26 -39.06
C ASP C 99 -32.21 2.76 -39.38
N ILE C 100 -32.83 3.58 -38.56
CA ILE C 100 -32.87 5.03 -38.77
C ILE C 100 -32.13 5.78 -37.65
N ASP C 101 -30.90 6.20 -37.94
CA ASP C 101 -30.10 6.88 -36.93
C ASP C 101 -30.85 8.13 -36.58
N GLY C 102 -31.10 8.35 -35.30
CA GLY C 102 -31.77 9.58 -34.90
C GLY C 102 -33.19 9.29 -34.52
N PHE C 103 -33.71 8.13 -34.94
CA PHE C 103 -35.05 7.78 -34.56
C PHE C 103 -35.20 7.48 -33.08
N LYS C 104 -36.16 8.18 -32.47
CA LYS C 104 -36.47 8.02 -31.05
C LYS C 104 -37.93 7.63 -30.95
N HIS C 105 -38.25 6.68 -30.08
CA HIS C 105 -39.67 6.35 -29.80
C HIS C 105 -40.43 7.65 -29.58
N PRO C 106 -41.54 7.87 -30.28
CA PRO C 106 -42.18 9.14 -30.01
C PRO C 106 -43.05 9.19 -28.75
N GLY C 107 -43.22 8.10 -28.02
CA GLY C 107 -44.04 8.08 -26.81
C GLY C 107 -45.52 7.87 -27.05
N HIS C 108 -45.89 7.43 -28.26
CA HIS C 108 -47.25 7.06 -28.63
C HIS C 108 -47.18 6.09 -29.84
N GLY C 109 -48.34 5.61 -30.27
CA GLY C 109 -48.41 4.63 -31.34
C GLY C 109 -49.12 5.16 -32.57
N ASP C 110 -49.27 6.49 -32.65
CA ASP C 110 -49.95 7.16 -33.71
C ASP C 110 -49.02 7.44 -34.91
N LEU C 111 -49.31 6.79 -36.03
CA LEU C 111 -48.46 6.84 -37.24
C LEU C 111 -48.91 7.85 -38.28
N SER C 112 -49.84 8.73 -37.90
CA SER C 112 -50.36 9.82 -38.75
C SER C 112 -49.28 10.69 -39.35
N GLY C 113 -48.11 10.72 -38.70
CA GLY C 113 -47.01 11.55 -39.16
C GLY C 113 -46.42 10.96 -40.40
N TRP C 114 -46.48 9.63 -40.51
CA TRP C 114 -46.05 8.93 -41.74
C TRP C 114 -47.04 9.05 -42.86
N ALA C 115 -48.31 8.88 -42.53
CA ALA C 115 -49.37 8.86 -43.59
C ALA C 115 -49.36 10.16 -44.34
N LYS C 116 -49.10 11.23 -43.61
CA LYS C 116 -49.17 12.54 -44.19
C LYS C 116 -48.03 12.76 -45.17
N GLN C 117 -46.97 11.96 -45.11
CA GLN C 117 -45.87 12.10 -46.08
C GLN C 117 -45.97 11.14 -47.24
N GLY C 118 -47.08 10.44 -47.33
CA GLY C 118 -47.28 9.54 -48.43
C GLY C 118 -47.05 8.09 -48.13
N VAL C 119 -46.97 7.73 -46.84
CA VAL C 119 -46.97 6.34 -46.41
C VAL C 119 -48.40 5.77 -46.23
N LEU C 120 -48.84 4.97 -47.20
CA LEU C 120 -50.18 4.41 -47.19
C LEU C 120 -50.24 3.27 -46.21
N LEU C 121 -51.02 3.48 -45.18
CA LEU C 121 -51.12 2.51 -44.11
C LEU C 121 -52.44 1.72 -44.20
N LEU C 122 -52.48 0.82 -45.16
CA LEU C 122 -53.74 0.20 -45.58
C LEU C 122 -53.92 -1.20 -44.99
N ASN C 123 -54.93 -1.38 -44.17
CA ASN C 123 -55.29 -2.72 -43.73
C ASN C 123 -56.08 -3.45 -44.82
N ALA C 124 -55.83 -4.75 -45.01
CA ALA C 124 -56.60 -5.49 -46.04
C ALA C 124 -58.10 -5.52 -45.82
N VAL C 125 -58.47 -5.69 -44.54
CA VAL C 125 -59.83 -5.70 -44.04
C VAL C 125 -60.04 -4.44 -43.21
N LEU C 126 -61.05 -3.62 -43.49
CA LEU C 126 -61.14 -2.31 -42.89
C LEU C 126 -62.00 -2.11 -41.66
N THR C 127 -62.82 -3.08 -41.34
CA THR C 127 -63.58 -3.13 -40.09
C THR C 127 -63.41 -4.43 -39.34
N VAL C 128 -63.83 -4.41 -38.09
CA VAL C 128 -63.88 -5.65 -37.34
C VAL C 128 -64.92 -5.53 -36.22
N ARG C 129 -65.55 -6.63 -35.83
CA ARG C 129 -66.39 -6.58 -34.63
C ARG C 129 -65.48 -6.61 -33.39
N ALA C 130 -65.92 -5.88 -32.38
CA ALA C 130 -65.20 -5.65 -31.11
C ALA C 130 -64.90 -6.98 -30.52
N HIS C 131 -63.63 -7.18 -30.20
CA HIS C 131 -63.14 -8.35 -29.48
C HIS C 131 -63.06 -9.64 -30.27
N GLN C 132 -63.28 -9.57 -31.59
CA GLN C 132 -63.34 -10.73 -32.47
C GLN C 132 -62.40 -10.58 -33.69
N ALA C 133 -61.14 -10.97 -33.56
CA ALA C 133 -60.14 -10.94 -34.65
C ALA C 133 -60.70 -11.62 -35.90
N ASN C 134 -60.44 -11.00 -37.05
CA ASN C 134 -60.90 -11.49 -38.37
C ASN C 134 -62.38 -11.76 -38.53
N SER C 135 -63.21 -11.13 -37.71
CA SER C 135 -64.62 -11.47 -37.69
C SER C 135 -65.29 -10.90 -38.93
N HIS C 136 -64.69 -9.87 -39.54
CA HIS C 136 -65.19 -9.29 -40.80
C HIS C 136 -64.40 -9.67 -42.08
N LYS C 137 -63.65 -10.75 -42.04
CA LYS C 137 -63.02 -11.29 -43.25
C LYS C 137 -64.03 -11.83 -44.26
N ASP C 138 -63.67 -11.80 -45.56
CA ASP C 138 -64.50 -12.31 -46.66
C ASP C 138 -65.91 -11.72 -46.73
N ARG C 139 -66.02 -10.42 -46.51
CA ARG C 139 -67.24 -9.67 -46.56
C ARG C 139 -67.17 -8.59 -47.63
N GLY C 140 -66.11 -8.59 -48.42
CA GLY C 140 -65.96 -7.48 -49.37
C GLY C 140 -64.77 -6.61 -49.24
N TRP C 141 -64.20 -6.50 -48.04
CA TRP C 141 -63.08 -5.61 -47.85
C TRP C 141 -61.88 -6.06 -48.68
N GLU C 142 -61.56 -7.35 -48.70
CA GLU C 142 -60.38 -7.79 -49.44
C GLU C 142 -60.52 -7.44 -50.92
N THR C 143 -61.72 -7.55 -51.45
CA THR C 143 -61.88 -7.31 -52.88
C THR C 143 -61.63 -5.82 -53.10
N PHE C 144 -62.09 -4.99 -52.16
CA PHE C 144 -61.90 -3.56 -52.31
C PHE C 144 -60.45 -3.15 -52.14
N THR C 145 -59.76 -3.75 -51.18
CA THR C 145 -58.40 -3.32 -50.95
C THR C 145 -57.49 -3.87 -52.07
N ASP C 146 -57.84 -5.01 -52.66
CA ASP C 146 -57.13 -5.51 -53.87
C ASP C 146 -57.23 -4.47 -55.00
N ALA C 147 -58.44 -3.91 -55.21
CA ALA C 147 -58.69 -2.81 -56.14
C ALA C 147 -57.85 -1.57 -55.90
N VAL C 148 -57.64 -1.22 -54.63
CA VAL C 148 -56.75 -0.12 -54.28
C VAL C 148 -55.29 -0.38 -54.70
N ILE C 149 -54.78 -1.55 -54.32
CA ILE C 149 -53.42 -1.91 -54.59
C ILE C 149 -53.22 -1.90 -56.11
N LYS C 150 -54.14 -2.57 -56.81
CA LYS C 150 -54.09 -2.66 -58.29
C LYS C 150 -54.02 -1.28 -58.94
N TRP C 151 -54.80 -0.34 -58.42
CA TRP C 151 -54.89 0.98 -59.00
C TRP C 151 -53.52 1.59 -58.93
N LEU C 152 -52.96 1.55 -57.73
CA LEU C 152 -51.62 1.98 -57.48
C LEU C 152 -50.64 1.29 -58.43
N SER C 153 -50.74 -0.03 -58.58
CA SER C 153 -49.75 -0.74 -59.37
C SER C 153 -49.79 -0.26 -60.82
N VAL C 154 -51.01 -0.13 -61.32
CA VAL C 154 -51.29 0.20 -62.72
C VAL C 154 -51.04 1.69 -62.99
N ASN C 155 -51.52 2.54 -62.09
CA ASN C 155 -51.54 3.99 -62.32
C ASN C 155 -50.40 4.80 -61.75
N ARG C 156 -49.64 4.23 -60.83
CA ARG C 156 -48.50 4.91 -60.29
C ARG C 156 -47.23 4.23 -60.80
N GLU C 157 -46.10 4.86 -60.50
CA GLU C 157 -44.79 4.31 -60.84
C GLU C 157 -43.79 4.76 -59.78
N GLY C 158 -42.96 3.84 -59.28
CA GLY C 158 -42.02 4.21 -58.23
C GLY C 158 -42.44 3.91 -56.78
N VAL C 159 -43.57 3.25 -56.56
CA VAL C 159 -44.06 2.97 -55.19
C VAL C 159 -43.28 1.84 -54.53
N VAL C 160 -43.00 2.03 -53.24
CA VAL C 160 -42.32 1.01 -52.46
C VAL C 160 -43.37 0.33 -51.59
N PHE C 161 -43.55 -0.97 -51.80
CA PHE C 161 -44.45 -1.80 -50.98
C PHE C 161 -43.68 -2.61 -49.98
N LEU C 162 -44.03 -2.45 -48.69
CA LEU C 162 -43.36 -3.18 -47.64
C LEU C 162 -44.30 -4.24 -47.15
N LEU C 163 -43.94 -5.50 -47.44
CA LEU C 163 -44.83 -6.61 -47.23
C LEU C 163 -44.35 -7.45 -46.04
N TRP C 164 -45.02 -7.30 -44.90
CA TRP C 164 -44.63 -8.03 -43.67
C TRP C 164 -45.51 -9.26 -43.33
N GLY C 165 -44.87 -10.43 -43.33
CA GLY C 165 -45.51 -11.73 -43.14
C GLY C 165 -46.15 -12.23 -44.42
N SER C 166 -46.57 -13.50 -44.42
CA SER C 166 -47.02 -14.19 -45.66
C SER C 166 -48.41 -13.80 -46.15
N TYR C 167 -49.36 -13.46 -45.29
CA TYR C 167 -50.58 -12.82 -45.77
C TYR C 167 -50.27 -11.57 -46.63
N ALA C 168 -49.41 -10.70 -46.16
CA ALA C 168 -49.13 -9.47 -46.86
C ALA C 168 -48.44 -9.82 -48.19
N HIS C 169 -47.52 -10.77 -48.17
CA HIS C 169 -46.79 -11.17 -49.39
C HIS C 169 -47.75 -11.61 -50.51
N LYS C 170 -48.72 -12.42 -50.11
CA LYS C 170 -49.76 -12.94 -51.01
C LYS C 170 -50.60 -11.82 -51.62
N LYS C 171 -51.03 -10.87 -50.77
CA LYS C 171 -51.84 -9.75 -51.22
C LYS C 171 -51.10 -8.83 -52.21
N GLY C 172 -49.76 -8.83 -52.10
CA GLY C 172 -48.86 -8.03 -52.94
C GLY C 172 -48.25 -8.76 -54.13
N ALA C 173 -48.60 -10.04 -54.27
CA ALA C 173 -48.09 -10.90 -55.31
C ALA C 173 -48.22 -10.37 -56.75
N THR C 174 -49.33 -9.73 -57.11
CA THR C 174 -49.54 -9.34 -58.50
C THR C 174 -49.19 -7.89 -58.81
N ILE C 175 -48.70 -7.18 -57.81
CA ILE C 175 -48.11 -5.87 -58.00
C ILE C 175 -47.04 -5.88 -59.12
N ASP C 176 -47.17 -4.94 -60.04
CA ASP C 176 -46.26 -4.89 -61.20
C ASP C 176 -44.80 -4.60 -60.82
N ARG C 177 -43.94 -5.62 -60.93
CA ARG C 177 -42.57 -5.50 -60.42
C ARG C 177 -41.65 -4.70 -61.34
N LYS C 178 -42.17 -4.20 -62.44
CA LYS C 178 -41.35 -3.35 -63.30
C LYS C 178 -41.53 -1.88 -62.97
N ARG C 179 -42.74 -1.52 -62.54
CA ARG C 179 -43.11 -0.17 -62.21
C ARG C 179 -42.76 0.17 -60.73
N HIS C 180 -42.86 -0.84 -59.86
CA HIS C 180 -42.69 -0.62 -58.43
C HIS C 180 -41.61 -1.44 -57.78
N HIS C 181 -41.39 -1.16 -56.50
CA HIS C 181 -40.43 -1.85 -55.62
C HIS C 181 -41.14 -2.57 -54.48
N VAL C 182 -40.83 -3.83 -54.34
CA VAL C 182 -41.45 -4.66 -53.33
C VAL C 182 -40.40 -5.24 -52.41
N LEU C 183 -40.60 -5.00 -51.12
CA LEU C 183 -39.68 -5.48 -50.09
C LEU C 183 -40.53 -6.35 -49.19
N GLN C 184 -40.02 -7.54 -48.92
CA GLN C 184 -40.74 -8.46 -48.05
C GLN C 184 -39.89 -8.88 -46.87
N ALA C 185 -40.55 -9.14 -45.75
CA ALA C 185 -39.95 -9.70 -44.57
C ALA C 185 -40.96 -10.61 -43.84
N VAL C 186 -40.53 -11.30 -42.78
CA VAL C 186 -41.41 -11.98 -41.85
C VAL C 186 -42.15 -10.90 -41.04
N HIS C 187 -43.13 -11.34 -40.24
CA HIS C 187 -44.00 -10.39 -39.54
C HIS C 187 -43.33 -9.75 -38.31
N PRO C 188 -43.64 -8.49 -38.01
CA PRO C 188 -43.06 -7.86 -36.81
C PRO C 188 -43.58 -8.42 -35.46
N SER C 189 -44.69 -9.15 -35.49
CA SER C 189 -45.24 -9.84 -34.28
C SER C 189 -44.12 -10.48 -33.44
N PRO C 190 -44.22 -10.44 -32.09
CA PRO C 190 -43.18 -11.09 -31.30
C PRO C 190 -42.88 -12.51 -31.73
N LEU C 191 -43.85 -13.23 -32.28
CA LEU C 191 -43.64 -14.63 -32.60
C LEU C 191 -42.61 -14.76 -33.68
N SER C 192 -42.48 -13.74 -34.51
CA SER C 192 -41.60 -13.87 -35.66
C SER C 192 -40.52 -12.80 -35.82
N ALA C 193 -40.64 -11.68 -35.12
CA ALA C 193 -39.73 -10.56 -35.26
C ALA C 193 -38.24 -10.92 -35.23
N HIS C 194 -37.90 -11.91 -34.42
CA HIS C 194 -36.49 -12.25 -34.17
C HIS C 194 -35.97 -13.17 -35.29
N ARG C 195 -36.86 -13.50 -36.22
CA ARG C 195 -36.60 -14.43 -37.31
C ARG C 195 -36.41 -13.75 -38.68
N GLY C 196 -36.29 -12.43 -38.70
CA GLY C 196 -36.08 -11.73 -39.95
C GLY C 196 -36.72 -10.36 -40.11
N PHE C 197 -37.54 -9.91 -39.16
CA PHE C 197 -38.09 -8.57 -39.22
C PHE C 197 -37.05 -7.63 -38.64
N LEU C 198 -36.55 -7.98 -37.44
CA LEU C 198 -35.49 -7.24 -36.81
C LEU C 198 -34.27 -7.36 -37.74
N GLY C 199 -33.69 -6.21 -38.09
CA GLY C 199 -32.58 -6.15 -39.07
C GLY C 199 -32.94 -6.07 -40.54
N CYS C 200 -34.22 -6.15 -40.90
CA CYS C 200 -34.63 -6.06 -42.32
C CYS C 200 -34.34 -4.71 -42.99
N LYS C 201 -34.35 -3.64 -42.20
CA LYS C 201 -33.99 -2.31 -42.69
C LYS C 201 -34.85 -1.81 -43.85
N HIS C 202 -36.15 -2.05 -43.74
CA HIS C 202 -37.06 -1.66 -44.80
C HIS C 202 -37.23 -0.16 -44.95
N PHE C 203 -37.00 0.57 -43.88
CA PHE C 203 -37.25 2.02 -43.83
C PHE C 203 -36.14 2.79 -44.53
N SER C 204 -34.89 2.43 -44.22
CA SER C 204 -33.73 2.90 -45.02
C SER C 204 -33.66 2.31 -46.44
N LYS C 205 -33.96 1.03 -46.64
CA LYS C 205 -34.05 0.47 -48.02
C LYS C 205 -35.10 1.24 -48.81
N ALA C 206 -36.27 1.51 -48.21
CA ALA C 206 -37.34 2.21 -48.92
C ALA C 206 -36.94 3.61 -49.36
N ASN C 207 -36.27 4.32 -48.48
CA ASN C 207 -35.78 5.64 -48.87
C ASN C 207 -34.78 5.62 -50.03
N GLY C 208 -33.81 4.69 -50.00
CA GLY C 208 -32.84 4.59 -51.10
C GLY C 208 -33.46 4.24 -52.45
N LEU C 209 -34.41 3.33 -52.46
CA LEU C 209 -35.23 3.06 -53.65
C LEU C 209 -36.04 4.31 -54.08
N LEU C 210 -36.57 5.04 -53.11
CA LEU C 210 -37.17 6.35 -53.44
C LEU C 210 -36.15 7.30 -54.07
N LYS C 211 -34.97 7.37 -53.45
CA LYS C 211 -33.93 8.25 -53.98
C LYS C 211 -33.57 7.92 -55.43
N LEU C 212 -33.46 6.64 -55.74
CA LEU C 212 -33.08 6.19 -57.08
C LEU C 212 -34.04 6.74 -58.13
N SER C 213 -35.34 6.70 -57.84
CA SER C 213 -36.34 7.22 -58.77
C SER C 213 -36.47 8.75 -58.72
N GLY C 214 -35.59 9.40 -57.96
CA GLY C 214 -35.61 10.86 -57.83
C GLY C 214 -36.70 11.40 -56.91
N THR C 215 -37.15 10.56 -55.99
CA THR C 215 -38.27 10.89 -55.10
C THR C 215 -37.71 11.20 -53.72
N GLU C 216 -38.27 12.21 -53.07
CA GLU C 216 -37.76 12.67 -51.79
C GLU C 216 -38.17 11.64 -50.71
N PRO C 217 -37.30 11.33 -49.75
CA PRO C 217 -37.57 10.23 -48.78
C PRO C 217 -38.56 10.56 -47.69
N ILE C 218 -39.05 9.52 -47.01
CA ILE C 218 -39.91 9.64 -45.84
C ILE C 218 -39.01 10.03 -44.72
N ASN C 219 -39.44 11.04 -43.95
CA ASN C 219 -38.79 11.28 -42.69
C ASN C 219 -39.47 10.36 -41.65
N TRP C 220 -38.98 9.14 -41.53
CA TRP C 220 -39.57 8.17 -40.57
C TRP C 220 -39.66 8.70 -39.13
N ARG C 221 -38.80 9.65 -38.76
CA ARG C 221 -38.74 10.22 -37.41
C ARG C 221 -39.91 11.15 -37.03
N ALA C 222 -40.59 11.69 -38.03
CA ALA C 222 -41.53 12.80 -37.80
C ALA C 222 -42.89 12.24 -37.37
N LEU C 223 -42.96 11.63 -36.18
CA LEU C 223 -44.20 11.00 -35.68
C LEU C 223 -44.84 11.84 -34.59
N ASN D 3 -62.53 -14.57 -22.16
CA ASN D 3 -62.67 -15.82 -23.01
C ASN D 3 -61.32 -16.34 -23.48
N LEU D 4 -60.76 -15.80 -24.56
CA LEU D 4 -59.38 -16.19 -24.91
C LEU D 4 -58.46 -15.72 -23.77
N SER D 5 -58.84 -14.67 -23.05
CA SER D 5 -58.07 -14.25 -21.88
C SER D 5 -58.20 -15.30 -20.74
N ASP D 6 -59.35 -15.94 -20.64
CA ASP D 6 -59.55 -17.01 -19.64
C ASP D 6 -58.70 -18.22 -19.94
N ILE D 7 -58.53 -18.53 -21.21
CA ILE D 7 -57.68 -19.64 -21.61
C ILE D 7 -56.24 -19.37 -21.16
N ILE D 8 -55.75 -18.15 -21.41
CA ILE D 8 -54.42 -17.74 -20.95
C ILE D 8 -54.25 -17.71 -19.40
N GLU D 9 -55.30 -17.33 -18.69
CA GLU D 9 -55.26 -17.29 -17.23
C GLU D 9 -55.10 -18.68 -16.63
N LYS D 10 -55.83 -19.63 -17.20
CA LYS D 10 -55.79 -21.05 -16.85
C LYS D 10 -54.43 -21.75 -17.02
N GLU D 11 -53.72 -21.47 -18.11
CA GLU D 11 -52.44 -22.13 -18.32
C GLU D 11 -51.32 -21.44 -17.57
N THR D 12 -51.50 -20.16 -17.30
CA THR D 12 -50.40 -19.31 -16.82
C THR D 12 -50.63 -18.70 -15.44
N GLY D 13 -51.89 -18.53 -15.05
CA GLY D 13 -52.20 -17.84 -13.81
C GLY D 13 -52.29 -16.32 -13.95
N LYS D 14 -51.91 -15.80 -15.11
CA LYS D 14 -51.97 -14.35 -15.38
C LYS D 14 -53.26 -13.93 -16.11
N GLN D 15 -53.93 -12.94 -15.54
CA GLN D 15 -55.03 -12.26 -16.18
C GLN D 15 -54.43 -11.16 -17.08
N LEU D 16 -54.65 -11.25 -18.38
CA LEU D 16 -53.98 -10.35 -19.34
C LEU D 16 -54.92 -9.96 -20.48
N VAL D 17 -54.63 -8.82 -21.11
CA VAL D 17 -55.51 -8.27 -22.13
C VAL D 17 -54.82 -8.41 -23.46
N ILE D 18 -55.49 -9.07 -24.38
CA ILE D 18 -54.94 -9.26 -25.73
C ILE D 18 -54.93 -7.93 -26.48
N GLN D 19 -53.82 -7.61 -27.11
CA GLN D 19 -53.67 -6.34 -27.79
C GLN D 19 -53.71 -6.41 -29.34
N GLU D 20 -53.29 -7.54 -29.89
CA GLU D 20 -53.32 -7.75 -31.35
C GLU D 20 -53.50 -9.21 -31.62
N SER D 21 -54.05 -9.49 -32.80
CA SER D 21 -54.28 -10.85 -33.26
C SER D 21 -53.78 -10.86 -34.72
N ILE D 22 -52.73 -11.63 -34.99
CA ILE D 22 -52.09 -11.59 -36.30
C ILE D 22 -52.16 -12.91 -36.98
N LEU D 23 -52.80 -12.96 -38.15
CA LEU D 23 -52.91 -14.22 -38.88
C LEU D 23 -51.61 -14.63 -39.55
N MET D 24 -51.24 -15.90 -39.32
CA MET D 24 -50.04 -16.51 -39.93
C MET D 24 -50.35 -17.86 -40.56
N LEU D 25 -49.63 -18.15 -41.65
CA LEU D 25 -49.84 -19.38 -42.37
C LEU D 25 -49.07 -20.50 -41.67
N PRO D 26 -49.51 -21.75 -41.86
CA PRO D 26 -48.79 -22.91 -41.32
C PRO D 26 -47.27 -22.83 -41.46
N GLU D 27 -46.75 -22.63 -42.67
CA GLU D 27 -45.26 -22.55 -42.90
C GLU D 27 -44.56 -21.50 -42.04
N GLU D 28 -45.30 -20.44 -41.78
CA GLU D 28 -44.77 -19.24 -41.19
C GLU D 28 -44.61 -19.50 -39.71
N VAL D 29 -45.49 -20.32 -39.16
CA VAL D 29 -45.43 -20.68 -37.77
C VAL D 29 -44.46 -21.85 -37.51
N GLU D 30 -44.44 -22.83 -38.40
CA GLU D 30 -43.71 -24.11 -38.16
C GLU D 30 -42.39 -24.07 -37.36
N GLU D 31 -41.32 -23.49 -37.91
CA GLU D 31 -40.00 -23.63 -37.27
C GLU D 31 -39.85 -22.97 -35.89
N VAL D 32 -40.64 -21.93 -35.62
CA VAL D 32 -40.65 -21.28 -34.31
C VAL D 32 -41.27 -22.23 -33.27
N ILE D 33 -42.41 -22.78 -33.63
CA ILE D 33 -43.11 -23.68 -32.74
C ILE D 33 -42.50 -25.08 -32.72
N GLY D 34 -42.27 -25.65 -33.88
CA GLY D 34 -41.74 -27.02 -33.94
C GLY D 34 -42.91 -27.98 -34.10
N ASN D 35 -44.02 -27.43 -34.55
CA ASN D 35 -45.15 -28.19 -35.05
C ASN D 35 -45.69 -27.32 -36.16
N LYS D 36 -46.28 -27.96 -37.16
CA LYS D 36 -46.89 -27.25 -38.27
C LYS D 36 -48.37 -27.46 -38.05
N PRO D 37 -49.15 -26.38 -37.88
CA PRO D 37 -50.59 -26.56 -37.75
C PRO D 37 -51.21 -26.94 -39.09
N GLU D 38 -52.41 -27.50 -38.99
CA GLU D 38 -53.21 -28.03 -40.10
C GLU D 38 -53.85 -26.88 -40.88
N SER D 39 -54.05 -25.73 -40.24
CA SER D 39 -54.56 -24.54 -40.92
C SER D 39 -53.87 -23.24 -40.47
N ASP D 40 -54.43 -22.11 -40.88
CA ASP D 40 -53.86 -20.84 -40.51
C ASP D 40 -53.96 -20.67 -38.99
N ILE D 41 -53.08 -19.85 -38.44
CA ILE D 41 -53.10 -19.51 -37.03
C ILE D 41 -53.24 -18.02 -36.76
N LEU D 42 -54.11 -17.66 -35.82
CA LEU D 42 -54.08 -16.33 -35.22
C LEU D 42 -53.15 -16.29 -33.99
N VAL D 43 -52.18 -15.38 -34.05
CA VAL D 43 -51.26 -15.12 -32.97
C VAL D 43 -51.82 -13.99 -32.11
N HIS D 44 -52.55 -14.37 -31.06
CA HIS D 44 -53.11 -13.38 -30.11
C HIS D 44 -52.03 -13.04 -29.09
N THR D 45 -51.60 -11.77 -29.05
CA THR D 45 -50.50 -11.41 -28.13
C THR D 45 -50.92 -10.42 -27.04
N ALA D 46 -50.62 -10.76 -25.78
CA ALA D 46 -50.68 -9.85 -24.63
C ALA D 46 -49.27 -9.60 -24.08
N TYR D 47 -49.12 -8.52 -23.35
CA TYR D 47 -47.85 -8.23 -22.71
C TYR D 47 -48.03 -8.40 -21.20
N ASP D 48 -47.16 -9.16 -20.54
CA ASP D 48 -47.20 -9.28 -19.08
C ASP D 48 -46.18 -8.33 -18.45
N GLU D 49 -46.71 -7.33 -17.75
CA GLU D 49 -45.91 -6.21 -17.27
C GLU D 49 -45.00 -6.65 -16.14
N SER D 50 -45.57 -7.32 -15.15
CA SER D 50 -44.78 -7.94 -14.06
C SER D 50 -43.49 -8.63 -14.53
N THR D 51 -43.55 -9.36 -15.64
CA THR D 51 -42.43 -10.22 -16.04
C THR D 51 -41.72 -9.72 -17.30
N ASP D 52 -42.28 -8.66 -17.88
CA ASP D 52 -41.73 -8.11 -19.08
C ASP D 52 -41.71 -9.21 -20.14
N GLU D 53 -42.79 -10.00 -20.20
CA GLU D 53 -42.93 -11.06 -21.17
C GLU D 53 -44.03 -10.80 -22.22
N ASN D 54 -43.76 -11.24 -23.45
CA ASN D 54 -44.86 -11.35 -24.42
C ASN D 54 -45.53 -12.72 -24.25
N VAL D 55 -46.85 -12.70 -24.23
CA VAL D 55 -47.61 -13.90 -23.99
C VAL D 55 -48.55 -14.06 -25.18
N MET D 56 -48.35 -15.14 -25.92
CA MET D 56 -49.05 -15.34 -27.15
C MET D 56 -49.81 -16.65 -27.14
N LEU D 57 -51.12 -16.55 -27.33
CA LEU D 57 -51.98 -17.69 -27.56
C LEU D 57 -52.26 -17.81 -29.07
N LEU D 58 -51.87 -18.95 -29.62
CA LEU D 58 -52.09 -19.26 -31.02
C LEU D 58 -53.36 -20.09 -31.11
N THR D 59 -54.35 -19.62 -31.86
CA THR D 59 -55.56 -20.42 -32.15
C THR D 59 -55.73 -20.63 -33.63
N SER D 60 -56.68 -21.46 -34.02
CA SER D 60 -57.11 -21.45 -35.41
C SER D 60 -57.87 -20.12 -35.72
N ASP D 61 -58.19 -19.90 -36.99
CA ASP D 61 -58.82 -18.64 -37.45
C ASP D 61 -60.27 -18.48 -37.00
N ALA D 62 -60.79 -17.27 -37.08
CA ALA D 62 -62.20 -17.04 -36.80
C ALA D 62 -63.02 -17.92 -37.74
N PRO D 63 -64.25 -18.28 -37.33
CA PRO D 63 -64.98 -17.98 -36.09
C PRO D 63 -64.80 -19.00 -34.95
N GLU D 64 -64.07 -20.08 -35.21
CA GLU D 64 -63.73 -21.05 -34.17
C GLU D 64 -62.67 -20.56 -33.17
N TYR D 65 -61.56 -20.00 -33.62
CA TYR D 65 -60.45 -19.68 -32.68
C TYR D 65 -60.19 -20.84 -31.68
N LYS D 66 -60.11 -22.08 -32.13
CA LYS D 66 -59.77 -23.18 -31.20
C LYS D 66 -58.27 -23.05 -30.82
N PRO D 67 -57.93 -23.09 -29.51
CA PRO D 67 -56.54 -22.97 -28.99
C PRO D 67 -55.60 -24.05 -29.49
N TRP D 68 -54.38 -23.69 -29.91
CA TRP D 68 -53.41 -24.64 -30.43
C TRP D 68 -52.10 -24.63 -29.65
N ALA D 69 -51.67 -23.45 -29.19
CA ALA D 69 -50.42 -23.28 -28.49
C ALA D 69 -50.44 -22.02 -27.65
N LEU D 70 -49.75 -22.06 -26.52
CA LEU D 70 -49.35 -20.87 -25.78
C LEU D 70 -47.84 -20.68 -25.78
N VAL D 71 -47.42 -19.47 -26.14
CA VAL D 71 -45.99 -19.11 -26.20
C VAL D 71 -45.69 -17.90 -25.31
N ILE D 72 -44.67 -18.04 -24.47
CA ILE D 72 -44.25 -17.00 -23.55
C ILE D 72 -42.85 -16.56 -23.96
N GLN D 73 -42.72 -15.29 -24.32
CA GLN D 73 -41.44 -14.81 -24.87
C GLN D 73 -40.82 -13.72 -23.98
N ASP D 74 -39.56 -13.89 -23.61
CA ASP D 74 -38.80 -12.89 -22.86
C ASP D 74 -38.34 -11.69 -23.69
N SER D 75 -37.59 -10.80 -23.06
CA SER D 75 -37.15 -9.55 -23.69
C SER D 75 -36.22 -9.72 -24.87
N ASN D 76 -35.37 -10.74 -24.83
CA ASN D 76 -34.47 -10.97 -25.97
C ASN D 76 -35.05 -12.05 -26.88
N GLY D 77 -36.37 -12.24 -26.81
CA GLY D 77 -37.06 -13.11 -27.73
C GLY D 77 -36.93 -14.62 -27.51
N GLU D 78 -36.47 -15.06 -26.34
CA GLU D 78 -36.43 -16.52 -26.06
C GLU D 78 -37.81 -17.08 -25.73
N ASN D 79 -38.21 -18.17 -26.39
CA ASN D 79 -39.54 -18.75 -26.22
C ASN D 79 -39.69 -19.92 -25.26
N LYS D 80 -40.75 -19.84 -24.47
CA LYS D 80 -41.29 -21.02 -23.80
C LYS D 80 -42.56 -21.45 -24.52
N ILE D 81 -42.57 -22.68 -25.01
CA ILE D 81 -43.66 -23.06 -25.88
C ILE D 81 -44.43 -24.21 -25.24
N LYS D 82 -45.73 -24.14 -25.30
CA LYS D 82 -46.56 -25.20 -24.77
C LYS D 82 -47.73 -25.52 -25.69
N MET D 83 -47.80 -26.77 -26.15
CA MET D 83 -48.84 -27.21 -27.05
C MET D 83 -50.11 -27.51 -26.27
N LEU D 84 -51.25 -27.02 -26.76
CA LEU D 84 -52.55 -27.21 -26.10
C LEU D 84 -53.29 -28.30 -26.85
N MET E 1 68.38 -10.94 45.93
CA MET E 1 68.55 -10.19 47.20
C MET E 1 67.35 -10.44 48.09
N GLU E 2 67.37 -9.89 49.29
CA GLU E 2 66.44 -10.29 50.36
C GLU E 2 65.00 -9.88 50.13
N PHE E 3 64.09 -10.86 50.16
CA PHE E 3 62.64 -10.64 49.96
C PHE E 3 62.38 -10.07 48.55
N PHE E 4 63.07 -10.63 47.56
CA PHE E 4 63.08 -10.18 46.17
C PHE E 4 62.94 -11.40 45.26
N GLY E 5 61.85 -11.47 44.49
CA GLY E 5 61.55 -12.59 43.62
C GLY E 5 62.71 -12.93 42.72
N GLU E 6 63.01 -14.22 42.56
CA GLU E 6 64.22 -14.66 41.86
C GLU E 6 64.21 -14.24 40.40
N THR E 7 63.11 -14.47 39.68
CA THR E 7 63.09 -14.18 38.24
C THR E 7 63.26 -12.67 37.97
N TRP E 8 62.93 -11.86 38.99
CA TRP E 8 63.10 -10.41 39.02
C TRP E 8 64.53 -10.05 39.37
N ARG E 9 65.07 -10.70 40.42
CA ARG E 9 66.46 -10.44 40.80
C ARG E 9 67.37 -10.79 39.61
N ARG E 10 67.09 -11.90 38.94
CA ARG E 10 67.97 -12.40 37.89
C ARG E 10 68.16 -11.36 36.80
N GLU E 11 67.08 -10.68 36.45
CA GLU E 11 67.05 -9.62 35.46
C GLU E 11 67.50 -8.25 35.97
N LEU E 12 67.23 -7.93 37.23
CA LEU E 12 67.50 -6.59 37.76
C LEU E 12 68.84 -6.54 38.50
N ALA E 13 69.48 -7.69 38.64
CA ALA E 13 70.73 -7.87 39.43
C ALA E 13 71.75 -6.74 39.28
N ALA E 14 71.96 -6.30 38.06
CA ALA E 14 73.00 -5.32 37.75
C ALA E 14 72.77 -3.95 38.39
N GLU E 15 71.51 -3.60 38.63
CA GLU E 15 71.19 -2.32 39.28
C GLU E 15 71.72 -2.21 40.70
N PHE E 16 71.66 -3.31 41.43
CA PHE E 16 71.97 -3.26 42.86
C PHE E 16 73.43 -2.93 43.15
N GLU E 17 74.30 -3.19 42.19
CA GLU E 17 75.75 -2.93 42.36
C GLU E 17 76.17 -1.52 41.93
N LYS E 18 75.28 -0.85 41.20
CA LYS E 18 75.51 0.52 40.76
C LYS E 18 75.55 1.49 41.96
N PRO E 19 76.43 2.49 41.85
CA PRO E 19 76.52 3.58 42.80
C PRO E 19 75.19 4.18 43.19
N TYR E 20 74.31 4.51 42.23
CA TYR E 20 73.04 5.18 42.62
C TYR E 20 72.26 4.28 43.57
N PHE E 21 72.27 2.97 43.31
CA PHE E 21 71.57 2.03 44.19
C PHE E 21 72.21 1.88 45.58
N LYS E 22 73.53 1.82 45.63
CA LYS E 22 74.18 1.76 46.94
C LYS E 22 73.84 2.96 47.79
N GLN E 23 73.85 4.14 47.17
CA GLN E 23 73.64 5.34 47.91
C GLN E 23 72.19 5.40 48.36
N LEU E 24 71.29 4.84 47.54
CA LEU E 24 69.90 4.73 47.91
C LEU E 24 69.65 3.87 49.15
N MET E 25 70.25 2.69 49.22
CA MET E 25 70.14 1.85 50.42
C MET E 25 70.70 2.52 51.68
N SER E 26 71.77 3.30 51.56
CA SER E 26 72.34 3.96 52.73
C SER E 26 71.43 5.10 53.21
N PHE E 27 70.78 5.79 52.28
CA PHE E 27 69.83 6.80 52.62
C PHE E 27 68.71 6.18 53.42
N VAL E 28 68.16 5.11 52.85
CA VAL E 28 67.01 4.38 53.40
C VAL E 28 67.39 3.81 54.77
N ALA E 29 68.52 3.11 54.81
CA ALA E 29 69.13 2.72 56.09
C ALA E 29 69.16 3.85 57.10
N ASP E 30 69.74 5.00 56.74
CA ASP E 30 69.81 6.14 57.67
C ASP E 30 68.41 6.61 58.12
N GLU E 31 67.44 6.62 57.20
CA GLU E 31 66.05 7.00 57.56
C GLU E 31 65.43 6.03 58.53
N ARG E 32 65.65 4.74 58.32
CA ARG E 32 65.09 3.74 59.23
C ARG E 32 65.75 3.78 60.62
N SER E 33 67.01 4.22 60.67
CA SER E 33 67.79 4.27 61.93
C SER E 33 67.15 5.31 62.82
N ARG E 34 66.69 6.41 62.22
CA ARG E 34 66.19 7.58 62.96
C ARG E 34 64.65 7.75 63.08
N HIS E 35 63.86 7.17 62.17
CA HIS E 35 62.42 7.41 62.11
C HIS E 35 61.69 6.14 61.73
N THR E 36 60.37 6.19 61.64
CA THR E 36 59.62 5.15 60.90
C THR E 36 59.56 5.42 59.40
N VAL E 37 59.93 4.39 58.64
CA VAL E 37 59.77 4.30 57.19
C VAL E 37 58.80 3.17 56.77
N TYR E 38 57.88 3.53 55.89
CA TYR E 38 56.93 2.64 55.29
C TYR E 38 57.29 2.35 53.83
N PRO E 39 56.98 1.13 53.39
CA PRO E 39 56.49 -0.01 54.15
C PRO E 39 57.63 -0.63 54.99
N PRO E 40 57.34 -1.65 55.81
CA PRO E 40 58.52 -2.24 56.48
C PRO E 40 59.52 -2.76 55.44
N ALA E 41 60.78 -2.87 55.87
CA ALA E 41 61.89 -3.32 55.03
C ALA E 41 61.57 -4.57 54.23
N ASP E 42 60.97 -5.56 54.86
CA ASP E 42 60.74 -6.85 54.23
C ASP E 42 59.62 -6.85 53.20
N GLN E 43 58.87 -5.76 53.12
CA GLN E 43 57.77 -5.59 52.18
C GLN E 43 58.11 -4.62 51.05
N VAL E 44 59.33 -4.09 51.03
CA VAL E 44 59.67 -3.07 50.03
C VAL E 44 59.53 -3.61 48.61
N TYR E 45 59.89 -4.88 48.43
CA TYR E 45 59.77 -5.54 47.13
C TYR E 45 58.65 -6.60 47.08
N SER E 46 57.54 -6.31 47.76
CA SER E 46 56.37 -7.22 47.70
C SER E 46 55.89 -7.41 46.27
N TRP E 47 56.00 -6.38 45.44
CA TRP E 47 55.65 -6.46 44.02
C TRP E 47 56.48 -7.43 43.16
N THR E 48 57.63 -7.89 43.65
CA THR E 48 58.40 -8.88 42.90
C THR E 48 58.01 -10.30 43.30
N GLU E 49 57.24 -10.42 44.40
CA GLU E 49 57.06 -11.71 45.05
C GLU E 49 55.75 -12.39 44.67
N MET E 50 54.90 -11.66 43.95
CA MET E 50 53.53 -12.09 43.70
C MET E 50 53.40 -12.98 42.46
N CYS E 51 54.24 -12.68 41.48
CA CYS E 51 54.28 -13.41 40.23
C CYS E 51 55.66 -13.21 39.58
N ASP E 52 55.98 -14.10 38.64
CA ASP E 52 57.28 -14.07 38.00
C ASP E 52 57.30 -13.01 36.92
N ILE E 53 58.49 -12.64 36.50
CA ILE E 53 58.63 -11.50 35.60
C ILE E 53 58.07 -11.77 34.20
N GLN E 54 58.05 -13.03 33.77
CA GLN E 54 57.54 -13.35 32.44
C GLN E 54 56.01 -13.42 32.49
N ASP E 55 55.47 -13.33 33.70
CA ASP E 55 54.06 -13.56 33.96
C ASP E 55 53.29 -12.25 34.12
N VAL E 56 54.01 -11.13 34.07
CA VAL E 56 53.41 -9.80 34.12
C VAL E 56 52.57 -9.62 32.87
N LYS E 57 51.31 -9.22 33.06
CA LYS E 57 50.36 -9.00 31.96
C LYS E 57 49.93 -7.55 31.86
N VAL E 58 49.75 -6.93 33.02
CA VAL E 58 49.20 -5.58 33.12
C VAL E 58 50.07 -4.93 34.16
N VAL E 59 50.32 -3.65 34.00
CA VAL E 59 51.16 -2.95 34.94
C VAL E 59 50.36 -1.72 35.28
N ILE E 60 50.40 -1.37 36.57
CA ILE E 60 49.78 -0.14 37.08
C ILE E 60 50.81 0.58 37.91
N LEU E 61 51.03 1.86 37.56
CA LEU E 61 52.01 2.73 38.24
C LEU E 61 51.44 3.57 39.32
N GLY E 62 52.19 3.63 40.42
CA GLY E 62 51.80 4.46 41.54
C GLY E 62 52.96 5.42 41.76
N GLN E 63 52.76 6.35 42.69
CA GLN E 63 53.78 7.33 43.04
C GLN E 63 54.65 6.90 44.23
N ASP E 64 54.33 7.30 45.49
CA ASP E 64 55.08 6.74 46.65
C ASP E 64 54.16 5.94 47.56
N PRO E 65 54.74 5.22 48.54
CA PRO E 65 53.87 4.45 49.45
C PRO E 65 53.07 5.35 50.35
N TYR E 66 52.03 4.78 50.93
CA TYR E 66 51.19 5.49 51.86
C TYR E 66 52.01 5.74 53.11
N HIS E 67 51.75 6.84 53.81
CA HIS E 67 52.64 7.31 54.86
C HIS E 67 52.05 7.18 56.27
N GLY E 68 50.90 6.54 56.40
CA GLY E 68 50.34 6.32 57.73
C GLY E 68 50.52 4.89 58.17
N PRO E 69 50.49 4.66 59.50
CA PRO E 69 50.82 3.34 60.04
C PRO E 69 50.00 2.25 59.40
N ASN E 70 50.66 1.16 59.03
CA ASN E 70 49.97 -0.02 58.56
C ASN E 70 49.33 0.00 57.17
N GLN E 71 49.38 1.12 56.44
CA GLN E 71 48.81 1.21 55.09
C GLN E 71 49.64 0.44 54.02
N ALA E 72 50.84 0.95 53.74
CA ALA E 72 51.65 0.46 52.61
C ALA E 72 52.11 -0.96 52.87
N HIS E 73 52.03 -1.79 51.85
CA HIS E 73 52.66 -3.09 52.00
C HIS E 73 53.45 -3.59 50.82
N GLY E 74 53.89 -2.63 50.02
CA GLY E 74 54.79 -2.84 48.88
C GLY E 74 54.19 -2.96 47.49
N LEU E 75 52.87 -2.73 47.43
CA LEU E 75 52.10 -2.71 46.17
C LEU E 75 51.48 -1.34 46.01
N CYS E 76 51.42 -0.80 44.78
CA CYS E 76 50.78 0.51 44.59
C CYS E 76 49.28 0.42 44.88
N PHE E 77 48.73 1.54 45.33
CA PHE E 77 47.30 1.72 45.73
C PHE E 77 46.73 0.88 46.85
N SER E 78 47.19 -0.37 46.90
CA SER E 78 46.84 -1.36 47.94
C SER E 78 47.20 -1.03 49.38
N VAL E 79 46.35 -1.50 50.32
CA VAL E 79 46.58 -1.32 51.75
C VAL E 79 46.36 -2.59 52.56
N GLN E 80 47.24 -2.84 53.52
CA GLN E 80 47.21 -4.04 54.37
C GLN E 80 45.82 -4.22 54.96
N LYS E 81 45.32 -5.46 54.92
CA LYS E 81 44.08 -5.80 55.67
C LYS E 81 44.24 -5.54 57.15
N PRO E 82 43.21 -5.02 57.86
CA PRO E 82 41.90 -4.49 57.56
C PRO E 82 41.89 -2.95 57.41
N VAL E 83 42.99 -2.32 57.02
CA VAL E 83 42.96 -0.86 56.75
C VAL E 83 41.89 -0.55 55.69
N PRO E 84 41.06 0.49 55.90
CA PRO E 84 40.08 0.60 54.82
C PRO E 84 40.75 1.22 53.60
N PRO E 85 40.18 1.00 52.43
CA PRO E 85 40.75 1.54 51.19
C PRO E 85 40.89 3.04 51.29
N PRO E 86 42.04 3.55 50.90
CA PRO E 86 42.15 4.98 50.73
C PRO E 86 41.20 5.54 49.64
N PRO E 87 41.02 6.85 49.61
CA PRO E 87 40.17 7.57 48.63
C PRO E 87 40.37 7.26 47.14
N SER E 88 41.61 7.04 46.69
CA SER E 88 41.87 6.71 45.29
C SER E 88 41.47 5.25 45.07
N LEU E 89 41.65 4.41 46.08
CA LEU E 89 41.26 3.00 45.92
C LEU E 89 39.75 2.86 45.93
N VAL E 90 39.06 3.66 46.75
CA VAL E 90 37.62 3.79 46.65
C VAL E 90 37.12 4.05 45.21
N ASN E 91 37.74 4.96 44.52
CA ASN E 91 37.32 5.31 43.16
C ASN E 91 37.73 4.22 42.15
N ILE E 92 38.85 3.55 42.41
CA ILE E 92 39.14 2.33 41.65
C ILE E 92 38.01 1.30 41.85
N TYR E 93 37.65 1.01 43.10
CA TYR E 93 36.52 0.10 43.35
C TYR E 93 35.19 0.53 42.68
N LYS E 94 34.88 1.83 42.71
CA LYS E 94 33.66 2.35 42.04
C LYS E 94 33.73 2.03 40.55
N GLU E 95 34.86 2.39 39.93
CA GLU E 95 34.98 2.12 38.50
C GLU E 95 34.80 0.62 38.21
N LEU E 96 35.41 -0.24 39.02
CA LEU E 96 35.27 -1.70 38.81
C LEU E 96 33.84 -2.18 38.92
N CYS E 97 33.04 -1.51 39.74
CA CYS E 97 31.63 -1.88 39.85
C CYS E 97 30.85 -1.67 38.54
N THR E 98 31.23 -0.68 37.74
CA THR E 98 30.52 -0.35 36.50
C THR E 98 31.20 -0.91 35.25
N ASP E 99 32.48 -1.28 35.35
CA ASP E 99 33.32 -1.77 34.23
C ASP E 99 33.39 -3.29 34.11
N ILE E 100 33.43 -3.97 35.25
CA ILE E 100 33.62 -5.40 35.26
C ILE E 100 32.41 -6.00 35.94
N ASP E 101 31.49 -6.54 35.15
CA ASP E 101 30.24 -7.11 35.70
C ASP E 101 30.49 -8.19 36.75
N GLY E 102 29.83 -8.06 37.89
CA GLY E 102 29.92 -9.01 38.96
C GLY E 102 30.99 -8.59 39.98
N PHE E 103 31.74 -7.54 39.70
CA PHE E 103 32.74 -7.10 40.65
C PHE E 103 32.06 -6.50 41.90
N LYS E 104 32.36 -7.03 43.08
CA LYS E 104 31.83 -6.52 44.38
C LYS E 104 32.99 -5.99 45.23
N HIS E 105 32.78 -4.88 45.94
CA HIS E 105 33.72 -4.39 46.95
C HIS E 105 34.12 -5.56 47.84
N PRO E 106 35.43 -5.86 47.97
CA PRO E 106 35.90 -7.06 48.68
C PRO E 106 35.84 -6.97 50.21
N GLY E 107 35.68 -5.75 50.71
CA GLY E 107 35.58 -5.47 52.14
C GLY E 107 36.93 -5.10 52.74
N HIS E 108 37.88 -4.86 51.85
CA HIS E 108 39.25 -4.58 52.29
C HIS E 108 39.92 -3.89 51.10
N GLY E 109 41.15 -3.39 51.29
CA GLY E 109 41.93 -2.79 50.20
C GLY E 109 43.16 -3.52 49.70
N ASP E 110 43.20 -4.84 49.93
CA ASP E 110 44.41 -5.61 49.66
C ASP E 110 44.29 -6.20 48.25
N LEU E 111 45.15 -5.73 47.35
CA LEU E 111 45.19 -6.07 45.93
C LEU E 111 46.11 -7.24 45.51
N SER E 112 46.58 -8.01 46.48
CA SER E 112 47.40 -9.20 46.19
C SER E 112 46.85 -10.14 45.15
N GLY E 113 45.54 -10.41 45.18
CA GLY E 113 44.87 -11.21 44.18
C GLY E 113 45.10 -10.80 42.73
N TRP E 114 45.15 -9.49 42.48
CA TRP E 114 45.48 -9.01 41.13
C TRP E 114 46.97 -9.33 40.85
N ALA E 115 47.84 -9.04 41.81
CA ALA E 115 49.27 -9.10 41.61
C ALA E 115 49.64 -10.54 41.30
N LYS E 116 48.99 -11.47 41.98
CA LYS E 116 49.21 -12.88 41.73
C LYS E 116 48.85 -13.37 40.32
N GLN E 117 47.92 -12.70 39.63
CA GLN E 117 47.57 -13.10 38.26
C GLN E 117 48.41 -12.34 37.19
N GLY E 118 49.44 -11.64 37.65
CA GLY E 118 50.23 -10.78 36.75
C GLY E 118 49.88 -9.32 36.58
N VAL E 119 49.23 -8.71 37.58
CA VAL E 119 49.13 -7.25 37.60
C VAL E 119 50.22 -6.69 38.49
N LEU E 120 51.23 -6.08 37.85
CA LEU E 120 52.35 -5.50 38.55
C LEU E 120 51.87 -4.18 39.10
N LEU E 121 52.00 -4.04 40.40
CA LEU E 121 51.53 -2.85 41.10
C LEU E 121 52.72 -2.10 41.66
N LEU E 122 53.32 -1.30 40.81
CA LEU E 122 54.64 -0.71 41.09
C LEU E 122 54.56 0.74 41.45
N ASN E 123 54.98 1.10 42.67
CA ASN E 123 55.16 2.53 42.97
C ASN E 123 56.48 3.02 42.35
N ALA E 124 56.54 4.25 41.86
CA ALA E 124 57.82 4.79 41.35
C ALA E 124 58.86 5.00 42.47
N VAL E 125 58.39 5.32 43.68
CA VAL E 125 59.21 5.48 44.84
C VAL E 125 58.73 4.42 45.84
N LEU E 126 59.65 3.61 46.38
CA LEU E 126 59.32 2.42 47.20
C LEU E 126 59.35 2.56 48.73
N THR E 127 59.83 3.67 49.24
CA THR E 127 59.73 3.91 50.66
C THR E 127 59.29 5.32 50.89
N VAL E 128 58.92 5.60 52.12
CA VAL E 128 58.60 6.93 52.55
C VAL E 128 58.75 7.05 54.09
N ARG E 129 59.10 8.24 54.56
CA ARG E 129 59.20 8.49 55.99
C ARG E 129 57.78 8.75 56.44
N ALA E 130 57.37 8.04 57.48
CA ALA E 130 56.07 8.15 58.06
C ALA E 130 55.64 9.63 58.12
N HIS E 131 54.41 9.82 57.65
CA HIS E 131 53.65 11.06 57.62
C HIS E 131 54.19 12.16 56.79
N GLN E 132 55.12 11.87 55.86
CA GLN E 132 55.78 12.88 55.07
C GLN E 132 55.67 12.45 53.60
N ALA E 133 54.57 12.83 52.94
CA ALA E 133 54.35 12.42 51.56
C ALA E 133 55.56 12.91 50.78
N ASN E 134 56.12 12.02 49.97
CA ASN E 134 57.19 12.33 49.00
C ASN E 134 58.55 12.68 49.61
N SER E 135 58.73 12.28 50.88
CA SER E 135 59.94 12.55 51.63
C SER E 135 61.15 11.86 51.05
N HIS E 136 60.90 10.78 50.33
CA HIS E 136 61.93 9.97 49.71
C HIS E 136 62.07 10.09 48.22
N LYS E 137 61.56 11.17 47.64
CA LYS E 137 61.80 11.44 46.23
C LYS E 137 63.25 11.79 45.96
N ASP E 138 63.65 11.53 44.72
CA ASP E 138 64.96 11.88 44.17
C ASP E 138 66.10 11.40 45.00
N ARG E 139 65.99 10.17 45.48
CA ARG E 139 67.05 9.56 46.26
C ARG E 139 67.66 8.34 45.63
N GLY E 140 67.06 7.87 44.55
CA GLY E 140 67.41 6.60 43.91
C GLY E 140 66.26 5.77 43.37
N TRP E 141 65.08 5.79 44.03
CA TRP E 141 63.99 4.92 43.59
C TRP E 141 63.54 5.06 42.14
N GLU E 142 63.30 6.30 41.73
CA GLU E 142 62.82 6.62 40.39
C GLU E 142 63.75 6.03 39.33
N THR E 143 65.07 6.12 39.58
CA THR E 143 66.06 5.57 38.65
C THR E 143 65.91 4.07 38.63
N PHE E 144 65.73 3.45 39.80
CA PHE E 144 65.51 2.03 39.86
C PHE E 144 64.24 1.59 39.13
N THR E 145 63.12 2.22 39.42
CA THR E 145 61.86 1.78 38.81
C THR E 145 61.80 2.21 37.32
N ASP E 146 62.53 3.23 36.89
CA ASP E 146 62.75 3.45 35.41
C ASP E 146 63.38 2.21 34.72
N ALA E 147 64.48 1.72 35.28
CA ALA E 147 65.05 0.38 34.97
C ALA E 147 64.13 -0.85 34.97
N VAL E 148 63.09 -0.93 35.81
CA VAL E 148 62.24 -2.10 35.85
C VAL E 148 61.25 -2.01 34.67
N ILE E 149 60.66 -0.83 34.50
CA ILE E 149 59.75 -0.59 33.40
C ILE E 149 60.48 -0.70 32.03
N LYS E 150 61.72 -0.21 31.97
CA LYS E 150 62.49 -0.28 30.71
C LYS E 150 62.76 -1.74 30.36
N TRP E 151 63.17 -2.54 31.34
CA TRP E 151 63.28 -3.99 31.14
C TRP E 151 62.00 -4.63 30.59
N LEU E 152 60.87 -4.25 31.17
CA LEU E 152 59.57 -4.73 30.74
C LEU E 152 59.29 -4.31 29.33
N SER E 153 59.50 -3.03 29.02
CA SER E 153 59.34 -2.55 27.64
C SER E 153 60.21 -3.36 26.68
N VAL E 154 61.47 -3.58 27.05
CA VAL E 154 62.44 -4.13 26.13
C VAL E 154 62.28 -5.64 25.93
N ASN E 155 62.02 -6.36 27.01
CA ASN E 155 62.13 -7.82 26.97
C ASN E 155 60.82 -8.55 26.79
N ARG E 156 59.72 -7.88 27.13
CA ARG E 156 58.36 -8.42 27.02
C ARG E 156 57.65 -7.91 25.79
N GLU E 157 56.48 -8.48 25.51
CA GLU E 157 55.64 -7.99 24.43
C GLU E 157 54.18 -8.07 24.88
N GLY E 158 53.36 -7.10 24.48
CA GLY E 158 51.92 -7.14 24.76
C GLY E 158 51.40 -6.85 26.17
N VAL E 159 52.24 -6.28 27.03
CA VAL E 159 51.81 -5.85 28.35
C VAL E 159 50.93 -4.60 28.28
N VAL E 160 49.90 -4.57 29.11
CA VAL E 160 49.01 -3.43 29.15
C VAL E 160 49.37 -2.57 30.36
N PHE E 161 49.82 -1.36 30.11
CA PHE E 161 50.18 -0.50 31.19
C PHE E 161 49.01 0.44 31.37
N LEU E 162 48.68 0.74 32.62
CA LEU E 162 47.52 1.56 32.93
C LEU E 162 48.14 2.72 33.69
N LEU E 163 48.10 3.88 33.09
CA LEU E 163 48.82 5.04 33.57
C LEU E 163 47.74 6.02 33.98
N TRP E 164 47.71 6.36 35.27
CA TRP E 164 46.67 7.22 35.86
C TRP E 164 47.31 8.43 36.49
N GLY E 165 46.94 9.61 36.01
CA GLY E 165 47.61 10.86 36.40
C GLY E 165 48.81 11.16 35.53
N SER E 166 49.12 12.44 35.43
CA SER E 166 50.18 12.93 34.56
C SER E 166 51.59 12.48 34.97
N TYR E 167 51.82 12.22 36.26
CA TYR E 167 53.14 11.78 36.72
C TYR E 167 53.40 10.37 36.14
N ALA E 168 52.38 9.53 36.25
CA ALA E 168 52.42 8.19 35.73
C ALA E 168 52.54 8.19 34.18
N HIS E 169 51.84 9.09 33.51
CA HIS E 169 51.99 9.24 32.05
C HIS E 169 53.45 9.50 31.69
N LYS E 170 54.07 10.45 32.38
CA LYS E 170 55.44 10.86 32.14
C LYS E 170 56.32 9.63 32.37
N LYS E 171 56.09 8.97 33.50
CA LYS E 171 56.87 7.81 33.84
C LYS E 171 56.80 6.76 32.71
N GLY E 172 55.66 6.64 32.05
CA GLY E 172 55.50 5.68 30.98
C GLY E 172 55.68 6.21 29.58
N ALA E 173 56.27 7.41 29.44
CA ALA E 173 56.40 8.13 28.14
C ALA E 173 57.23 7.44 27.09
N THR E 174 58.20 6.64 27.51
CA THR E 174 59.10 5.92 26.60
C THR E 174 58.73 4.46 26.40
N ILE E 175 57.65 3.98 27.04
CA ILE E 175 57.25 2.60 26.78
C ILE E 175 57.10 2.44 25.26
N ASP E 176 57.53 1.29 24.76
CA ASP E 176 57.56 1.00 23.30
C ASP E 176 56.15 0.71 22.79
N ARG E 177 55.61 1.62 21.98
CA ARG E 177 54.20 1.53 21.58
C ARG E 177 53.93 0.49 20.48
N LYS E 178 54.96 -0.01 19.83
CA LYS E 178 54.79 -1.12 18.91
C LYS E 178 54.64 -2.42 19.68
N ARG E 179 55.44 -2.53 20.74
CA ARG E 179 55.50 -3.70 21.58
C ARG E 179 54.34 -3.83 22.57
N HIS E 180 53.85 -2.72 23.10
CA HIS E 180 52.97 -2.78 24.28
C HIS E 180 51.71 -1.98 24.12
N HIS E 181 50.81 -2.08 25.09
CA HIS E 181 49.63 -1.24 25.08
C HIS E 181 49.68 -0.30 26.26
N VAL E 182 49.36 0.95 25.98
CA VAL E 182 49.33 1.96 27.02
C VAL E 182 47.96 2.56 27.02
N LEU E 183 47.29 2.48 28.17
CA LEU E 183 46.02 3.15 28.36
C LEU E 183 46.23 4.25 29.38
N GLN E 184 45.61 5.41 29.15
CA GLN E 184 45.85 6.59 30.01
C GLN E 184 44.51 7.08 30.51
N ALA E 185 44.51 7.53 31.76
CA ALA E 185 43.38 8.26 32.30
C ALA E 185 43.96 9.26 33.29
N VAL E 186 43.15 10.24 33.66
CA VAL E 186 43.43 11.07 34.80
C VAL E 186 43.45 10.17 36.08
N HIS E 187 43.82 10.79 37.20
CA HIS E 187 43.99 10.08 38.46
C HIS E 187 42.69 9.71 39.17
N PRO E 188 42.65 8.53 39.84
CA PRO E 188 41.44 8.10 40.57
C PRO E 188 41.13 8.86 41.88
N SER E 189 42.02 9.76 42.28
CA SER E 189 41.83 10.66 43.42
C SER E 189 40.52 11.41 43.20
N PRO E 190 39.73 11.56 44.25
CA PRO E 190 38.49 12.35 44.16
C PRO E 190 38.66 13.73 43.45
N LEU E 191 39.83 14.38 43.55
CA LEU E 191 39.97 15.68 42.87
C LEU E 191 39.73 15.55 41.35
N SER E 192 40.13 14.42 40.80
CA SER E 192 40.17 14.20 39.34
C SER E 192 39.30 13.05 38.80
N ALA E 193 38.71 12.27 39.72
CA ALA E 193 38.11 11.02 39.37
C ALA E 193 36.92 11.27 38.47
N HIS E 194 36.20 12.34 38.74
CA HIS E 194 35.00 12.65 37.98
C HIS E 194 35.32 13.40 36.68
N ARG E 195 36.59 13.40 36.33
CA ARG E 195 37.07 14.10 35.15
C ARG E 195 37.83 13.18 34.23
N GLY E 196 37.43 11.91 34.20
CA GLY E 196 38.00 11.01 33.21
C GLY E 196 38.20 9.61 33.66
N PHE E 197 38.51 9.45 34.95
CA PHE E 197 38.73 8.11 35.51
C PHE E 197 37.51 7.21 35.57
N LEU E 198 36.48 7.75 36.19
CA LEU E 198 35.18 7.10 36.20
C LEU E 198 34.64 7.07 34.75
N GLY E 199 34.34 5.85 34.29
CA GLY E 199 34.03 5.57 32.88
C GLY E 199 35.25 5.36 32.01
N CYS E 200 36.46 5.34 32.58
CA CYS E 200 37.63 5.10 31.72
C CYS E 200 37.64 3.64 31.22
N LYS E 201 37.02 2.73 31.96
CA LYS E 201 36.90 1.31 31.57
C LYS E 201 38.22 0.64 31.28
N HIS E 202 39.26 1.00 32.03
CA HIS E 202 40.59 0.40 31.78
C HIS E 202 40.67 -1.07 32.06
N PHE E 203 39.95 -1.55 33.05
CA PHE E 203 40.04 -2.95 33.40
C PHE E 203 39.50 -3.83 32.27
N SER E 204 38.32 -3.50 31.74
CA SER E 204 37.74 -4.27 30.63
C SER E 204 38.55 -4.06 29.34
N LYS E 205 39.06 -2.85 29.14
CA LYS E 205 39.98 -2.58 28.01
C LYS E 205 41.28 -3.39 28.05
N ALA E 206 41.95 -3.39 29.20
CA ALA E 206 43.11 -4.28 29.35
C ALA E 206 42.78 -5.74 29.04
N ASN E 207 41.64 -6.24 29.56
CA ASN E 207 41.20 -7.60 29.24
C ASN E 207 40.87 -7.84 27.76
N GLY E 208 40.18 -6.89 27.12
CA GLY E 208 40.09 -6.92 25.65
C GLY E 208 41.42 -7.02 24.91
N LEU E 209 42.39 -6.17 25.28
CA LEU E 209 43.64 -6.05 24.54
C LEU E 209 44.48 -7.32 24.67
N LEU E 210 44.57 -7.84 25.90
CA LEU E 210 45.20 -9.11 26.17
C LEU E 210 44.52 -10.24 25.39
N LYS E 211 43.22 -10.09 25.19
CA LYS E 211 42.38 -11.18 24.71
C LYS E 211 42.66 -11.50 23.25
N LEU E 212 43.09 -10.49 22.51
CA LEU E 212 43.40 -10.65 21.10
C LEU E 212 44.84 -11.08 20.82
N SER E 213 45.64 -11.23 21.87
CA SER E 213 46.94 -11.89 21.75
C SER E 213 46.81 -13.32 22.23
N GLY E 214 45.63 -13.70 22.68
CA GLY E 214 45.41 -15.06 23.18
C GLY E 214 45.94 -15.14 24.59
N THR E 215 45.97 -14.00 25.26
CA THR E 215 46.38 -13.96 26.64
C THR E 215 45.16 -14.07 27.55
N GLU E 216 45.29 -14.88 28.58
CA GLU E 216 44.24 -15.18 29.53
C GLU E 216 43.91 -13.89 30.31
N PRO E 217 42.61 -13.64 30.56
CA PRO E 217 42.25 -12.41 31.27
C PRO E 217 42.59 -12.41 32.76
N ILE E 218 42.69 -11.19 33.31
CA ILE E 218 42.71 -10.96 34.75
C ILE E 218 41.27 -11.02 35.24
N ASN E 219 41.06 -11.79 36.31
CA ASN E 219 39.80 -11.81 37.05
C ASN E 219 39.85 -10.75 38.13
N TRP E 220 39.41 -9.56 37.77
CA TRP E 220 39.54 -8.39 38.62
C TRP E 220 38.74 -8.56 39.91
N ARG E 221 37.84 -9.53 39.88
CA ARG E 221 36.95 -9.83 40.99
C ARG E 221 37.59 -10.61 42.12
N ALA E 222 38.67 -11.31 41.78
CA ALA E 222 39.33 -12.21 42.71
C ALA E 222 40.29 -11.49 43.65
N LEU E 223 39.74 -10.74 44.60
CA LEU E 223 40.55 -10.05 45.58
C LEU E 223 40.40 -10.71 46.94
N ASN F 3 49.54 18.40 61.93
CA ASN F 3 50.18 19.55 61.19
C ASN F 3 49.36 19.91 59.92
N LEU F 4 49.44 19.11 58.84
CA LEU F 4 48.53 19.32 57.69
C LEU F 4 47.07 19.14 58.15
N SER F 5 46.84 18.28 59.14
CA SER F 5 45.48 18.12 59.67
C SER F 5 44.96 19.32 60.46
N ASP F 6 45.87 19.99 61.15
CA ASP F 6 45.51 21.19 61.92
C ASP F 6 45.08 22.37 61.03
N ILE F 7 45.67 22.46 59.86
CA ILE F 7 45.25 23.51 58.94
C ILE F 7 43.83 23.24 58.40
N ILE F 8 43.52 21.98 58.17
CA ILE F 8 42.22 21.59 57.64
C ILE F 8 41.23 21.93 58.74
N GLU F 9 41.62 21.62 59.98
CA GLU F 9 40.75 21.85 61.12
C GLU F 9 40.52 23.33 61.25
N LYS F 10 41.57 24.13 61.09
CA LYS F 10 41.46 25.59 61.18
C LYS F 10 40.36 26.12 60.28
N GLU F 11 40.43 25.75 59.00
CA GLU F 11 39.52 26.30 57.98
C GLU F 11 38.12 25.65 57.98
N THR F 12 38.02 24.37 58.34
CA THR F 12 36.73 23.66 58.28
C THR F 12 36.15 23.32 59.65
N GLY F 13 36.93 23.48 60.72
CA GLY F 13 36.49 23.07 62.04
C GLY F 13 36.45 21.57 62.27
N LYS F 14 37.01 20.81 61.33
CA LYS F 14 37.02 19.34 61.38
C LYS F 14 38.45 18.81 61.63
N GLN F 15 38.57 17.84 62.53
CA GLN F 15 39.81 17.11 62.78
C GLN F 15 39.68 15.81 61.98
N LEU F 16 40.54 15.69 60.97
CA LEU F 16 40.44 14.57 60.08
C LEU F 16 41.82 13.95 59.87
N VAL F 17 41.82 12.69 59.45
CA VAL F 17 43.07 12.01 59.20
C VAL F 17 43.31 11.88 57.69
N ILE F 18 44.36 12.55 57.23
CA ILE F 18 44.83 12.38 55.83
C ILE F 18 45.25 10.93 55.53
N GLN F 19 44.62 10.32 54.53
CA GLN F 19 44.85 8.91 54.20
C GLN F 19 45.74 8.72 52.99
N GLU F 20 45.88 9.76 52.17
CA GLU F 20 46.69 9.64 50.95
C GLU F 20 47.13 11.02 50.46
N SER F 21 48.25 11.08 49.74
CA SER F 21 48.78 12.36 49.25
C SER F 21 49.27 12.08 47.85
N ILE F 22 48.55 12.64 46.89
CA ILE F 22 48.73 12.29 45.45
C ILE F 22 49.40 13.50 44.77
N LEU F 23 50.53 13.28 44.09
CA LEU F 23 51.20 14.40 43.41
C LEU F 23 50.50 14.59 42.07
N MET F 24 50.17 15.84 41.77
CA MET F 24 49.74 16.21 40.42
C MET F 24 50.56 17.34 39.79
N LEU F 25 50.58 17.33 38.46
CA LEU F 25 51.23 18.37 37.69
C LEU F 25 50.33 19.61 37.66
N PRO F 26 50.93 20.79 37.38
CA PRO F 26 50.22 22.06 37.29
C PRO F 26 49.04 22.04 36.31
N GLU F 27 49.26 21.57 35.09
CA GLU F 27 48.17 21.55 34.10
C GLU F 27 47.02 20.62 34.47
N GLU F 28 47.39 19.48 35.06
CA GLU F 28 46.48 18.52 35.66
C GLU F 28 45.62 19.13 36.77
N VAL F 29 46.18 20.04 37.54
CA VAL F 29 45.43 20.67 38.63
C VAL F 29 44.56 21.81 38.10
N GLU F 30 45.12 22.56 37.14
CA GLU F 30 44.40 23.63 36.44
C GLU F 30 43.11 23.10 35.82
N GLU F 31 43.18 21.90 35.24
CA GLU F 31 42.00 21.23 34.68
C GLU F 31 40.78 21.21 35.61
N VAL F 32 41.04 21.24 36.92
CA VAL F 32 40.02 21.17 37.98
C VAL F 32 39.86 22.44 38.80
N ILE F 33 40.97 23.11 39.12
CA ILE F 33 40.96 24.13 40.19
C ILE F 33 40.58 25.54 39.72
N GLY F 34 40.80 25.83 38.45
CA GLY F 34 40.55 27.18 37.95
C GLY F 34 41.68 28.14 38.28
N ASN F 35 42.86 27.58 38.51
CA ASN F 35 44.09 28.31 38.72
C ASN F 35 45.24 27.35 38.47
N LYS F 36 46.28 27.80 37.78
CA LYS F 36 47.46 26.99 37.51
C LYS F 36 48.46 27.26 38.62
N PRO F 37 48.81 26.24 39.43
CA PRO F 37 49.77 26.50 40.51
C PRO F 37 51.20 26.53 39.97
N GLU F 38 52.06 27.23 40.68
CA GLU F 38 53.38 27.53 40.18
C GLU F 38 54.20 26.27 39.99
N SER F 39 53.97 25.25 40.83
CA SER F 39 54.65 23.97 40.67
C SER F 39 53.73 22.77 40.99
N ASP F 40 54.34 21.60 41.13
CA ASP F 40 53.61 20.39 41.45
C ASP F 40 52.81 20.58 42.73
N ILE F 41 51.76 19.78 42.89
CA ILE F 41 50.88 19.90 44.04
C ILE F 41 50.65 18.51 44.63
N LEU F 42 50.61 18.44 45.95
CA LEU F 42 50.25 17.23 46.64
C LEU F 42 48.84 17.48 47.13
N VAL F 43 47.99 16.54 46.79
CA VAL F 43 46.58 16.53 47.10
C VAL F 43 46.39 15.61 48.31
N HIS F 44 46.33 16.20 49.49
CA HIS F 44 46.25 15.42 50.71
C HIS F 44 44.77 15.15 50.99
N THR F 45 44.36 13.90 50.84
CA THR F 45 42.93 13.61 50.96
C THR F 45 42.54 12.95 52.30
N ALA F 46 41.56 13.54 52.97
CA ALA F 46 40.88 12.90 54.12
C ALA F 46 39.41 12.66 53.77
N TYR F 47 38.75 11.78 54.51
CA TYR F 47 37.34 11.57 54.35
C TYR F 47 36.66 11.90 55.69
N ASP F 48 35.69 12.81 55.63
CA ASP F 48 34.83 13.14 56.76
C ASP F 48 33.58 12.28 56.60
N GLU F 49 33.60 11.16 57.31
CA GLU F 49 32.50 10.19 57.34
C GLU F 49 31.26 10.69 58.11
N SER F 50 31.29 11.93 58.56
CA SER F 50 30.11 12.60 59.14
C SER F 50 29.31 13.43 58.11
N THR F 51 29.96 13.83 57.01
CA THR F 51 29.26 14.53 55.93
C THR F 51 29.21 13.77 54.60
N ASP F 52 29.86 12.61 54.52
CA ASP F 52 30.09 11.95 53.23
C ASP F 52 30.93 12.82 52.25
N GLU F 53 31.93 13.51 52.78
CA GLU F 53 32.75 14.39 51.97
C GLU F 53 34.21 14.00 51.97
N ASN F 54 34.82 14.11 50.79
CA ASN F 54 36.27 14.12 50.66
C ASN F 54 36.83 15.51 50.83
N VAL F 55 37.79 15.63 51.75
CA VAL F 55 38.32 16.90 52.18
C VAL F 55 39.78 16.84 51.74
N MET F 56 40.14 17.71 50.82
CA MET F 56 41.47 17.68 50.20
C MET F 56 42.17 18.99 50.48
N LEU F 57 43.36 18.89 51.07
CA LEU F 57 44.27 20.01 51.20
C LEU F 57 45.35 19.97 50.15
N LEU F 58 45.36 20.95 49.25
CA LEU F 58 46.40 21.09 48.24
C LEU F 58 47.64 21.86 48.76
N THR F 59 48.81 21.21 48.81
CA THR F 59 50.08 21.86 49.17
C THR F 59 51.05 21.78 48.01
N SER F 60 52.20 22.45 48.13
CA SER F 60 53.37 22.17 47.30
C SER F 60 54.01 20.85 47.71
N ASP F 61 54.98 20.43 46.90
CA ASP F 61 55.61 19.12 47.06
C ASP F 61 56.52 19.13 48.29
N ALA F 62 56.95 17.95 48.73
CA ALA F 62 58.02 17.88 49.72
C ALA F 62 59.26 18.62 49.21
N PRO F 63 60.07 19.23 50.10
CA PRO F 63 59.93 19.19 51.55
C PRO F 63 59.14 20.33 52.16
N GLU F 64 58.67 21.32 51.39
CA GLU F 64 58.03 22.46 52.03
CA GLU F 64 58.02 22.47 52.02
C GLU F 64 56.55 22.26 52.37
N TYR F 65 55.78 21.60 51.52
CA TYR F 65 54.35 21.43 51.75
C TYR F 65 53.68 22.74 52.12
N LYS F 66 53.77 23.71 51.23
CA LYS F 66 53.13 25.01 51.49
C LYS F 66 51.70 24.99 51.02
N PRO F 67 50.74 25.27 51.93
CA PRO F 67 49.32 25.29 51.60
C PRO F 67 48.97 26.18 50.41
N TRP F 68 48.21 25.64 49.47
CA TRP F 68 47.90 26.36 48.24
C TRP F 68 46.39 26.47 48.01
N ALA F 69 45.67 25.38 48.28
CA ALA F 69 44.20 25.34 48.22
C ALA F 69 43.54 24.29 49.13
N LEU F 70 42.29 24.53 49.48
CA LEU F 70 41.47 23.57 50.19
C LEU F 70 40.23 23.30 49.37
N VAL F 71 40.11 22.06 48.87
CA VAL F 71 38.87 21.62 48.20
C VAL F 71 38.03 20.71 49.09
N ILE F 72 36.73 21.01 49.21
CA ILE F 72 35.79 20.09 49.84
C ILE F 72 34.85 19.47 48.82
N GLN F 73 34.76 18.14 48.80
CA GLN F 73 34.02 17.45 47.72
C GLN F 73 32.82 16.64 48.22
N ASP F 74 31.65 16.95 47.67
CA ASP F 74 30.44 16.32 48.16
C ASP F 74 30.33 14.95 47.51
N SER F 75 29.36 14.20 47.97
CA SER F 75 29.16 12.81 47.61
C SER F 75 28.99 12.53 46.13
N ASN F 76 28.59 13.53 45.33
CA ASN F 76 28.41 13.34 43.89
C ASN F 76 29.38 14.18 43.07
N GLY F 77 30.52 14.53 43.66
CA GLY F 77 31.64 15.11 42.89
C GLY F 77 31.68 16.63 42.89
N GLU F 78 30.71 17.27 43.54
CA GLU F 78 30.69 18.74 43.56
C GLU F 78 31.71 19.22 44.59
N ASN F 79 32.53 20.15 44.12
CA ASN F 79 33.54 20.81 44.90
C ASN F 79 33.06 22.16 45.47
N LYS F 80 33.67 22.55 46.59
CA LYS F 80 33.83 23.97 46.99
C LYS F 80 35.35 24.16 47.03
N ILE F 81 35.85 25.12 46.25
CA ILE F 81 37.30 25.38 46.16
C ILE F 81 37.67 26.72 46.81
N LYS F 82 38.64 26.71 47.74
CA LYS F 82 39.11 27.92 48.40
C LYS F 82 40.63 28.04 48.36
N MET F 83 41.13 29.15 47.84
CA MET F 83 42.59 29.40 47.79
C MET F 83 43.14 29.88 49.14
N LEU F 84 44.36 29.44 49.45
CA LEU F 84 44.93 29.67 50.76
C LEU F 84 46.12 30.61 50.79
N MET G 1 15.61 -20.30 -15.71
CA MET G 1 15.51 -19.87 -17.13
C MET G 1 16.75 -20.27 -17.94
N GLU G 2 16.58 -20.37 -19.26
CA GLU G 2 17.66 -20.83 -20.12
C GLU G 2 18.84 -19.85 -20.05
N PHE G 3 20.03 -20.40 -19.87
CA PHE G 3 21.29 -19.64 -19.84
C PHE G 3 21.65 -19.12 -18.44
N PHE G 4 20.87 -19.48 -17.42
CA PHE G 4 21.02 -18.84 -16.10
C PHE G 4 21.27 -19.84 -14.96
N GLY G 5 22.39 -19.67 -14.25
CA GLY G 5 22.85 -20.59 -13.17
C GLY G 5 21.82 -20.82 -12.06
N GLU G 6 21.76 -22.04 -11.53
CA GLU G 6 20.59 -22.42 -10.71
C GLU G 6 20.48 -21.78 -9.33
N THR G 7 21.54 -21.78 -8.54
CA THR G 7 21.46 -21.08 -7.27
C THR G 7 21.03 -19.64 -7.47
N TRP G 8 21.42 -19.04 -8.59
CA TRP G 8 21.11 -17.63 -8.87
C TRP G 8 19.65 -17.47 -9.32
N ARG G 9 19.22 -18.29 -10.27
CA ARG G 9 17.79 -18.34 -10.64
C ARG G 9 16.93 -18.35 -9.36
N ARG G 10 17.13 -19.33 -8.49
CA ARG G 10 16.34 -19.49 -7.26
C ARG G 10 16.10 -18.18 -6.48
N GLU G 11 17.19 -17.45 -6.25
CA GLU G 11 17.17 -16.27 -5.39
C GLU G 11 16.52 -15.07 -6.07
N LEU G 12 16.77 -14.90 -7.36
CA LEU G 12 16.33 -13.73 -8.13
C LEU G 12 15.06 -14.00 -8.93
N ALA G 13 14.46 -15.16 -8.70
CA ALA G 13 13.35 -15.69 -9.49
C ALA G 13 12.23 -14.70 -9.69
N ALA G 14 11.89 -13.96 -8.64
CA ALA G 14 10.80 -12.95 -8.67
C ALA G 14 11.09 -11.72 -9.54
N GLU G 15 12.35 -11.51 -9.94
CA GLU G 15 12.63 -10.41 -10.87
C GLU G 15 12.13 -10.75 -12.26
N PHE G 16 12.21 -12.02 -12.62
CA PHE G 16 11.94 -12.46 -13.99
C PHE G 16 10.46 -12.32 -14.34
N GLU G 17 9.61 -12.31 -13.31
CA GLU G 17 8.16 -12.09 -13.45
C GLU G 17 7.75 -10.62 -13.53
N LYS G 18 8.58 -9.75 -12.97
CA LYS G 18 8.27 -8.31 -12.92
C LYS G 18 8.20 -7.64 -14.30
N PRO G 19 7.25 -6.69 -14.42
CA PRO G 19 7.01 -5.95 -15.65
C PRO G 19 8.28 -5.35 -16.29
N TYR G 20 9.11 -4.69 -15.50
CA TYR G 20 10.32 -4.06 -16.04
C TYR G 20 11.26 -5.13 -16.66
N PHE G 21 11.26 -6.31 -16.08
CA PHE G 21 12.08 -7.38 -16.61
C PHE G 21 11.47 -7.92 -17.91
N LYS G 22 10.17 -8.18 -17.95
CA LYS G 22 9.58 -8.64 -19.23
C LYS G 22 9.82 -7.67 -20.36
N GLN G 23 9.72 -6.37 -20.06
CA GLN G 23 9.89 -5.34 -21.07
C GLN G 23 11.34 -5.28 -21.53
N LEU G 24 12.27 -5.41 -20.59
CA LEU G 24 13.70 -5.46 -20.93
C LEU G 24 13.99 -6.60 -21.92
N MET G 25 13.45 -7.79 -21.63
CA MET G 25 13.61 -8.93 -22.55
C MET G 25 13.09 -8.64 -23.98
N SER G 26 11.93 -7.97 -24.07
CA SER G 26 11.32 -7.66 -25.36
C SER G 26 12.07 -6.57 -26.11
N PHE G 27 12.61 -5.62 -25.35
CA PHE G 27 13.51 -4.67 -25.91
C PHE G 27 14.69 -5.40 -26.56
N VAL G 28 15.33 -6.26 -25.79
CA VAL G 28 16.53 -6.97 -26.25
C VAL G 28 16.21 -7.86 -27.46
N ALA G 29 15.08 -8.56 -27.42
CA ALA G 29 14.66 -9.37 -28.56
C ALA G 29 14.50 -8.55 -29.83
N ASP G 30 13.69 -7.49 -29.76
CA ASP G 30 13.62 -6.45 -30.78
C ASP G 30 15.00 -6.14 -31.29
N GLU G 31 15.86 -5.64 -30.40
CA GLU G 31 17.23 -5.35 -30.76
C GLU G 31 17.88 -6.43 -31.61
N ARG G 32 17.94 -7.66 -31.10
CA ARG G 32 18.54 -8.79 -31.83
C ARG G 32 17.86 -9.12 -33.15
N SER G 33 16.59 -8.72 -33.27
CA SER G 33 15.84 -8.95 -34.49
C SER G 33 16.37 -8.02 -35.59
N ARG G 34 16.84 -6.84 -35.24
CA ARG G 34 17.27 -5.89 -36.26
C ARG G 34 18.76 -5.56 -36.27
N HIS G 35 19.52 -6.03 -35.28
CA HIS G 35 20.93 -5.62 -35.18
C HIS G 35 21.76 -6.72 -34.52
N THR G 36 23.07 -6.64 -34.62
CA THR G 36 23.86 -7.54 -33.81
C THR G 36 23.88 -6.96 -32.40
N VAL G 37 23.77 -7.83 -31.42
CA VAL G 37 23.88 -7.41 -30.04
C VAL G 37 24.89 -8.26 -29.28
N TYR G 38 25.74 -7.60 -28.49
CA TYR G 38 26.72 -8.25 -27.65
C TYR G 38 26.38 -8.21 -26.15
N PRO G 39 26.74 -9.25 -25.41
CA PRO G 39 27.30 -10.52 -25.88
C PRO G 39 26.24 -11.36 -26.52
N PRO G 40 26.62 -12.48 -27.14
CA PRO G 40 25.66 -13.48 -27.64
C PRO G 40 24.63 -13.86 -26.59
N ALA G 41 23.45 -14.23 -27.03
CA ALA G 41 22.33 -14.52 -26.13
C ALA G 41 22.63 -15.57 -25.09
N ASP G 42 23.30 -16.63 -25.49
CA ASP G 42 23.62 -17.72 -24.56
C ASP G 42 24.69 -17.40 -23.50
N GLN G 43 25.43 -16.30 -23.68
CA GLN G 43 26.44 -15.85 -22.70
C GLN G 43 26.10 -14.59 -21.88
N VAL G 44 24.91 -14.04 -22.10
CA VAL G 44 24.48 -12.81 -21.40
C VAL G 44 24.60 -12.94 -19.87
N TYR G 45 24.34 -14.14 -19.34
CA TYR G 45 24.38 -14.43 -17.88
C TYR G 45 25.50 -15.39 -17.47
N SER G 46 26.66 -15.34 -18.14
CA SER G 46 27.76 -16.30 -17.90
C SER G 46 28.34 -16.12 -16.52
N TRP G 47 28.33 -14.87 -16.07
CA TRP G 47 28.55 -14.54 -14.66
C TRP G 47 27.71 -15.34 -13.65
N THR G 48 26.62 -15.98 -14.10
CA THR G 48 25.85 -16.80 -13.14
C THR G 48 26.29 -18.27 -13.14
N GLU G 49 27.06 -18.63 -14.16
CA GLU G 49 27.35 -20.02 -14.48
C GLU G 49 28.73 -20.46 -14.03
N MET G 50 29.53 -19.52 -13.51
CA MET G 50 30.91 -19.80 -13.15
C MET G 50 31.06 -20.39 -11.74
N CYS G 51 30.26 -19.91 -10.80
CA CYS G 51 30.33 -20.35 -9.39
C CYS G 51 28.94 -20.21 -8.85
N ASP G 52 28.64 -20.95 -7.77
CA ASP G 52 27.35 -20.82 -7.12
C ASP G 52 27.30 -19.43 -6.50
N ILE G 53 26.08 -18.94 -6.28
CA ILE G 53 25.88 -17.59 -5.71
C ILE G 53 26.40 -17.50 -4.27
N GLN G 54 26.28 -18.59 -3.51
CA GLN G 54 26.79 -18.64 -2.14
CA GLN G 54 26.79 -18.64 -2.14
C GLN G 54 28.31 -18.75 -2.09
N ASP G 55 28.96 -18.90 -3.25
CA ASP G 55 30.43 -19.04 -3.32
C ASP G 55 31.12 -17.75 -3.76
N VAL G 56 30.33 -16.71 -4.00
CA VAL G 56 30.87 -15.37 -4.28
C VAL G 56 31.65 -14.81 -3.08
N LYS G 57 32.88 -14.39 -3.33
CA LYS G 57 33.74 -13.84 -2.30
C LYS G 57 34.03 -12.39 -2.58
N VAL G 58 34.26 -12.08 -3.86
CA VAL G 58 34.74 -10.77 -4.31
C VAL G 58 33.87 -10.36 -5.51
N VAL G 59 33.48 -9.09 -5.56
CA VAL G 59 32.64 -8.55 -6.64
C VAL G 59 33.42 -7.40 -7.29
N ILE G 60 33.53 -7.53 -8.59
CA ILE G 60 34.01 -6.46 -9.46
C ILE G 60 32.89 -5.94 -10.35
N LEU G 61 32.59 -4.65 -10.24
CA LEU G 61 31.57 -4.08 -11.10
C LEU G 61 32.08 -3.52 -12.42
N GLY G 62 31.33 -3.81 -13.47
CA GLY G 62 31.64 -3.18 -14.73
C GLY G 62 30.44 -2.32 -15.11
N GLN G 63 30.55 -1.72 -16.27
CA GLN G 63 29.49 -0.93 -16.86
C GLN G 63 28.62 -1.67 -17.87
N ASP G 64 28.98 -1.61 -19.15
CA ASP G 64 28.23 -2.30 -20.19
C ASP G 64 29.19 -3.18 -20.96
N PRO G 65 28.65 -4.02 -21.83
CA PRO G 65 29.56 -4.96 -22.49
C PRO G 65 30.36 -4.26 -23.59
N TYR G 66 31.54 -4.78 -23.84
CA TYR G 66 32.32 -4.45 -25.03
C TYR G 66 31.44 -4.54 -26.27
N HIS G 67 31.73 -3.70 -27.26
CA HIS G 67 30.84 -3.60 -28.39
C HIS G 67 31.49 -3.93 -29.72
N GLY G 68 32.67 -4.55 -29.68
CA GLY G 68 33.21 -5.19 -30.90
C GLY G 68 33.01 -6.70 -31.00
N PRO G 69 33.02 -7.20 -32.25
CA PRO G 69 32.84 -8.64 -32.47
C PRO G 69 33.77 -9.48 -31.64
N ASN G 70 33.21 -10.51 -31.00
CA ASN G 70 33.95 -11.45 -30.18
C ASN G 70 34.58 -10.96 -28.86
N GLN G 71 34.30 -9.74 -28.43
CA GLN G 71 34.97 -9.24 -27.19
C GLN G 71 34.20 -9.68 -25.96
N ALA G 72 32.96 -9.20 -25.85
CA ALA G 72 32.13 -9.49 -24.68
C ALA G 72 31.79 -10.99 -24.51
N HIS G 73 31.80 -11.52 -23.29
CA HIS G 73 31.21 -12.87 -23.07
C HIS G 73 30.52 -13.10 -21.75
N GLY G 74 29.90 -12.07 -21.20
CA GLY G 74 29.09 -12.24 -20.00
C GLY G 74 29.75 -11.79 -18.73
N LEU G 75 31.05 -11.50 -18.83
CA LEU G 75 31.87 -11.07 -17.70
C LEU G 75 32.34 -9.66 -17.97
N CYS G 76 32.25 -8.83 -16.93
CA CYS G 76 32.92 -7.59 -16.90
C CYS G 76 34.43 -7.78 -17.03
N PHE G 77 34.99 -6.84 -17.80
CA PHE G 77 36.40 -6.62 -18.08
C PHE G 77 37.01 -7.66 -19.02
N SER G 78 36.56 -8.90 -18.89
CA SER G 78 37.06 -10.07 -19.65
C SER G 78 36.78 -10.06 -21.13
N VAL G 79 37.64 -10.71 -21.93
CA VAL G 79 37.38 -10.88 -23.37
C VAL G 79 37.68 -12.32 -23.74
N GLN G 80 36.84 -12.88 -24.60
CA GLN G 80 36.98 -14.27 -25.04
C GLN G 80 38.30 -14.49 -25.71
N LYS G 81 38.98 -15.59 -25.40
CA LYS G 81 40.19 -15.91 -26.13
C LYS G 81 39.88 -15.99 -27.62
N PRO G 82 40.82 -15.60 -28.49
CA PRO G 82 42.18 -15.07 -28.30
C PRO G 82 42.21 -13.54 -28.45
N VAL G 83 41.08 -12.90 -28.14
CA VAL G 83 40.96 -11.43 -28.27
C VAL G 83 42.01 -10.76 -27.35
N PRO G 84 42.65 -9.67 -27.82
CA PRO G 84 43.65 -9.07 -26.98
C PRO G 84 42.97 -8.33 -25.82
N PRO G 85 43.59 -8.28 -24.65
CA PRO G 85 43.13 -7.51 -23.51
C PRO G 85 42.80 -6.07 -23.89
N PRO G 86 41.56 -5.62 -23.63
CA PRO G 86 41.36 -4.17 -23.91
C PRO G 86 42.18 -3.30 -22.96
N PRO G 87 42.26 -1.96 -23.18
CA PRO G 87 43.12 -1.06 -22.40
C PRO G 87 42.96 -1.03 -20.88
N SER G 88 41.75 -1.03 -20.38
CA SER G 88 41.58 -1.12 -18.94
C SER G 88 42.13 -2.45 -18.46
N LEU G 89 41.85 -3.54 -19.17
CA LEU G 89 42.28 -4.84 -18.72
C LEU G 89 43.81 -4.89 -18.77
N VAL G 90 44.43 -4.15 -19.71
CA VAL G 90 45.88 -4.09 -19.77
C VAL G 90 46.39 -3.50 -18.46
N ASN G 91 45.74 -2.43 -18.02
CA ASN G 91 45.98 -1.87 -16.68
C ASN G 91 45.63 -2.72 -15.43
N ILE G 92 44.56 -3.52 -15.48
CA ILE G 92 44.31 -4.55 -14.45
C ILE G 92 45.52 -5.52 -14.34
N TYR G 93 45.98 -6.02 -15.47
CA TYR G 93 47.09 -6.94 -15.46
C TYR G 93 48.42 -6.33 -14.98
N LYS G 94 48.73 -5.09 -15.41
CA LYS G 94 49.87 -4.35 -14.88
C LYS G 94 49.85 -4.25 -13.34
N GLU G 95 48.71 -3.84 -12.77
CA GLU G 95 48.59 -3.74 -11.31
C GLU G 95 48.75 -5.08 -10.62
N LEU G 96 48.24 -6.14 -11.26
CA LEU G 96 48.42 -7.47 -10.71
C LEU G 96 49.88 -7.83 -10.65
N CYS G 97 50.65 -7.44 -11.67
CA CYS G 97 52.09 -7.71 -11.68
C CYS G 97 52.80 -7.22 -10.45
N THR G 98 52.46 -6.04 -10.00
CA THR G 98 53.14 -5.45 -8.85
C THR G 98 52.45 -5.79 -7.52
N ASP G 99 51.19 -6.20 -7.57
CA ASP G 99 50.40 -6.41 -6.34
C ASP G 99 50.39 -7.87 -5.87
N ILE G 100 50.30 -8.80 -6.83
CA ILE G 100 50.34 -10.22 -6.51
C ILE G 100 51.66 -10.82 -6.97
N ASP G 101 52.58 -11.05 -6.05
CA ASP G 101 53.87 -11.63 -6.45
C ASP G 101 53.72 -13.00 -7.16
N GLY G 102 54.37 -13.17 -8.29
CA GLY G 102 54.26 -14.38 -9.09
C GLY G 102 53.20 -14.26 -10.20
N PHE G 103 52.44 -13.18 -10.22
CA PHE G 103 51.40 -13.05 -11.23
C PHE G 103 52.04 -12.81 -12.59
N LYS G 104 51.64 -13.61 -13.58
CA LYS G 104 52.24 -13.57 -14.91
C LYS G 104 51.13 -13.26 -15.92
N HIS G 105 51.34 -12.29 -16.82
CA HIS G 105 50.35 -12.00 -17.89
C HIS G 105 49.98 -13.33 -18.61
N PRO G 106 48.70 -13.75 -18.58
CA PRO G 106 48.41 -15.10 -19.12
C PRO G 106 48.45 -15.18 -20.64
N GLY G 107 48.48 -14.03 -21.31
CA GLY G 107 48.63 -14.00 -22.77
C GLY G 107 47.27 -14.09 -23.42
N HIS G 108 46.24 -13.85 -22.61
CA HIS G 108 44.87 -13.72 -23.08
C HIS G 108 44.17 -12.73 -22.12
N GLY G 109 42.88 -12.42 -22.36
CA GLY G 109 42.07 -11.61 -21.42
C GLY G 109 40.83 -12.22 -20.81
N ASP G 110 40.82 -13.54 -20.72
CA ASP G 110 39.69 -14.33 -20.23
C ASP G 110 39.86 -14.53 -18.74
N LEU G 111 38.94 -13.92 -18.00
CA LEU G 111 38.89 -13.89 -16.53
C LEU G 111 38.00 -14.91 -15.84
N SER G 112 37.64 -15.97 -16.58
CA SER G 112 36.82 -17.10 -16.12
C SER G 112 37.43 -17.81 -14.92
N GLY G 113 38.76 -17.90 -14.92
CA GLY G 113 39.47 -18.50 -13.80
C GLY G 113 39.45 -17.72 -12.50
N TRP G 114 38.91 -16.49 -12.54
CA TRP G 114 38.63 -15.72 -11.32
C TRP G 114 37.22 -16.00 -10.94
N ALA G 115 36.35 -15.96 -11.95
CA ALA G 115 34.91 -16.18 -11.73
C ALA G 115 34.65 -17.56 -11.14
N LYS G 116 35.43 -18.56 -11.56
CA LYS G 116 35.16 -19.89 -11.07
C LYS G 116 35.46 -19.99 -9.59
N GLN G 117 36.40 -19.16 -9.13
CA GLN G 117 36.82 -19.09 -7.75
C GLN G 117 35.90 -18.29 -6.85
N GLY G 118 34.89 -17.61 -7.39
CA GLY G 118 33.98 -16.75 -6.56
C GLY G 118 34.16 -15.26 -6.73
N VAL G 119 34.86 -14.88 -7.81
CA VAL G 119 34.91 -13.51 -8.26
C VAL G 119 33.73 -13.32 -9.23
N LEU G 120 32.68 -12.66 -8.77
CA LEU G 120 31.59 -12.18 -9.60
C LEU G 120 32.07 -11.00 -10.46
N LEU G 121 31.93 -11.12 -11.75
CA LEU G 121 32.34 -10.08 -12.72
C LEU G 121 31.07 -9.49 -13.37
N LEU G 122 30.49 -8.49 -12.71
CA LEU G 122 29.13 -8.02 -13.04
C LEU G 122 29.15 -6.67 -13.73
N ASN G 123 28.75 -6.64 -14.99
CA ASN G 123 28.41 -5.39 -15.66
C ASN G 123 27.07 -4.92 -15.17
N ALA G 124 26.85 -3.61 -15.08
CA ALA G 124 25.60 -3.02 -14.62
C ALA G 124 24.48 -3.15 -15.70
N VAL G 125 24.93 -3.16 -16.94
CA VAL G 125 24.10 -3.30 -18.12
C VAL G 125 24.66 -4.49 -18.90
N LEU G 126 23.81 -5.43 -19.29
CA LEU G 126 24.22 -6.78 -19.73
C LEU G 126 24.14 -7.02 -21.24
N THR G 127 23.67 -6.03 -21.99
CA THR G 127 23.72 -6.14 -23.43
C THR G 127 24.14 -4.81 -24.00
N VAL G 128 24.45 -4.84 -25.29
CA VAL G 128 24.72 -3.62 -26.02
C VAL G 128 24.61 -3.83 -27.53
N ARG G 129 24.21 -2.78 -28.23
CA ARG G 129 24.22 -2.89 -29.67
C ARG G 129 25.64 -2.77 -30.19
N ALA G 130 25.99 -3.72 -31.08
CA ALA G 130 27.30 -3.70 -31.73
C ALA G 130 27.66 -2.29 -32.11
N HIS G 131 28.88 -1.90 -31.76
CA HIS G 131 29.50 -0.68 -32.22
C HIS G 131 28.94 0.54 -31.57
N GLN G 132 28.00 0.41 -30.63
CA GLN G 132 27.40 1.59 -30.07
C GLN G 132 27.46 1.62 -28.55
N ALA G 133 28.43 2.36 -28.03
CA ALA G 133 28.71 2.30 -26.61
C ALA G 133 27.50 2.78 -25.80
N ASN G 134 27.14 2.04 -24.75
CA ASN G 134 26.06 2.48 -23.84
C ASN G 134 24.70 2.66 -24.50
N SER G 135 24.47 1.94 -25.58
CA SER G 135 23.21 1.95 -26.32
C SER G 135 22.06 1.24 -25.63
N HIS G 136 22.32 0.29 -24.73
CA HIS G 136 21.23 -0.39 -23.99
C HIS G 136 21.01 0.10 -22.56
N LYS G 137 21.46 1.30 -22.23
CA LYS G 137 21.21 1.93 -20.94
C LYS G 137 19.71 2.22 -20.77
N ASP G 138 19.29 2.25 -19.52
CA ASP G 138 17.93 2.67 -19.08
C ASP G 138 16.78 1.95 -19.76
N ARG G 139 17.00 0.67 -20.00
CA ARG G 139 15.98 -0.21 -20.56
C ARG G 139 15.57 -1.29 -19.58
N GLY G 140 16.16 -1.27 -18.39
CA GLY G 140 15.90 -2.30 -17.41
C GLY G 140 17.11 -3.00 -16.83
N TRP G 141 18.24 -3.03 -17.52
CA TRP G 141 19.41 -3.76 -16.94
C TRP G 141 19.84 -3.21 -15.57
N GLU G 142 19.94 -1.88 -15.46
CA GLU G 142 20.34 -1.19 -14.22
C GLU G 142 19.47 -1.63 -13.03
N THR G 143 18.18 -1.84 -13.26
CA THR G 143 17.24 -2.18 -12.19
C THR G 143 17.50 -3.62 -11.80
N PHE G 144 17.87 -4.42 -12.79
CA PHE G 144 18.04 -5.81 -12.51
C PHE G 144 19.38 -6.00 -11.84
N THR G 145 20.40 -5.26 -12.26
CA THR G 145 21.65 -5.41 -11.56
C THR G 145 21.67 -4.78 -10.17
N ASP G 146 20.90 -3.71 -10.00
CA ASP G 146 20.71 -3.16 -8.66
C ASP G 146 20.15 -4.23 -7.71
N ALA G 147 19.27 -5.07 -8.21
CA ALA G 147 18.66 -6.14 -7.40
C ALA G 147 19.61 -7.26 -7.09
N VAL G 148 20.61 -7.46 -7.98
CA VAL G 148 21.61 -8.52 -7.79
C VAL G 148 22.55 -8.11 -6.67
N ILE G 149 23.02 -6.88 -6.69
CA ILE G 149 23.92 -6.42 -5.66
C ILE G 149 23.14 -6.30 -4.33
N LYS G 150 21.85 -5.97 -4.38
CA LYS G 150 21.06 -5.88 -3.17
C LYS G 150 20.92 -7.24 -2.49
N TRP G 151 20.73 -8.29 -3.28
CA TRP G 151 20.53 -9.62 -2.71
C TRP G 151 21.82 -10.00 -1.98
N LEU G 152 22.95 -9.56 -2.55
CA LEU G 152 24.25 -9.94 -2.08
C LEU G 152 24.61 -9.20 -0.81
N SER G 153 24.24 -7.93 -0.73
CA SER G 153 24.45 -7.13 0.48
C SER G 153 23.63 -7.68 1.62
N VAL G 154 22.43 -8.07 1.31
CA VAL G 154 21.44 -8.42 2.33
C VAL G 154 21.63 -9.83 2.86
N ASN G 155 21.79 -10.77 1.94
CA ASN G 155 21.76 -12.19 2.25
C ASN G 155 23.14 -12.78 2.53
N ARG G 156 24.18 -12.10 2.05
CA ARG G 156 25.54 -12.58 2.30
C ARG G 156 26.22 -11.75 3.36
N GLU G 157 27.44 -12.13 3.74
CA GLU G 157 28.28 -11.37 4.67
C GLU G 157 29.77 -11.55 4.34
N GLY G 158 30.55 -10.47 4.48
CA GLY G 158 32.00 -10.54 4.37
C GLY G 158 32.54 -10.57 2.95
N VAL G 159 31.64 -10.31 2.00
CA VAL G 159 31.99 -10.16 0.57
C VAL G 159 32.81 -8.89 0.38
N VAL G 160 33.72 -8.92 -0.60
CA VAL G 160 34.61 -7.81 -0.85
C VAL G 160 34.30 -7.20 -2.21
N PHE G 161 33.98 -5.91 -2.20
CA PHE G 161 33.54 -5.20 -3.39
C PHE G 161 34.63 -4.24 -3.87
N LEU G 162 35.06 -4.41 -5.10
CA LEU G 162 36.10 -3.59 -5.71
C LEU G 162 35.37 -2.68 -6.71
N LEU G 163 35.29 -1.39 -6.39
CA LEU G 163 34.51 -0.41 -7.13
C LEU G 163 35.50 0.57 -7.79
N TRP G 164 35.63 0.45 -9.11
CA TRP G 164 36.54 1.24 -9.94
C TRP G 164 35.80 2.26 -10.80
N GLY G 165 36.12 3.55 -10.60
CA GLY G 165 35.37 4.61 -11.28
C GLY G 165 34.12 5.02 -10.52
N SER G 166 33.70 6.26 -10.75
CA SER G 166 32.63 6.85 -9.94
C SER G 166 31.29 6.21 -10.25
N TYR G 167 31.15 5.70 -11.48
CA TYR G 167 29.97 4.95 -11.86
C TYR G 167 29.87 3.76 -10.92
N ALA G 168 30.93 2.98 -10.82
CA ALA G 168 30.95 1.82 -9.96
C ALA G 168 30.69 2.19 -8.53
N HIS G 169 31.24 3.30 -8.06
CA HIS G 169 31.04 3.72 -6.65
C HIS G 169 29.56 4.00 -6.40
N LYS G 170 28.94 4.69 -7.35
CA LYS G 170 27.52 4.98 -7.32
C LYS G 170 26.68 3.72 -7.18
N LYS G 171 26.95 2.71 -7.99
CA LYS G 171 26.20 1.49 -7.95
C LYS G 171 26.39 0.71 -6.67
N GLY G 172 27.52 0.89 -6.01
CA GLY G 172 27.74 0.22 -4.74
C GLY G 172 27.44 1.04 -3.51
N ALA G 173 26.86 2.23 -3.72
CA ALA G 173 26.79 3.20 -2.62
C ALA G 173 25.94 2.72 -1.47
N THR G 174 24.97 1.85 -1.71
CA THR G 174 24.10 1.37 -0.61
C THR G 174 24.42 -0.05 -0.12
N ILE G 175 25.53 -0.62 -0.59
CA ILE G 175 25.99 -1.86 0.00
C ILE G 175 26.24 -1.58 1.48
N ASP G 176 25.79 -2.49 2.32
CA ASP G 176 25.89 -2.34 3.76
C ASP G 176 27.36 -2.46 4.19
N ARG G 177 27.93 -1.37 4.71
CA ARG G 177 29.34 -1.33 5.12
C ARG G 177 29.65 -2.10 6.43
N LYS G 178 28.64 -2.34 7.26
CA LYS G 178 28.82 -3.19 8.43
C LYS G 178 28.93 -4.68 8.07
N ARG G 179 28.02 -5.15 7.20
CA ARG G 179 28.01 -6.53 6.72
C ARG G 179 29.14 -6.86 5.72
N HIS G 180 29.72 -5.86 5.08
CA HIS G 180 30.61 -6.10 3.92
C HIS G 180 31.83 -5.19 3.84
N HIS G 181 32.81 -5.59 3.02
CA HIS G 181 34.00 -4.77 2.76
C HIS G 181 33.93 -4.15 1.38
N VAL G 182 34.03 -2.82 1.31
CA VAL G 182 34.04 -2.10 0.03
C VAL G 182 35.35 -1.40 -0.18
N LEU G 183 35.92 -1.58 -1.37
CA LEU G 183 37.14 -0.89 -1.80
C LEU G 183 36.99 -0.11 -3.10
N GLN G 184 37.49 1.11 -3.06
CA GLN G 184 37.22 2.09 -4.10
C GLN G 184 38.53 2.63 -4.68
N ALA G 185 38.54 2.83 -5.99
CA ALA G 185 39.64 3.41 -6.71
C ALA G 185 39.09 4.05 -7.96
N VAL G 186 39.93 4.86 -8.60
CA VAL G 186 39.57 5.35 -9.92
C VAL G 186 39.71 4.23 -10.95
N HIS G 187 39.25 4.56 -12.13
CA HIS G 187 39.04 3.54 -13.10
C HIS G 187 40.37 3.07 -13.69
N PRO G 188 40.44 1.81 -14.15
CA PRO G 188 41.69 1.36 -14.76
C PRO G 188 41.91 1.86 -16.18
N SER G 189 40.97 2.64 -16.73
CA SER G 189 41.09 3.23 -18.06
C SER G 189 42.42 4.01 -18.07
N PRO G 190 43.16 3.99 -19.19
CA PRO G 190 44.34 4.83 -19.35
C PRO G 190 44.16 6.28 -18.95
N LEU G 191 42.94 6.79 -19.10
CA LEU G 191 42.68 8.18 -18.72
C LEU G 191 42.99 8.38 -17.25
N SER G 192 42.62 7.40 -16.40
CA SER G 192 42.61 7.58 -14.97
C SER G 192 43.62 6.70 -14.22
N ALA G 193 44.24 5.76 -14.89
CA ALA G 193 44.89 4.66 -14.20
C ALA G 193 46.12 5.05 -13.39
N HIS G 194 46.91 5.98 -13.91
CA HIS G 194 48.06 6.48 -13.17
C HIS G 194 47.67 7.54 -12.13
N ARG G 195 46.37 7.74 -11.91
CA ARG G 195 45.94 8.67 -10.87
C ARG G 195 45.22 7.98 -9.72
N GLY G 196 45.57 6.71 -9.51
CA GLY G 196 45.13 5.98 -8.32
C GLY G 196 44.74 4.53 -8.53
N PHE G 197 44.54 4.09 -9.77
CA PHE G 197 44.29 2.66 -9.92
C PHE G 197 45.53 1.80 -9.69
N LEU G 198 46.55 2.14 -10.46
CA LEU G 198 47.89 1.62 -10.29
C LEU G 198 48.41 2.02 -8.91
N GLY G 199 48.70 1.02 -8.11
CA GLY G 199 49.11 1.22 -6.71
C GLY G 199 47.97 0.96 -5.75
N CYS G 200 46.76 0.82 -6.26
CA CYS G 200 45.59 0.54 -5.39
C CYS G 200 45.67 -0.78 -4.62
N LYS G 201 46.37 -1.80 -5.12
CA LYS G 201 46.60 -3.00 -4.34
C LYS G 201 45.31 -3.69 -3.91
N HIS G 202 44.31 -3.60 -4.78
CA HIS G 202 42.99 -4.15 -4.48
C HIS G 202 42.91 -5.65 -4.35
N PHE G 203 43.74 -6.34 -5.11
CA PHE G 203 43.71 -7.79 -5.17
C PHE G 203 44.32 -8.37 -3.89
N SER G 204 45.48 -7.83 -3.49
CA SER G 204 46.14 -8.21 -2.20
C SER G 204 45.24 -7.81 -1.04
N LYS G 205 44.71 -6.59 -1.11
CA LYS G 205 43.74 -6.16 -0.10
C LYS G 205 42.55 -7.11 0.07
N ALA G 206 41.85 -7.43 -1.02
CA ALA G 206 40.71 -8.34 -0.97
C ALA G 206 41.08 -9.60 -0.17
N ASN G 207 42.21 -10.21 -0.55
CA ASN G 207 42.64 -11.45 0.07
C ASN G 207 42.91 -11.33 1.55
N GLY G 208 43.56 -10.25 1.96
CA GLY G 208 43.75 -9.94 3.36
C GLY G 208 42.43 -9.80 4.12
N LEU G 209 41.49 -9.05 3.56
CA LEU G 209 40.20 -8.84 4.23
C LEU G 209 39.43 -10.17 4.32
N LEU G 210 39.43 -10.92 3.23
CA LEU G 210 38.93 -12.31 3.24
C LEU G 210 39.57 -13.18 4.34
N LYS G 211 40.89 -13.08 4.51
CA LYS G 211 41.62 -13.80 5.56
C LYS G 211 41.02 -13.61 6.96
N LEU G 212 40.72 -12.37 7.31
CA LEU G 212 40.16 -12.04 8.62
C LEU G 212 38.88 -12.81 8.96
N SER G 213 38.15 -13.27 7.95
CA SER G 213 36.94 -14.07 8.16
C SER G 213 37.13 -15.58 8.04
N GLY G 214 38.36 -16.03 7.90
CA GLY G 214 38.63 -17.45 7.72
C GLY G 214 38.15 -17.92 6.36
N THR G 215 38.23 -17.02 5.38
CA THR G 215 37.88 -17.33 4.00
C THR G 215 39.14 -17.48 3.13
N GLU G 216 39.20 -18.60 2.42
CA GLU G 216 40.31 -18.90 1.53
C GLU G 216 40.48 -17.81 0.44
N PRO G 217 41.70 -17.28 0.29
CA PRO G 217 42.17 -16.35 -0.74
C PRO G 217 41.77 -16.71 -2.18
N ILE G 218 41.65 -15.68 -3.01
CA ILE G 218 41.49 -15.84 -4.43
C ILE G 218 42.86 -16.06 -5.02
N ASN G 219 43.02 -17.04 -5.90
CA ASN G 219 44.28 -17.17 -6.60
C ASN G 219 44.19 -16.32 -7.87
N TRP G 220 44.56 -15.05 -7.75
CA TRP G 220 44.49 -14.11 -8.86
C TRP G 220 45.40 -14.53 -10.02
N ARG G 221 46.38 -15.40 -9.76
CA ARG G 221 47.29 -15.86 -10.80
C ARG G 221 46.69 -16.94 -11.69
N ALA G 222 45.60 -17.58 -11.25
CA ALA G 222 45.06 -18.75 -11.96
C ALA G 222 44.10 -18.36 -13.10
N LEU G 223 44.67 -17.85 -14.19
CA LEU G 223 43.88 -17.44 -15.34
C LEU G 223 44.20 -18.35 -16.50
N ASN H 3 33.10 6.11 -37.94
CA ASN H 3 32.67 7.47 -37.50
C ASN H 3 33.58 7.97 -36.39
N LEU H 4 33.54 7.38 -35.20
CA LEU H 4 34.47 7.85 -34.15
C LEU H 4 35.92 7.59 -34.54
N SER H 5 36.20 6.48 -35.24
CA SER H 5 37.54 6.21 -35.76
C SER H 5 37.99 7.22 -36.83
N ASP H 6 37.03 7.68 -37.62
CA ASP H 6 37.20 8.83 -38.50
C ASP H 6 37.57 10.13 -37.78
N ILE H 7 36.95 10.41 -36.62
CA ILE H 7 37.35 11.59 -35.85
C ILE H 7 38.83 11.54 -35.45
N ILE H 8 39.26 10.38 -34.95
CA ILE H 8 40.65 10.20 -34.52
C ILE H 8 41.63 10.35 -35.71
N GLU H 9 41.17 9.92 -36.88
CA GLU H 9 41.96 9.99 -38.11
C GLU H 9 42.15 11.46 -38.55
N LYS H 10 41.07 12.24 -38.62
CA LYS H 10 41.15 13.70 -38.88
C LYS H 10 42.22 14.38 -38.04
N GLU H 11 42.09 14.18 -36.73
CA GLU H 11 42.95 14.82 -35.74
C GLU H 11 44.36 14.31 -35.63
N THR H 12 44.57 13.00 -35.82
CA THR H 12 45.88 12.42 -35.56
C THR H 12 46.55 11.85 -36.78
N GLY H 13 45.74 11.55 -37.79
CA GLY H 13 46.21 10.83 -38.96
C GLY H 13 46.24 9.31 -38.82
N LYS H 14 46.02 8.78 -37.63
CA LYS H 14 46.07 7.32 -37.42
C LYS H 14 44.65 6.74 -37.53
N GLN H 15 44.58 5.55 -38.13
CA GLN H 15 43.32 4.87 -38.32
C GLN H 15 43.29 3.81 -37.26
N LEU H 16 42.47 4.00 -36.24
CA LEU H 16 42.53 3.06 -35.12
C LEU H 16 41.20 2.40 -34.90
N VAL H 17 41.24 1.31 -34.15
CA VAL H 17 39.98 0.67 -33.81
C VAL H 17 39.73 0.91 -32.34
N ILE H 18 38.58 1.48 -32.00
CA ILE H 18 38.21 1.59 -30.60
C ILE H 18 37.94 0.20 -29.97
N GLN H 19 38.53 -0.05 -28.80
CA GLN H 19 38.42 -1.36 -28.15
C GLN H 19 37.49 -1.33 -26.94
N GLU H 20 37.22 -0.15 -26.39
CA GLU H 20 36.45 -0.02 -25.17
C GLU H 20 36.00 1.43 -25.02
N SER H 21 34.93 1.58 -24.26
CA SER H 21 34.30 2.88 -24.07
C SER H 21 33.76 2.93 -22.65
N ILE H 22 34.45 3.67 -21.80
CA ILE H 22 34.14 3.74 -20.37
C ILE H 22 33.43 5.06 -20.03
N LEU H 23 32.35 5.00 -19.29
CA LEU H 23 31.58 6.20 -18.98
C LEU H 23 32.26 6.72 -17.75
N MET H 24 32.59 8.01 -17.76
CA MET H 24 33.08 8.76 -16.58
C MET H 24 32.30 10.05 -16.36
N LEU H 25 32.30 10.50 -15.10
CA LEU H 25 31.61 11.73 -14.70
C LEU H 25 32.57 12.92 -14.85
N PRO H 26 32.04 14.16 -14.90
CA PRO H 26 32.81 15.41 -15.03
C PRO H 26 33.93 15.62 -14.02
N GLU H 27 33.64 15.48 -12.74
CA GLU H 27 34.65 15.61 -11.70
C GLU H 27 35.76 14.58 -11.91
N GLU H 28 35.39 13.42 -12.44
CA GLU H 28 36.31 12.31 -12.71
C GLU H 28 37.32 12.72 -13.81
N VAL H 29 36.86 13.40 -14.85
CA VAL H 29 37.74 13.77 -15.98
C VAL H 29 38.50 15.08 -15.80
N GLU H 30 37.86 16.03 -15.12
CA GLU H 30 38.41 17.34 -14.86
C GLU H 30 39.89 17.30 -14.46
N GLU H 31 40.19 16.68 -13.33
CA GLU H 31 41.56 16.68 -12.85
C GLU H 31 42.55 16.49 -14.02
N VAL H 32 42.35 15.43 -14.79
CA VAL H 32 43.28 15.00 -15.83
C VAL H 32 43.39 15.87 -17.10
N ILE H 33 42.26 16.37 -17.59
CA ILE H 33 42.25 17.06 -18.88
C ILE H 33 42.66 18.54 -18.75
N GLY H 34 42.21 19.16 -17.67
CA GLY H 34 42.43 20.60 -17.43
C GLY H 34 41.31 21.44 -18.03
N ASN H 35 40.09 20.96 -17.84
CA ASN H 35 38.89 21.51 -18.46
C ASN H 35 37.80 20.56 -17.95
N LYS H 36 36.66 21.14 -17.56
CA LYS H 36 35.53 20.43 -17.01
C LYS H 36 34.42 20.31 -18.07
N PRO H 37 33.89 19.08 -18.31
CA PRO H 37 32.90 18.86 -19.35
C PRO H 37 31.53 19.15 -18.81
N GLU H 38 30.63 19.62 -19.67
CA GLU H 38 29.27 19.95 -19.23
C GLU H 38 28.53 18.71 -18.67
N SER H 39 28.78 17.54 -19.23
CA SER H 39 28.15 16.31 -18.75
C SER H 39 29.13 15.14 -18.81
N ASP H 40 28.58 13.94 -18.55
CA ASP H 40 29.33 12.70 -18.61
C ASP H 40 29.99 12.45 -19.95
N ILE H 41 31.09 11.70 -19.88
CA ILE H 41 31.99 11.56 -20.99
C ILE H 41 32.27 10.06 -21.16
N LEU H 42 32.20 9.63 -22.41
CA LEU H 42 32.72 8.31 -22.82
C LEU H 42 34.15 8.45 -23.30
N VAL H 43 35.00 7.64 -22.65
CA VAL H 43 36.43 7.52 -22.92
C VAL H 43 36.60 6.30 -23.86
N HIS H 44 36.82 6.66 -25.11
CA HIS H 44 36.85 5.75 -26.25
C HIS H 44 38.29 5.45 -26.55
N THR H 45 38.72 4.24 -26.26
CA THR H 45 40.15 3.98 -26.20
C THR H 45 40.60 3.01 -27.26
N ALA H 46 41.61 3.46 -28.00
CA ALA H 46 42.28 2.68 -29.03
C ALA H 46 43.76 2.53 -28.64
N TYR H 47 44.37 1.46 -29.11
CA TYR H 47 45.79 1.21 -28.85
C TYR H 47 46.52 1.23 -30.17
N ASP H 48 47.49 2.15 -30.29
CA ASP H 48 48.29 2.24 -31.50
C ASP H 48 49.59 1.44 -31.33
N GLU H 49 49.62 0.28 -31.95
CA GLU H 49 50.79 -0.58 -31.84
C GLU H 49 52.03 0.05 -32.50
N SER H 50 51.83 0.98 -33.42
CA SER H 50 52.96 1.60 -34.11
C SER H 50 53.79 2.43 -33.14
N THR H 51 53.10 3.21 -32.30
CA THR H 51 53.75 4.14 -31.40
C THR H 51 53.78 3.71 -29.93
N ASP H 52 53.14 2.58 -29.62
CA ASP H 52 52.96 2.15 -28.23
C ASP H 52 52.27 3.28 -27.45
N GLU H 53 51.15 3.74 -28.00
CA GLU H 53 50.34 4.78 -27.40
C GLU H 53 48.89 4.36 -27.23
N ASN H 54 48.34 4.66 -26.06
CA ASN H 54 46.87 4.79 -25.92
C ASN H 54 46.31 6.10 -26.44
N VAL H 55 45.27 6.00 -27.28
CA VAL H 55 44.61 7.15 -27.92
C VAL H 55 43.12 7.12 -27.53
N MET H 56 42.69 8.20 -26.90
CA MET H 56 41.40 8.26 -26.25
C MET H 56 40.58 9.40 -26.80
N LEU H 57 39.43 9.06 -27.35
CA LEU H 57 38.47 10.04 -27.80
C LEU H 57 37.34 10.19 -26.78
N LEU H 58 37.33 11.37 -26.16
CA LEU H 58 36.32 11.71 -25.18
C LEU H 58 35.10 12.36 -25.86
N THR H 59 33.95 11.79 -25.59
CA THR H 59 32.70 12.23 -26.19
C THR H 59 31.64 12.30 -25.14
N SER H 60 30.61 13.12 -25.34
CA SER H 60 29.38 13.01 -24.53
C SER H 60 28.83 11.58 -24.60
N ASP H 61 27.96 11.26 -23.65
CA ASP H 61 27.24 10.01 -23.67
C ASP H 61 26.42 9.72 -24.94
N ALA H 62 25.97 8.47 -25.01
CA ALA H 62 24.98 8.02 -25.97
C ALA H 62 23.69 8.73 -25.54
N PRO H 63 22.86 9.19 -26.49
CA PRO H 63 22.95 8.95 -27.94
C PRO H 63 23.83 9.84 -28.82
N GLU H 64 24.33 10.99 -28.34
CA GLU H 64 25.00 11.96 -29.23
C GLU H 64 26.49 11.76 -29.54
N TYR H 65 27.28 11.22 -28.60
CA TYR H 65 28.71 11.06 -28.77
C TYR H 65 29.42 12.28 -29.35
N LYS H 66 29.23 13.44 -28.73
CA LYS H 66 29.85 14.64 -29.28
C LYS H 66 31.31 14.72 -28.88
N PRO H 67 32.22 14.73 -29.87
CA PRO H 67 33.64 14.90 -29.62
C PRO H 67 33.96 16.12 -28.73
N TRP H 68 34.76 15.88 -27.67
CA TRP H 68 35.09 16.87 -26.66
C TRP H 68 36.61 17.06 -26.51
N ALA H 69 37.35 15.98 -26.28
CA ALA H 69 38.83 16.01 -26.24
C ALA H 69 39.46 14.77 -26.87
N LEU H 70 40.72 14.87 -27.25
CA LEU H 70 41.51 13.70 -27.60
C LEU H 70 42.77 13.72 -26.78
N VAL H 71 43.07 12.57 -26.18
CA VAL H 71 44.24 12.45 -25.32
C VAL H 71 45.10 11.32 -25.90
N ILE H 72 46.39 11.61 -26.14
CA ILE H 72 47.38 10.62 -26.58
C ILE H 72 48.39 10.35 -25.48
N GLN H 73 48.43 9.10 -25.05
CA GLN H 73 49.21 8.73 -23.88
C GLN H 73 50.35 7.82 -24.28
N ASP H 74 51.55 8.13 -23.83
CA ASP H 74 52.67 7.21 -24.05
C ASP H 74 52.67 6.12 -22.98
N SER H 75 53.66 5.25 -23.09
CA SER H 75 53.67 4.05 -22.30
C SER H 75 53.79 4.31 -20.78
N ASN H 76 54.42 5.42 -20.39
CA ASN H 76 54.53 5.83 -18.97
C ASN H 76 53.35 6.69 -18.46
N GLY H 77 52.38 6.96 -19.33
CA GLY H 77 51.14 7.62 -18.89
C GLY H 77 51.13 9.13 -19.04
N GLU H 78 52.13 9.67 -19.73
CA GLU H 78 52.14 11.11 -19.93
C GLU H 78 51.19 11.41 -21.05
N ASN H 79 50.36 12.43 -20.89
CA ASN H 79 49.35 12.75 -21.88
C ASN H 79 49.74 13.94 -22.72
N LYS H 80 49.26 13.91 -23.96
CA LYS H 80 49.19 15.07 -24.83
C LYS H 80 47.70 15.30 -25.05
N ILE H 81 47.19 16.41 -24.54
CA ILE H 81 45.75 16.71 -24.62
C ILE H 81 45.33 17.76 -25.65
N LYS H 82 44.61 17.32 -26.67
CA LYS H 82 43.96 18.22 -27.58
C LYS H 82 42.52 18.41 -27.15
N MET H 83 42.08 19.65 -26.95
CA MET H 83 40.64 19.87 -26.94
C MET H 83 40.18 19.98 -28.38
N LEU H 84 38.96 19.54 -28.63
CA LEU H 84 38.32 19.58 -29.95
C LEU H 84 37.13 20.51 -29.87
N MET I 1 93.06 -15.00 -5.04
CA MET I 1 92.81 -14.73 -3.60
C MET I 1 91.45 -15.25 -3.12
N GLU I 2 91.31 -15.33 -1.81
CA GLU I 2 90.18 -16.04 -1.26
C GLU I 2 88.88 -15.40 -1.74
N PHE I 3 87.91 -16.23 -2.11
CA PHE I 3 86.53 -15.80 -2.46
C PHE I 3 86.45 -14.84 -3.65
N PHE I 4 87.34 -15.03 -4.62
CA PHE I 4 87.46 -14.12 -5.76
C PHE I 4 87.65 -15.02 -6.99
N GLY I 5 86.67 -15.00 -7.91
CA GLY I 5 86.69 -15.85 -9.10
C GLY I 5 88.01 -15.68 -9.86
N GLU I 6 88.54 -16.78 -10.37
CA GLU I 6 89.91 -16.81 -10.91
C GLU I 6 90.13 -16.02 -12.23
N THR I 7 89.13 -15.99 -13.10
CA THR I 7 89.24 -15.25 -14.35
C THR I 7 89.29 -13.75 -14.08
N TRP I 8 88.55 -13.29 -13.09
CA TRP I 8 88.67 -11.90 -12.70
C TRP I 8 90.01 -11.64 -12.02
N ARG I 9 90.30 -12.40 -10.98
CA ARG I 9 91.61 -12.26 -10.31
C ARG I 9 92.72 -12.05 -11.33
N ARG I 10 92.80 -12.95 -12.29
CA ARG I 10 93.87 -12.93 -13.26
C ARG I 10 94.01 -11.56 -13.97
N GLU I 11 92.89 -11.04 -14.41
CA GLU I 11 92.88 -9.78 -15.12
C GLU I 11 93.13 -8.56 -14.26
N LEU I 12 92.72 -8.63 -13.00
CA LEU I 12 92.76 -7.49 -12.09
C LEU I 12 93.92 -7.62 -11.10
N ALA I 13 94.87 -8.53 -11.34
CA ALA I 13 95.92 -8.78 -10.35
C ALA I 13 96.87 -7.62 -10.04
N ALA I 14 97.15 -6.73 -10.98
CA ALA I 14 98.02 -5.58 -10.69
C ALA I 14 97.45 -4.70 -9.55
N GLU I 15 96.13 -4.64 -9.49
CA GLU I 15 95.44 -3.90 -8.45
C GLU I 15 95.80 -4.32 -7.04
N PHE I 16 95.87 -5.63 -6.80
CA PHE I 16 96.05 -6.12 -5.42
C PHE I 16 97.38 -5.75 -4.79
N GLU I 17 98.39 -5.47 -5.60
CA GLU I 17 99.73 -5.16 -5.10
C GLU I 17 99.96 -3.67 -4.93
N LYS I 18 98.95 -2.87 -5.26
CA LYS I 18 99.11 -1.42 -5.21
C LYS I 18 98.93 -0.94 -3.77
N PRO I 19 99.69 0.10 -3.36
CA PRO I 19 99.49 0.60 -2.00
C PRO I 19 98.05 0.97 -1.60
N TYR I 20 97.28 1.57 -2.50
CA TYR I 20 95.92 1.98 -2.16
C TYR I 20 95.13 0.73 -1.75
N PHE I 21 95.29 -0.35 -2.51
CA PHE I 21 94.59 -1.64 -2.26
C PHE I 21 95.04 -2.32 -0.97
N LYS I 22 96.35 -2.45 -0.76
CA LYS I 22 96.85 -2.99 0.52
C LYS I 22 96.29 -2.12 1.69
N GLN I 23 96.30 -0.80 1.48
CA GLN I 23 95.84 0.10 2.53
C GLN I 23 94.35 -0.14 2.80
N LEU I 24 93.58 -0.38 1.74
CA LEU I 24 92.20 -0.77 1.87
C LEU I 24 92.02 -2.09 2.62
N MET I 25 92.78 -3.12 2.28
CA MET I 25 92.63 -4.39 3.01
C MET I 25 92.80 -4.17 4.53
N SER I 26 93.82 -3.43 4.92
CA SER I 26 94.08 -3.26 6.34
C SER I 26 93.00 -2.43 7.03
N PHE I 27 92.38 -1.48 6.28
CA PHE I 27 91.28 -0.72 6.83
C PHE I 27 90.12 -1.69 7.10
N VAL I 28 89.78 -2.52 6.11
CA VAL I 28 88.66 -3.43 6.22
C VAL I 28 88.79 -4.34 7.42
N ALA I 29 89.98 -4.94 7.57
CA ALA I 29 90.31 -5.82 8.69
C ALA I 29 90.28 -5.12 10.06
N ASP I 30 90.85 -3.95 10.15
CA ASP I 30 90.68 -3.16 11.37
C ASP I 30 89.21 -3.02 11.72
N GLU I 31 88.37 -2.79 10.71
CA GLU I 31 86.93 -2.57 10.92
C GLU I 31 86.30 -3.87 11.40
N ARG I 32 86.60 -4.95 10.69
CA ARG I 32 86.10 -6.26 11.07
C ARG I 32 86.56 -6.70 12.49
N SER I 33 87.69 -6.17 12.98
CA SER I 33 88.19 -6.46 14.36
C SER I 33 87.48 -5.67 15.50
N ARG I 34 86.94 -4.50 15.19
CA ARG I 34 86.16 -3.74 16.16
C ARG I 34 84.64 -3.81 15.94
N HIS I 35 84.19 -3.98 14.70
CA HIS I 35 82.75 -3.92 14.44
C HIS I 35 82.24 -5.03 13.54
N THR I 36 80.94 -5.01 13.29
CA THR I 36 80.36 -5.85 12.26
C THR I 36 80.36 -5.12 10.91
N VAL I 37 80.94 -5.79 9.91
CA VAL I 37 80.99 -5.28 8.55
C VAL I 37 80.14 -6.16 7.62
N TYR I 38 79.37 -5.55 6.72
CA TYR I 38 78.64 -6.30 5.69
C TYR I 38 79.15 -5.98 4.29
N PRO I 39 79.11 -6.93 3.34
CA PRO I 39 78.74 -8.32 3.51
C PRO I 39 79.80 -9.05 4.34
N PRO I 40 79.49 -10.26 4.83
CA PRO I 40 80.49 -11.15 5.41
C PRO I 40 81.67 -11.25 4.47
N ALA I 41 82.88 -11.46 4.98
CA ALA I 41 84.05 -11.51 4.09
C ALA I 41 83.92 -12.53 2.94
N ASP I 42 83.22 -13.63 3.17
CA ASP I 42 83.06 -14.66 2.11
C ASP I 42 82.16 -14.21 0.91
N GLN I 43 81.48 -13.08 1.04
CA GLN I 43 80.55 -12.58 0.03
C GLN I 43 80.97 -11.27 -0.62
N VAL I 44 82.04 -10.66 -0.12
CA VAL I 44 82.49 -9.38 -0.65
C VAL I 44 82.63 -9.41 -2.15
N TYR I 45 83.15 -10.52 -2.69
CA TYR I 45 83.37 -10.60 -4.11
C TYR I 45 82.44 -11.61 -4.76
N SER I 46 81.20 -11.71 -4.27
CA SER I 46 80.21 -12.60 -4.92
C SER I 46 80.07 -12.32 -6.42
N TRP I 47 80.07 -11.05 -6.78
CA TRP I 47 80.00 -10.60 -8.17
C TRP I 47 81.07 -11.17 -9.12
N THR I 48 82.18 -11.69 -8.59
CA THR I 48 83.19 -12.30 -9.47
C THR I 48 83.04 -13.80 -9.53
N GLU I 49 82.12 -14.36 -8.74
CA GLU I 49 81.97 -15.79 -8.60
C GLU I 49 80.86 -16.35 -9.48
N MET I 50 80.03 -15.47 -10.03
CA MET I 50 78.77 -15.87 -10.69
C MET I 50 78.89 -16.14 -12.18
N CYS I 51 79.83 -15.46 -12.83
CA CYS I 51 80.19 -15.77 -14.20
C CYS I 51 81.62 -15.34 -14.38
N ASP I 52 82.30 -15.87 -15.39
CA ASP I 52 83.67 -15.46 -15.70
C ASP I 52 83.63 -14.05 -16.28
N ILE I 53 84.78 -13.40 -16.35
CA ILE I 53 84.86 -11.99 -16.79
C ILE I 53 84.49 -11.74 -18.26
N GLN I 54 84.88 -12.67 -19.14
CA GLN I 54 84.52 -12.66 -20.57
C GLN I 54 83.02 -12.84 -20.81
N ASP I 55 82.27 -13.24 -19.81
CA ASP I 55 80.88 -13.57 -19.95
C ASP I 55 79.95 -12.44 -19.50
N VAL I 56 80.55 -11.34 -19.07
CA VAL I 56 79.84 -10.11 -18.68
C VAL I 56 79.23 -9.50 -19.92
N LYS I 57 77.94 -9.21 -19.84
CA LYS I 57 77.16 -8.71 -20.97
C LYS I 57 76.62 -7.34 -20.64
N VAL I 58 76.13 -7.17 -19.43
CA VAL I 58 75.46 -5.95 -18.98
C VAL I 58 76.08 -5.65 -17.63
N VAL I 59 76.21 -4.35 -17.33
CA VAL I 59 76.84 -3.89 -16.08
C VAL I 59 75.87 -2.94 -15.41
N ILE I 60 75.47 -3.26 -14.19
CA ILE I 60 74.65 -2.35 -13.41
C ILE I 60 75.45 -1.91 -12.20
N LEU I 61 75.46 -0.64 -11.91
CA LEU I 61 76.27 -0.12 -10.81
C LEU I 61 75.42 0.20 -9.61
N GLY I 62 75.91 -0.18 -8.44
CA GLY I 62 75.31 0.23 -7.15
C GLY I 62 76.33 1.13 -6.42
N GLN I 63 76.01 1.52 -5.18
CA GLN I 63 76.86 2.43 -4.39
C GLN I 63 77.52 1.56 -3.35
N ASP I 64 76.92 1.43 -2.15
CA ASP I 64 77.52 0.59 -1.10
C ASP I 64 76.57 -0.52 -0.61
N PRO I 65 77.09 -1.48 0.16
CA PRO I 65 76.16 -2.57 0.52
C PRO I 65 75.14 -2.14 1.55
N TYR I 66 74.01 -2.84 1.55
CA TYR I 66 73.01 -2.70 2.58
C TYR I 66 73.69 -2.92 3.92
N HIS I 67 73.25 -2.15 4.91
CA HIS I 67 73.99 -2.04 6.15
C HIS I 67 73.27 -2.69 7.35
N GLY I 68 72.16 -3.38 7.07
CA GLY I 68 71.43 -4.17 8.11
C GLY I 68 71.80 -5.64 8.02
N PRO I 69 71.51 -6.42 9.07
CA PRO I 69 71.95 -7.82 9.10
C PRO I 69 71.35 -8.72 8.04
N ASN I 70 72.18 -9.64 7.51
CA ASN I 70 71.74 -10.68 6.57
C ASN I 70 71.00 -10.14 5.34
N GLN I 71 71.49 -9.04 4.77
CA GLN I 71 70.80 -8.37 3.66
C GLN I 71 71.70 -8.39 2.43
N ALA I 72 72.79 -7.65 2.46
CA ALA I 72 73.77 -7.62 1.36
C ALA I 72 74.48 -8.95 1.29
N HIS I 73 74.74 -9.42 0.06
CA HIS I 73 75.50 -10.64 -0.18
C HIS I 73 76.47 -10.55 -1.37
N GLY I 74 76.85 -9.34 -1.70
CA GLY I 74 77.91 -9.09 -2.66
C GLY I 74 77.52 -8.71 -4.05
N LEU I 75 76.25 -8.38 -4.25
CA LEU I 75 75.69 -7.92 -5.53
C LEU I 75 74.99 -6.61 -5.24
N CYS I 76 75.12 -5.63 -6.12
CA CYS I 76 74.36 -4.39 -6.00
C CYS I 76 72.85 -4.62 -6.07
N PHE I 77 72.09 -3.85 -5.32
CA PHE I 77 70.64 -3.99 -5.20
C PHE I 77 70.08 -5.30 -4.64
N SER I 78 70.69 -6.43 -4.95
CA SER I 78 70.27 -7.73 -4.45
C SER I 78 70.22 -7.89 -2.93
N VAL I 79 69.27 -8.68 -2.46
CA VAL I 79 69.17 -9.06 -1.06
C VAL I 79 68.99 -10.57 -0.90
N GLN I 80 69.60 -11.07 0.16
CA GLN I 80 69.58 -12.49 0.45
C GLN I 80 68.14 -12.86 0.76
N LYS I 81 67.75 -14.04 0.30
CA LYS I 81 66.50 -14.66 0.72
C LYS I 81 66.61 -14.92 2.21
N PRO I 82 65.58 -14.54 2.99
CA PRO I 82 64.23 -14.22 2.55
C PRO I 82 63.90 -12.73 2.61
N VAL I 83 64.89 -11.87 2.53
CA VAL I 83 64.66 -10.44 2.77
C VAL I 83 63.71 -9.93 1.68
N PRO I 84 62.72 -9.13 2.06
CA PRO I 84 61.83 -8.53 1.05
C PRO I 84 62.62 -7.57 0.16
N PRO I 85 62.25 -7.42 -1.11
CA PRO I 85 63.02 -6.43 -1.91
C PRO I 85 63.07 -5.00 -1.34
N PRO I 86 64.27 -4.40 -1.16
CA PRO I 86 64.24 -3.01 -0.68
C PRO I 86 63.59 -2.02 -1.65
N PRO I 87 63.32 -0.79 -1.18
CA PRO I 87 62.48 0.04 -2.03
C PRO I 87 62.99 0.32 -3.46
N SER I 88 64.29 0.37 -3.68
CA SER I 88 64.80 0.63 -5.05
C SER I 88 64.50 -0.62 -5.91
N LEU I 89 64.58 -1.80 -5.28
CA LEU I 89 64.41 -3.03 -6.01
C LEU I 89 62.90 -3.22 -6.32
N VAL I 90 62.03 -2.69 -5.47
CA VAL I 90 60.61 -2.77 -5.73
C VAL I 90 60.40 -2.06 -7.10
N ASN I 91 61.00 -0.88 -7.25
CA ASN I 91 60.88 -0.09 -8.50
C ASN I 91 61.63 -0.68 -9.70
N ILE I 92 62.77 -1.32 -9.46
CA ILE I 92 63.38 -2.16 -10.52
C ILE I 92 62.33 -3.18 -10.99
N TYR I 93 61.66 -3.88 -10.06
CA TYR I 93 60.69 -4.86 -10.51
C TYR I 93 59.48 -4.24 -11.22
N LYS I 94 59.04 -3.08 -10.75
CA LYS I 94 57.96 -2.38 -11.40
C LYS I 94 58.24 -2.07 -12.83
N GLU I 95 59.45 -1.58 -13.11
CA GLU I 95 59.84 -1.27 -14.49
C GLU I 95 59.79 -2.55 -15.33
N LEU I 96 60.38 -3.59 -14.77
CA LEU I 96 60.41 -4.91 -15.34
C LEU I 96 59.02 -5.45 -15.65
N CYS I 97 58.06 -5.19 -14.76
CA CYS I 97 56.67 -5.59 -14.96
C CYS I 97 56.14 -4.98 -16.27
N THR I 98 56.56 -3.77 -16.60
CA THR I 98 56.08 -3.11 -17.81
C THR I 98 56.98 -3.38 -19.01
N ASP I 99 58.27 -3.64 -18.74
CA ASP I 99 59.31 -3.62 -19.77
C ASP I 99 59.59 -4.99 -20.42
N ILE I 100 59.46 -6.05 -19.62
CA ILE I 100 59.73 -7.38 -20.08
C ILE I 100 58.43 -8.14 -20.09
N ASP I 101 57.98 -8.41 -21.31
CA ASP I 101 56.84 -9.28 -21.59
C ASP I 101 57.05 -10.58 -20.84
N GLY I 102 56.04 -11.04 -20.11
CA GLY I 102 56.14 -12.30 -19.36
C GLY I 102 56.95 -12.22 -18.08
N PHE I 103 57.37 -11.04 -17.66
CA PHE I 103 58.01 -10.92 -16.37
C PHE I 103 57.06 -11.27 -15.21
N LYS I 104 57.60 -11.83 -14.14
CA LYS I 104 56.84 -11.90 -12.86
C LYS I 104 57.71 -11.64 -11.63
N HIS I 105 57.10 -11.09 -10.57
CA HIS I 105 57.83 -10.97 -9.30
C HIS I 105 58.19 -12.37 -8.82
N PRO I 106 59.47 -12.59 -8.50
CA PRO I 106 59.94 -13.91 -8.06
C PRO I 106 59.64 -14.33 -6.61
N GLY I 107 59.02 -13.48 -5.80
CA GLY I 107 58.78 -13.76 -4.37
C GLY I 107 59.98 -13.47 -3.47
N HIS I 108 60.97 -12.73 -3.98
CA HIS I 108 62.25 -12.53 -3.25
C HIS I 108 63.15 -11.51 -3.97
N GLY I 109 64.21 -11.06 -3.31
CA GLY I 109 65.08 -9.99 -3.81
C GLY I 109 66.48 -10.43 -4.22
N ASP I 110 66.64 -11.71 -4.48
CA ASP I 110 67.92 -12.25 -4.77
C ASP I 110 68.05 -12.24 -6.29
N LEU I 111 69.02 -11.46 -6.79
CA LEU I 111 69.32 -11.37 -8.20
C LEU I 111 70.48 -12.22 -8.68
N SER I 112 70.88 -13.22 -7.90
CA SER I 112 71.87 -14.17 -8.43
C SER I 112 71.55 -14.75 -9.81
N GLY I 113 70.28 -14.96 -10.15
CA GLY I 113 69.91 -15.45 -11.50
C GLY I 113 70.38 -14.54 -12.66
N TRP I 114 70.45 -13.24 -12.41
CA TRP I 114 70.95 -12.35 -13.46
C TRP I 114 72.48 -12.44 -13.51
N ALA I 115 73.13 -12.38 -12.37
CA ALA I 115 74.60 -12.49 -12.34
C ALA I 115 75.09 -13.70 -13.10
N LYS I 116 74.40 -14.83 -12.92
CA LYS I 116 74.80 -16.05 -13.60
C LYS I 116 74.73 -15.94 -15.12
N GLN I 117 73.90 -15.02 -15.60
CA GLN I 117 73.76 -14.77 -17.03
C GLN I 117 74.68 -13.72 -17.61
N GLY I 118 75.63 -13.18 -16.84
CA GLY I 118 76.45 -12.10 -17.36
C GLY I 118 76.04 -10.67 -17.00
N VAL I 119 75.21 -10.50 -15.98
CA VAL I 119 74.95 -9.14 -15.50
C VAL I 119 75.85 -8.91 -14.28
N LEU I 120 76.82 -8.03 -14.46
CA LEU I 120 77.70 -7.63 -13.37
C LEU I 120 76.89 -6.69 -12.48
N LEU I 121 76.73 -7.10 -11.24
CA LEU I 121 76.00 -6.36 -10.21
C LEU I 121 77.05 -5.81 -9.26
N LEU I 122 77.67 -4.74 -9.70
CA LEU I 122 78.86 -4.20 -9.08
C LEU I 122 78.50 -2.97 -8.29
N ASN I 123 78.58 -3.09 -6.97
CA ASN I 123 78.65 -1.91 -6.08
C ASN I 123 79.97 -1.16 -6.17
N ALA I 124 79.88 0.16 -6.02
CA ALA I 124 81.07 1.00 -6.13
C ALA I 124 81.99 0.81 -4.92
N VAL I 125 81.34 0.65 -3.76
CA VAL I 125 81.95 0.41 -2.46
C VAL I 125 81.46 -0.96 -2.01
N LEU I 126 82.35 -1.86 -1.60
CA LEU I 126 82.07 -3.31 -1.42
C LEU I 126 81.90 -3.76 0.02
N THR I 127 82.16 -2.85 0.97
CA THR I 127 81.87 -3.08 2.39
C THR I 127 81.17 -1.89 3.05
N VAL I 128 80.51 -2.14 4.17
CA VAL I 128 79.91 -1.07 5.00
C VAL I 128 79.92 -1.54 6.45
N ARG I 129 80.27 -0.68 7.41
CA ARG I 129 80.11 -0.91 8.85
C ARG I 129 78.64 -1.02 9.16
N ALA I 130 78.27 -2.03 9.93
CA ALA I 130 76.86 -2.27 10.23
C ALA I 130 76.21 -0.98 10.69
N HIS I 131 74.97 -0.80 10.23
CA HIS I 131 74.06 0.30 10.55
C HIS I 131 74.60 1.71 10.31
N GLN I 132 75.55 1.88 9.39
CA GLN I 132 76.07 3.22 9.06
C GLN I 132 76.33 3.35 7.56
N ALA I 133 75.31 3.86 6.86
CA ALA I 133 75.39 3.96 5.42
C ALA I 133 76.60 4.78 4.95
N ASN I 134 77.31 4.29 3.94
CA ASN I 134 78.43 5.07 3.33
C ASN I 134 79.65 5.24 4.28
N SER I 135 79.72 4.39 5.30
CA SER I 135 80.77 4.47 6.30
C SER I 135 82.16 4.09 5.78
N HIS I 136 82.19 3.30 4.69
CA HIS I 136 83.44 2.86 4.11
C HIS I 136 83.79 3.55 2.79
N LYS I 137 83.20 4.74 2.59
CA LYS I 137 83.53 5.60 1.46
C LYS I 137 84.94 6.20 1.53
N ASP I 138 85.56 6.27 0.36
CA ASP I 138 86.86 6.92 0.16
C ASP I 138 87.96 6.10 0.86
N ARG I 139 87.82 4.78 0.94
CA ARG I 139 88.81 3.99 1.66
C ARG I 139 89.61 3.08 0.73
N GLY I 140 89.21 3.00 -0.52
CA GLY I 140 89.90 2.14 -1.50
C GLY I 140 88.92 1.58 -2.52
N TRP I 141 87.70 1.31 -2.10
CA TRP I 141 86.77 0.57 -2.93
C TRP I 141 86.54 1.26 -4.28
N GLU I 142 86.25 2.56 -4.27
CA GLU I 142 85.86 3.27 -5.48
C GLU I 142 86.99 3.27 -6.50
N THR I 143 88.20 3.40 -5.95
CA THR I 143 89.40 3.26 -6.78
C THR I 143 89.52 1.89 -7.39
N PHE I 144 89.24 0.82 -6.64
CA PHE I 144 89.31 -0.54 -7.19
C PHE I 144 88.19 -0.79 -8.20
N THR I 145 86.97 -0.38 -7.84
CA THR I 145 85.81 -0.63 -8.71
C THR I 145 85.89 0.22 -9.96
N ASP I 146 86.55 1.39 -9.86
CA ASP I 146 86.93 2.14 -11.08
C ASP I 146 87.78 1.25 -11.99
N ALA I 147 88.77 0.56 -11.40
CA ALA I 147 89.67 -0.35 -12.16
C ALA I 147 88.94 -1.51 -12.87
N VAL I 148 87.86 -2.00 -12.26
CA VAL I 148 87.07 -3.06 -12.83
C VAL I 148 86.32 -2.50 -14.03
N ILE I 149 85.64 -1.38 -13.84
CA ILE I 149 84.90 -0.78 -14.91
C ILE I 149 85.85 -0.42 -16.08
N LYS I 150 87.03 0.09 -15.79
CA LYS I 150 88.00 0.47 -16.81
CA LYS I 150 87.99 0.48 -16.83
C LYS I 150 88.52 -0.76 -17.57
N TRP I 151 88.65 -1.88 -16.85
CA TRP I 151 89.16 -3.08 -17.47
C TRP I 151 88.18 -3.48 -18.57
N LEU I 152 86.89 -3.38 -18.23
CA LEU I 152 85.83 -3.72 -19.17
C LEU I 152 85.82 -2.79 -20.38
N SER I 153 85.91 -1.48 -20.11
CA SER I 153 85.92 -0.47 -21.17
C SER I 153 87.03 -0.75 -22.16
N VAL I 154 88.22 -1.01 -21.64
CA VAL I 154 89.40 -1.08 -22.49
C VAL I 154 89.49 -2.46 -23.15
N ASN I 155 89.10 -3.54 -22.48
CA ASN I 155 89.38 -4.89 -23.06
C ASN I 155 88.25 -5.64 -23.76
N ARG I 156 87.06 -5.06 -23.78
CA ARG I 156 85.88 -5.75 -24.30
C ARG I 156 85.28 -4.91 -25.38
N GLU I 157 84.35 -5.48 -26.13
CA GLU I 157 83.53 -4.70 -27.08
C GLU I 157 82.04 -4.92 -26.84
N GLY I 158 81.24 -3.85 -26.93
CA GLY I 158 79.74 -3.93 -26.92
C GLY I 158 79.10 -4.35 -25.59
N VAL I 159 79.75 -4.04 -24.49
CA VAL I 159 79.11 -4.23 -23.16
C VAL I 159 78.08 -3.15 -22.98
N VAL I 160 77.00 -3.48 -22.30
CA VAL I 160 75.92 -2.54 -22.06
C VAL I 160 76.01 -2.15 -20.62
N PHE I 161 76.20 -0.87 -20.37
CA PHE I 161 76.23 -0.37 -18.99
C PHE I 161 74.93 0.36 -18.69
N LEU I 162 74.29 -0.04 -17.59
CA LEU I 162 73.08 0.63 -17.06
C LEU I 162 73.43 1.43 -15.80
N LEU I 163 73.33 2.76 -15.87
CA LEU I 163 73.83 3.69 -14.84
C LEU I 163 72.68 4.55 -14.31
N TRP I 164 72.34 4.29 -13.05
CA TRP I 164 71.16 4.75 -12.41
C TRP I 164 71.52 5.74 -11.33
N GLY I 165 71.05 6.99 -11.43
CA GLY I 165 71.38 8.00 -10.40
C GLY I 165 72.66 8.72 -10.74
N SER I 166 72.80 9.98 -10.32
CA SER I 166 73.97 10.82 -10.71
C SER I 166 75.35 10.33 -10.24
N TYR I 167 75.40 9.61 -9.11
CA TYR I 167 76.66 9.01 -8.65
C TYR I 167 77.15 7.93 -9.62
N ALA I 168 76.24 7.08 -10.11
CA ALA I 168 76.56 6.09 -11.11
C ALA I 168 76.99 6.77 -12.44
N HIS I 169 76.30 7.83 -12.85
CA HIS I 169 76.63 8.50 -14.10
C HIS I 169 78.08 8.99 -14.08
N LYS I 170 78.43 9.65 -12.98
CA LYS I 170 79.81 10.09 -12.77
CA LYS I 170 79.79 10.09 -12.76
C LYS I 170 80.75 8.88 -12.76
N LYS I 171 80.36 7.78 -12.12
CA LYS I 171 81.27 6.67 -12.14
C LYS I 171 81.47 6.08 -13.53
N GLY I 172 80.47 6.25 -14.39
CA GLY I 172 80.53 5.67 -15.75
C GLY I 172 81.10 6.61 -16.81
N ALA I 173 81.43 7.84 -16.40
CA ALA I 173 81.72 8.93 -17.31
C ALA I 173 82.95 8.76 -18.20
N THR I 174 83.82 7.80 -17.92
CA THR I 174 84.98 7.51 -18.74
C THR I 174 84.78 6.24 -19.56
N ILE I 175 83.62 5.60 -19.45
CA ILE I 175 83.36 4.44 -20.29
C ILE I 175 83.40 4.90 -21.77
N ASP I 176 84.23 4.23 -22.57
CA ASP I 176 84.40 4.52 -24.00
C ASP I 176 83.12 4.22 -24.76
N ARG I 177 82.38 5.28 -25.03
CA ARG I 177 81.06 5.19 -25.67
C ARG I 177 81.11 4.75 -27.11
N LYS I 178 82.27 4.85 -27.74
CA LYS I 178 82.47 4.32 -29.08
C LYS I 178 82.35 2.81 -29.06
N ARG I 179 82.95 2.19 -28.03
CA ARG I 179 83.08 0.73 -27.92
C ARG I 179 81.93 0.10 -27.15
N HIS I 180 81.26 0.88 -26.29
CA HIS I 180 80.23 0.35 -25.42
C HIS I 180 78.96 1.18 -25.45
N HIS I 181 77.88 0.55 -24.98
CA HIS I 181 76.56 1.19 -24.88
C HIS I 181 76.24 1.56 -23.43
N VAL I 182 76.00 2.83 -23.19
CA VAL I 182 75.85 3.33 -21.83
C VAL I 182 74.53 4.04 -21.74
N LEU I 183 73.66 3.60 -20.82
CA LEU I 183 72.30 4.09 -20.81
C LEU I 183 72.14 4.60 -19.43
N GLN I 184 71.52 5.76 -19.32
CA GLN I 184 71.44 6.49 -18.07
C GLN I 184 69.99 6.74 -17.74
N ALA I 185 69.61 6.65 -16.47
CA ALA I 185 68.35 7.18 -16.03
C ALA I 185 68.59 7.66 -14.60
N VAL I 186 67.60 8.33 -14.04
CA VAL I 186 67.58 8.62 -12.60
C VAL I 186 67.58 7.34 -11.77
N HIS I 187 67.67 7.49 -10.45
CA HIS I 187 67.87 6.34 -9.58
C HIS I 187 66.51 5.71 -9.39
N PRO I 188 66.47 4.39 -9.16
CA PRO I 188 65.16 3.80 -8.90
C PRO I 188 64.61 4.04 -7.49
N SER I 189 65.31 4.78 -6.64
CA SER I 189 64.75 5.05 -5.29
C SER I 189 63.42 5.80 -5.35
N PRO I 190 62.51 5.66 -4.36
CA PRO I 190 61.20 6.32 -4.53
C PRO I 190 61.30 7.81 -4.68
N LEU I 191 62.35 8.39 -4.14
CA LEU I 191 62.44 9.84 -4.21
C LEU I 191 62.58 10.30 -5.66
N SER I 192 63.21 9.47 -6.50
CA SER I 192 63.51 9.83 -7.90
C SER I 192 62.91 8.99 -9.06
N ALA I 193 62.26 7.86 -8.77
CA ALA I 193 61.84 6.90 -9.81
C ALA I 193 60.86 7.46 -10.81
N HIS I 194 59.85 8.17 -10.32
CA HIS I 194 58.89 8.82 -11.19
C HIS I 194 59.43 9.97 -11.99
N ARG I 195 60.69 10.32 -11.80
CA ARG I 195 61.33 11.38 -12.60
C ARG I 195 62.11 10.79 -13.74
N GLY I 196 61.73 9.58 -14.14
CA GLY I 196 62.29 9.01 -15.33
C GLY I 196 62.87 7.61 -15.25
N PHE I 197 62.88 6.95 -14.08
CA PHE I 197 63.34 5.54 -14.06
C PHE I 197 62.23 4.68 -14.63
N LEU I 198 61.02 4.94 -14.13
CA LEU I 198 59.84 4.25 -14.64
C LEU I 198 59.67 4.76 -16.04
N GLY I 199 59.63 3.84 -16.99
CA GLY I 199 59.57 4.19 -18.41
C GLY I 199 60.94 4.16 -19.10
N CYS I 200 62.04 3.89 -18.38
CA CYS I 200 63.36 3.93 -19.06
C CYS I 200 63.55 2.71 -19.95
N LYS I 201 62.86 1.61 -19.66
CA LYS I 201 63.02 0.41 -20.48
C LYS I 201 64.43 -0.09 -20.71
N HIS I 202 65.25 0.02 -19.67
CA HIS I 202 66.64 -0.31 -19.81
C HIS I 202 66.78 -1.77 -20.09
N PHE I 203 65.86 -2.54 -19.57
CA PHE I 203 66.02 -3.98 -19.67
C PHE I 203 65.91 -4.52 -21.12
N SER I 204 64.85 -4.08 -21.78
CA SER I 204 64.58 -4.48 -23.13
C SER I 204 65.54 -3.79 -24.07
N LYS I 205 65.95 -2.58 -23.70
CA LYS I 205 66.92 -1.83 -24.50
C LYS I 205 68.20 -2.60 -24.48
N ALA I 206 68.65 -3.00 -23.29
CA ALA I 206 69.86 -3.78 -23.22
C ALA I 206 69.81 -5.01 -24.13
N ASN I 207 68.68 -5.70 -24.08
CA ASN I 207 68.49 -6.88 -24.90
C ASN I 207 68.48 -6.58 -26.40
N GLY I 208 67.86 -5.47 -26.80
CA GLY I 208 67.93 -5.03 -28.16
C GLY I 208 69.38 -4.89 -28.59
N LEU I 209 70.17 -4.26 -27.73
CA LEU I 209 71.55 -3.92 -28.08
C LEU I 209 72.38 -5.17 -28.13
N LEU I 210 72.10 -6.13 -27.24
CA LEU I 210 72.75 -7.46 -27.27
C LEU I 210 72.51 -8.18 -28.61
N LYS I 211 71.25 -8.15 -29.06
CA LYS I 211 70.84 -8.77 -30.31
CA LYS I 211 70.84 -8.77 -30.31
C LYS I 211 71.60 -8.24 -31.53
N LEU I 212 71.86 -6.94 -31.55
CA LEU I 212 72.67 -6.30 -32.60
C LEU I 212 74.07 -6.90 -32.80
N SER I 213 74.73 -7.33 -31.73
CA SER I 213 76.02 -8.02 -31.80
C SER I 213 75.92 -9.54 -31.71
N GLY I 214 74.75 -10.08 -32.08
CA GLY I 214 74.47 -11.48 -32.04
C GLY I 214 74.70 -12.13 -30.68
N THR I 215 74.37 -11.43 -29.59
CA THR I 215 74.60 -11.90 -28.25
C THR I 215 73.27 -12.33 -27.64
N GLU I 216 73.26 -13.49 -27.00
CA GLU I 216 72.05 -13.97 -26.38
C GLU I 216 71.57 -12.98 -25.33
N PRO I 217 70.30 -12.58 -25.40
CA PRO I 217 69.70 -11.67 -24.42
C PRO I 217 69.67 -12.25 -23.00
N ILE I 218 69.63 -11.36 -22.02
CA ILE I 218 69.34 -11.68 -20.61
C ILE I 218 67.88 -12.07 -20.48
N ASN I 219 67.60 -13.21 -19.83
CA ASN I 219 66.23 -13.55 -19.44
C ASN I 219 65.99 -12.85 -18.10
N TRP I 220 65.38 -11.66 -18.09
CA TRP I 220 65.31 -10.87 -16.84
C TRP I 220 64.37 -11.51 -15.83
N ARG I 221 63.56 -12.45 -16.33
CA ARG I 221 62.57 -13.23 -15.56
C ARG I 221 63.17 -14.33 -14.70
N ALA I 222 64.39 -14.75 -15.04
CA ALA I 222 64.95 -16.01 -14.51
C ALA I 222 65.63 -15.77 -13.17
N LEU I 223 64.84 -15.50 -12.11
CA LEU I 223 65.42 -15.13 -10.82
C LEU I 223 65.28 -16.23 -9.78
N ASN J 3 69.53 5.93 16.04
CA ASN J 3 69.30 7.39 15.79
C ASN J 3 68.24 7.56 14.68
N LEU J 4 68.58 7.14 13.46
CA LEU J 4 67.77 7.45 12.28
C LEU J 4 66.34 6.90 12.31
N SER J 5 66.16 5.66 12.76
CA SER J 5 64.81 5.12 12.89
C SER J 5 64.02 5.80 14.04
N ASP J 6 64.70 6.18 15.12
CA ASP J 6 64.06 6.91 16.23
C ASP J 6 63.53 8.28 15.76
N ILE J 7 64.24 8.89 14.84
CA ILE J 7 63.89 10.22 14.32
C ILE J 7 62.62 10.13 13.49
N ILE J 8 62.53 9.12 12.63
CA ILE J 8 61.29 8.90 11.91
C ILE J 8 60.13 8.78 12.91
N GLU J 9 60.31 8.00 13.97
CA GLU J 9 59.24 7.81 14.94
C GLU J 9 58.79 9.10 15.60
N LYS J 10 59.73 9.94 16.03
CA LYS J 10 59.40 11.26 16.54
C LYS J 10 58.49 11.99 15.55
N GLU J 11 58.90 12.04 14.29
CA GLU J 11 58.19 12.87 13.29
C GLU J 11 56.86 12.34 12.78
N THR J 12 56.51 11.09 13.10
CA THR J 12 55.33 10.44 12.52
C THR J 12 54.62 9.40 13.40
N GLY J 13 55.22 9.06 14.53
CA GLY J 13 54.71 7.95 15.32
C GLY J 13 54.91 6.61 14.65
N LYS J 14 55.63 6.56 13.52
CA LYS J 14 55.88 5.28 12.85
C LYS J 14 57.22 4.71 13.32
N GLN J 15 57.19 3.54 13.93
CA GLN J 15 58.43 2.84 14.24
C GLN J 15 58.75 1.99 13.03
N LEU J 16 59.89 2.23 12.39
CA LEU J 16 60.22 1.59 11.13
C LEU J 16 61.69 1.24 10.95
N VAL J 17 61.93 0.30 10.04
CA VAL J 17 63.28 -0.19 9.80
C VAL J 17 63.75 0.45 8.49
N ILE J 18 64.86 1.16 8.51
CA ILE J 18 65.43 1.64 7.27
C ILE J 18 65.87 0.42 6.42
N GLN J 19 65.46 0.44 5.15
CA GLN J 19 65.71 -0.68 4.24
C GLN J 19 66.82 -0.37 3.22
N GLU J 20 67.18 0.90 3.07
CA GLU J 20 68.20 1.28 2.10
C GLU J 20 68.66 2.70 2.37
N SER J 21 69.90 2.99 1.99
CA SER J 21 70.39 4.36 2.00
C SER J 21 71.11 4.66 0.70
N ILE J 22 70.62 5.66 -0.04
CA ILE J 22 71.10 5.95 -1.42
C ILE J 22 71.67 7.33 -1.51
N LEU J 23 72.90 7.46 -1.99
CA LEU J 23 73.49 8.80 -2.13
C LEU J 23 72.95 9.60 -3.33
N MET J 24 72.57 10.86 -3.11
CA MET J 24 72.20 11.71 -4.23
C MET J 24 72.90 13.06 -4.17
N LEU J 25 73.22 13.60 -5.34
CA LEU J 25 73.86 14.91 -5.48
C LEU J 25 72.81 16.00 -5.37
N PRO J 26 73.20 17.21 -4.90
CA PRO J 26 72.27 18.32 -4.68
C PRO J 26 71.29 18.57 -5.84
N GLU J 27 71.79 18.52 -7.08
CA GLU J 27 70.93 18.85 -8.23
C GLU J 27 70.00 17.72 -8.53
N GLU J 28 70.36 16.53 -8.06
CA GLU J 28 69.52 15.33 -8.18
C GLU J 28 68.30 15.43 -7.27
N VAL J 29 68.51 16.10 -6.15
CA VAL J 29 67.52 16.25 -5.10
C VAL J 29 66.68 17.51 -5.29
N GLU J 30 67.33 18.57 -5.75
CA GLU J 30 66.75 19.91 -5.80
C GLU J 30 65.22 20.05 -6.03
N GLU J 31 64.79 19.77 -7.25
CA GLU J 31 63.44 20.11 -7.68
C GLU J 31 62.42 19.32 -6.86
N VAL J 32 62.78 18.12 -6.45
CA VAL J 32 61.84 17.24 -5.76
C VAL J 32 61.46 17.85 -4.42
N ILE J 33 62.46 18.29 -3.67
CA ILE J 33 62.19 18.76 -2.32
C ILE J 33 61.67 20.20 -2.33
N GLY J 34 62.15 20.96 -3.30
CA GLY J 34 61.92 22.40 -3.35
C GLY J 34 62.96 23.17 -2.56
N ASN J 35 64.11 22.54 -2.31
CA ASN J 35 65.29 23.18 -1.71
C ASN J 35 66.58 22.50 -2.20
N LYS J 36 67.67 23.25 -2.21
CA LYS J 36 68.98 22.72 -2.59
C LYS J 36 69.78 22.44 -1.33
N PRO J 37 70.25 21.19 -1.18
CA PRO J 37 71.00 20.95 0.03
C PRO J 37 72.40 21.50 -0.18
N GLU J 38 73.11 21.80 0.90
CA GLU J 38 74.46 22.37 0.81
C GLU J 38 75.45 21.37 0.20
N SER J 39 75.21 20.06 0.36
CA SER J 39 75.95 19.05 -0.43
C SER J 39 75.21 17.68 -0.56
N ASP J 40 75.97 16.60 -0.77
CA ASP J 40 75.35 15.28 -1.05
C ASP J 40 74.39 14.85 0.04
N ILE J 41 73.27 14.25 -0.37
CA ILE J 41 72.22 13.85 0.55
C ILE J 41 72.11 12.32 0.49
N LEU J 42 71.90 11.72 1.67
CA LEU J 42 71.60 10.29 1.79
C LEU J 42 70.11 10.14 2.01
N VAL J 43 69.45 9.33 1.16
CA VAL J 43 67.99 9.13 1.14
C VAL J 43 67.70 7.79 1.84
N HIS J 44 67.22 7.88 3.08
CA HIS J 44 67.08 6.69 3.92
C HIS J 44 65.64 6.31 3.84
N THR J 45 65.36 5.14 3.29
CA THR J 45 63.99 4.84 2.94
C THR J 45 63.47 3.62 3.67
N ALA J 46 62.36 3.83 4.36
CA ALA J 46 61.65 2.77 5.04
C ALA J 46 60.27 2.72 4.40
N TYR J 47 59.74 1.53 4.18
CA TYR J 47 58.37 1.32 3.72
C TYR J 47 57.41 1.00 4.90
N ASP J 48 56.33 1.77 4.99
CA ASP J 48 55.25 1.51 5.93
C ASP J 48 54.16 0.72 5.22
N GLU J 49 54.04 -0.53 5.62
CA GLU J 49 53.17 -1.47 4.93
C GLU J 49 51.70 -1.22 5.30
N SER J 50 51.46 -0.81 6.54
CA SER J 50 50.10 -0.56 7.01
C SER J 50 49.42 0.56 6.22
N THR J 51 50.19 1.54 5.77
CA THR J 51 49.72 2.73 5.02
C THR J 51 50.23 2.78 3.57
N ASP J 52 51.04 1.82 3.19
CA ASP J 52 51.55 1.71 1.81
C ASP J 52 52.19 3.04 1.38
N GLU J 53 53.03 3.53 2.27
CA GLU J 53 53.76 4.77 2.01
C GLU J 53 55.23 4.49 2.07
N ASN J 54 56.01 5.14 1.21
CA ASN J 54 57.46 5.16 1.35
C ASN J 54 57.88 6.37 2.18
N VAL J 55 58.70 6.10 3.20
CA VAL J 55 59.03 7.12 4.19
C VAL J 55 60.52 7.26 4.05
N MET J 56 60.90 8.50 3.75
CA MET J 56 62.26 8.81 3.39
C MET J 56 62.80 9.92 4.27
N LEU J 57 63.86 9.56 5.00
CA LEU J 57 64.57 10.51 5.86
C LEU J 57 65.82 10.88 5.09
N LEU J 58 65.96 12.16 4.86
CA LEU J 58 67.08 12.68 4.11
C LEU J 58 68.06 13.22 5.11
N THR J 59 69.33 12.95 4.90
CA THR J 59 70.40 13.49 5.75
C THR J 59 71.60 13.84 4.91
N SER J 60 72.50 14.64 5.48
CA SER J 60 73.82 14.86 4.91
C SER J 60 74.55 13.52 4.90
N ASP J 61 75.67 13.44 4.20
CA ASP J 61 76.43 12.19 4.04
C ASP J 61 77.08 11.74 5.36
N ALA J 62 77.71 10.57 5.35
CA ALA J 62 78.49 10.13 6.50
C ALA J 62 79.63 11.15 6.71
N PRO J 63 80.06 11.38 7.97
CA PRO J 63 79.65 10.69 9.16
C PRO J 63 78.64 11.44 9.98
N GLU J 64 78.27 12.65 9.57
CA GLU J 64 77.38 13.46 10.39
CA GLU J 64 77.38 13.44 10.40
C GLU J 64 75.92 13.02 10.23
N TYR J 65 75.53 12.62 9.02
CA TYR J 65 74.12 12.19 8.82
C TYR J 65 73.15 13.21 9.40
N LYS J 66 73.42 14.49 9.17
CA LYS J 66 72.59 15.56 9.71
C LYS J 66 71.26 15.59 8.98
N PRO J 67 70.13 15.45 9.71
CA PRO J 67 68.79 15.42 9.11
C PRO J 67 68.42 16.70 8.35
N TRP J 68 67.92 16.54 7.13
CA TRP J 68 67.66 17.67 6.25
C TRP J 68 66.23 17.73 5.68
N ALA J 69 65.63 16.57 5.41
CA ALA J 69 64.21 16.48 5.11
C ALA J 69 63.61 15.12 5.44
N LEU J 70 62.30 15.16 5.68
CA LEU J 70 61.45 13.98 5.79
C LEU J 70 60.39 14.00 4.71
N VAL J 71 60.48 13.03 3.80
CA VAL J 71 59.50 12.85 2.73
C VAL J 71 58.64 11.61 2.94
N ILE J 72 57.33 11.81 2.79
CA ILE J 72 56.35 10.74 2.80
C ILE J 72 55.65 10.73 1.44
N GLN J 73 55.83 9.63 0.70
CA GLN J 73 55.31 9.46 -0.66
C GLN J 73 54.25 8.35 -0.72
N ASP J 74 53.07 8.67 -1.26
CA ASP J 74 51.93 7.72 -1.28
C ASP J 74 51.99 6.75 -2.48
N SER J 75 51.01 5.85 -2.57
CA SER J 75 50.87 4.90 -3.68
C SER J 75 51.03 5.52 -5.07
N ASN J 76 50.71 6.80 -5.20
CA ASN J 76 50.76 7.55 -6.46
C ASN J 76 52.10 8.17 -6.83
N GLY J 77 53.09 8.06 -5.95
CA GLY J 77 54.34 8.74 -6.14
C GLY J 77 54.25 10.22 -5.78
N GLU J 78 53.24 10.58 -5.00
CA GLU J 78 53.05 11.95 -4.55
C GLU J 78 53.71 12.15 -3.20
N ASN J 79 54.44 13.23 -3.04
CA ASN J 79 55.27 13.43 -1.85
C ASN J 79 54.75 14.47 -0.85
N LYS J 80 54.63 14.06 0.42
CA LYS J 80 54.38 14.97 1.54
C LYS J 80 55.76 15.33 2.09
N ILE J 81 56.09 16.62 2.05
CA ILE J 81 57.45 17.13 2.26
C ILE J 81 57.60 18.01 3.49
N LYS J 82 58.65 17.77 4.26
CA LYS J 82 58.93 18.59 5.42
C LYS J 82 60.44 18.76 5.63
N MET J 83 60.82 20.01 5.91
CA MET J 83 62.21 20.37 6.14
C MET J 83 62.48 20.24 7.63
N LEU J 84 63.59 19.61 7.96
CA LEU J 84 63.86 19.24 9.33
C LEU J 84 64.76 20.26 10.03
N MET K 1 -8.52 -13.94 35.62
CA MET K 1 -8.26 -13.98 34.15
C MET K 1 -6.84 -14.43 33.84
N GLU K 2 -6.66 -14.81 32.58
CA GLU K 2 -5.43 -15.43 32.11
C GLU K 2 -4.21 -14.53 32.36
N PHE K 3 -3.15 -15.12 32.92
CA PHE K 3 -1.87 -14.45 33.09
C PHE K 3 -1.91 -13.29 34.07
N PHE K 4 -2.98 -13.22 34.87
CA PHE K 4 -3.17 -12.14 35.83
C PHE K 4 -3.30 -12.71 37.27
N GLY K 5 -2.33 -12.38 38.12
CA GLY K 5 -2.20 -12.90 39.47
C GLY K 5 -3.46 -12.67 40.28
N GLU K 6 -3.88 -13.69 41.02
CA GLU K 6 -5.21 -13.67 41.67
C GLU K 6 -5.43 -12.58 42.71
N THR K 7 -4.46 -12.35 43.58
CA THR K 7 -4.65 -11.36 44.65
C THR K 7 -4.82 -9.98 44.03
N TRP K 8 -4.14 -9.74 42.92
CA TRP K 8 -4.32 -8.48 42.20
C TRP K 8 -5.69 -8.42 41.53
N ARG K 9 -6.08 -9.52 40.91
CA ARG K 9 -7.40 -9.62 40.27
C ARG K 9 -8.52 -9.29 41.23
N ARG K 10 -8.47 -9.89 42.41
CA ARG K 10 -9.56 -9.77 43.34
C ARG K 10 -9.77 -8.28 43.52
N GLU K 11 -8.67 -7.59 43.80
CA GLU K 11 -8.73 -6.18 44.10
C GLU K 11 -9.03 -5.31 42.91
N LEU K 12 -8.57 -5.63 41.70
CA LEU K 12 -8.76 -4.76 40.53
C LEU K 12 -9.89 -5.26 39.60
N ALA K 13 -10.60 -6.29 40.07
CA ALA K 13 -11.75 -6.88 39.38
C ALA K 13 -12.79 -5.92 38.73
N ALA K 14 -13.09 -4.80 39.36
CA ALA K 14 -14.06 -3.82 38.81
C ALA K 14 -13.55 -3.08 37.56
N GLU K 15 -12.24 -3.00 37.40
CA GLU K 15 -11.67 -2.33 36.22
C GLU K 15 -12.01 -3.10 34.95
N PHE K 16 -11.93 -4.43 35.01
CA PHE K 16 -12.12 -5.27 33.84
C PHE K 16 -13.51 -5.16 33.22
N GLU K 17 -14.52 -4.81 34.01
CA GLU K 17 -15.89 -4.72 33.49
C GLU K 17 -16.26 -3.36 32.90
N LYS K 18 -15.47 -2.33 33.19
CA LYS K 18 -15.76 -0.99 32.70
C LYS K 18 -15.49 -0.90 31.20
N PRO K 19 -16.24 -0.02 30.53
CA PRO K 19 -16.09 0.24 29.10
C PRO K 19 -14.68 0.57 28.60
N TYR K 20 -13.91 1.41 29.30
CA TYR K 20 -12.61 1.82 28.79
C TYR K 20 -11.74 0.58 28.64
N PHE K 21 -11.92 -0.36 29.54
CA PHE K 21 -11.05 -1.53 29.57
C PHE K 21 -11.40 -2.56 28.50
N LYS K 22 -12.71 -2.79 28.35
CA LYS K 22 -13.18 -3.66 27.28
C LYS K 22 -12.72 -3.11 25.95
N GLN K 23 -12.79 -1.79 25.81
CA GLN K 23 -12.32 -1.13 24.59
C GLN K 23 -10.82 -1.30 24.38
N LEU K 24 -10.03 -1.15 25.44
CA LEU K 24 -8.63 -1.50 25.42
C LEU K 24 -8.31 -2.93 24.99
N MET K 25 -9.03 -3.93 25.52
CA MET K 25 -8.76 -5.31 25.14
C MET K 25 -8.99 -5.49 23.64
N SER K 26 -10.08 -4.94 23.10
CA SER K 26 -10.34 -5.07 21.65
C SER K 26 -9.26 -4.42 20.83
N PHE K 27 -8.77 -3.25 21.25
CA PHE K 27 -7.65 -2.60 20.56
C PHE K 27 -6.43 -3.53 20.50
N VAL K 28 -6.09 -4.17 21.61
CA VAL K 28 -4.89 -5.01 21.71
C VAL K 28 -4.99 -6.24 20.84
N ALA K 29 -6.14 -6.90 20.92
CA ALA K 29 -6.47 -8.05 20.08
C ALA K 29 -6.43 -7.59 18.63
N ASP K 30 -7.05 -6.46 18.31
CA ASP K 30 -6.89 -5.96 16.96
C ASP K 30 -5.42 -5.83 16.57
N GLU K 31 -4.62 -5.21 17.43
CA GLU K 31 -3.21 -4.97 17.14
C GLU K 31 -2.45 -6.26 16.96
N ARG K 32 -2.78 -7.25 17.77
CA ARG K 32 -2.10 -8.53 17.68
C ARG K 32 -2.48 -9.35 16.45
N SER K 33 -3.70 -9.20 15.95
CA SER K 33 -4.11 -9.93 14.74
C SER K 33 -3.45 -9.43 13.44
N ARG K 34 -3.20 -8.13 13.37
CA ARG K 34 -2.55 -7.50 12.22
C ARG K 34 -1.03 -7.42 12.44
N HIS K 35 -0.57 -7.40 13.69
CA HIS K 35 0.83 -7.05 13.98
C HIS K 35 1.37 -7.77 15.20
N THR K 36 2.69 -7.63 15.38
CA THR K 36 3.35 -8.10 16.60
C THR K 36 3.35 -7.02 17.68
N VAL K 37 2.83 -7.42 18.84
CA VAL K 37 2.71 -6.57 20.03
C VAL K 37 3.63 -7.16 21.14
N TYR K 38 4.37 -6.29 21.83
CA TYR K 38 5.28 -6.67 22.94
C TYR K 38 4.75 -6.03 24.21
N PRO K 39 4.90 -6.71 25.37
CA PRO K 39 5.39 -8.09 25.46
C PRO K 39 4.38 -9.08 24.90
N PRO K 40 4.78 -10.35 24.73
CA PRO K 40 3.79 -11.37 24.38
C PRO K 40 2.61 -11.38 25.37
N ALA K 41 1.44 -11.87 24.95
CA ALA K 41 0.23 -11.80 25.78
C ALA K 41 0.40 -12.41 27.17
N ASP K 42 1.11 -13.55 27.24
CA ASP K 42 1.27 -14.28 28.50
C ASP K 42 2.19 -13.58 29.50
N GLN K 43 2.90 -12.53 29.09
CA GLN K 43 3.72 -11.74 29.99
C GLN K 43 3.22 -10.33 30.31
N VAL K 44 2.17 -9.86 29.64
CA VAL K 44 1.66 -8.48 29.79
C VAL K 44 1.42 -8.06 31.26
N TYR K 45 0.99 -9.00 32.10
CA TYR K 45 0.79 -8.74 33.55
C TYR K 45 1.84 -9.45 34.45
N SER K 46 3.07 -9.57 33.95
CA SER K 46 4.19 -10.20 34.67
C SER K 46 4.31 -9.63 36.07
N TRP K 47 3.91 -8.38 36.21
CA TRP K 47 4.05 -7.67 37.47
C TRP K 47 3.10 -8.14 38.55
N THR K 48 2.07 -8.89 38.17
CA THR K 48 1.05 -9.32 39.09
C THR K 48 1.39 -10.74 39.54
N GLU K 49 2.35 -11.36 38.85
CA GLU K 49 2.68 -12.76 39.01
C GLU K 49 3.81 -12.98 40.00
N MET K 50 4.73 -12.00 40.04
CA MET K 50 6.01 -12.11 40.73
C MET K 50 5.92 -12.00 42.23
N CYS K 51 4.87 -11.33 42.73
CA CYS K 51 4.60 -11.29 44.15
C CYS K 51 3.14 -10.96 44.33
N ASP K 52 2.63 -11.19 45.54
CA ASP K 52 1.27 -10.83 45.83
C ASP K 52 1.16 -9.31 45.90
N ILE K 53 -0.08 -8.83 45.86
CA ILE K 53 -0.31 -7.39 45.94
C ILE K 53 0.00 -6.90 47.35
N GLN K 54 -0.40 -7.69 48.34
CA GLN K 54 -0.09 -7.45 49.77
C GLN K 54 1.41 -7.39 50.08
N ASP K 55 2.23 -8.02 49.26
CA ASP K 55 3.68 -7.96 49.43
C ASP K 55 4.40 -6.75 48.74
N VAL K 56 3.65 -5.88 48.08
CA VAL K 56 4.23 -4.65 47.46
C VAL K 56 4.84 -3.74 48.49
N LYS K 57 6.11 -3.41 48.32
CA LYS K 57 6.76 -2.49 49.26
C LYS K 57 7.22 -1.19 48.64
N VAL K 58 7.79 -1.35 47.45
CA VAL K 58 8.33 -0.29 46.64
C VAL K 58 7.73 -0.31 45.24
N VAL K 59 7.47 0.88 44.69
CA VAL K 59 6.83 1.04 43.39
C VAL K 59 7.75 1.90 42.52
N ILE K 60 8.19 1.34 41.41
CA ILE K 60 8.84 2.12 40.37
C ILE K 60 7.98 2.13 39.09
N LEU K 61 7.74 3.34 38.59
CA LEU K 61 6.91 3.54 37.45
C LEU K 61 7.82 3.66 36.22
N GLY K 62 7.43 2.99 35.16
CA GLY K 62 8.10 3.14 33.84
C GLY K 62 7.06 3.66 32.86
N GLN K 63 7.40 3.71 31.58
CA GLN K 63 6.48 4.33 30.62
C GLN K 63 5.84 3.24 29.81
N ASP K 64 6.40 2.87 28.66
CA ASP K 64 5.90 1.71 27.88
C ASP K 64 6.97 0.62 27.67
N PRO K 65 6.56 -0.59 27.23
CA PRO K 65 7.53 -1.67 27.15
C PRO K 65 8.46 -1.47 26.00
N TYR K 66 9.68 -2.00 26.12
CA TYR K 66 10.61 -2.10 24.99
C TYR K 66 9.96 -2.70 23.72
N HIS K 67 10.30 -2.12 22.57
CA HIS K 67 9.60 -2.39 21.32
C HIS K 67 10.39 -3.27 20.32
N GLY K 68 11.41 -3.97 20.82
CA GLY K 68 12.21 -4.90 20.02
C GLY K 68 11.95 -6.31 20.47
N PRO K 69 12.37 -7.30 19.63
CA PRO K 69 12.05 -8.68 19.97
C PRO K 69 12.78 -9.26 21.19
N ASN K 70 12.10 -10.10 21.97
CA ASN K 70 12.74 -10.77 23.11
C ASN K 70 13.33 -9.81 24.17
N GLN K 71 12.78 -8.60 24.31
CA GLN K 71 13.29 -7.60 25.27
C GLN K 71 12.33 -7.41 26.45
N ALA K 72 11.18 -6.79 26.22
CA ALA K 72 10.17 -6.63 27.28
C ALA K 72 9.66 -7.96 27.77
N HIS K 73 9.46 -8.07 29.07
CA HIS K 73 8.78 -9.22 29.64
C HIS K 73 7.79 -8.88 30.75
N GLY K 74 7.35 -7.63 30.75
CA GLY K 74 6.17 -7.25 31.53
C GLY K 74 6.49 -6.45 32.77
N LEU K 75 7.77 -6.19 32.96
CA LEU K 75 8.26 -5.35 34.02
C LEU K 75 8.95 -4.13 33.41
N CYS K 76 8.77 -3.01 34.08
CA CYS K 76 9.49 -1.78 33.66
C CYS K 76 11.00 -1.89 33.82
N PHE K 77 11.70 -1.28 32.87
CA PHE K 77 13.13 -1.18 32.82
C PHE K 77 13.83 -2.53 32.49
N SER K 78 13.30 -3.64 33.00
CA SER K 78 13.89 -4.98 32.82
C SER K 78 13.84 -5.54 31.41
N VAL K 79 14.83 -6.36 31.10
CA VAL K 79 14.95 -7.05 29.83
C VAL K 79 15.30 -8.51 30.09
N GLN K 80 14.75 -9.37 29.27
CA GLN K 80 15.07 -10.80 29.41
C GLN K 80 16.54 -11.04 29.08
N LYS K 81 17.07 -12.05 29.72
CA LYS K 81 18.43 -12.43 29.46
C LYS K 81 18.42 -12.99 28.03
N PRO K 82 19.52 -12.83 27.28
CA PRO K 82 20.73 -12.22 27.73
C PRO K 82 20.80 -10.81 27.19
N VAL K 83 19.64 -10.13 27.11
CA VAL K 83 19.60 -8.78 26.52
C VAL K 83 20.52 -7.90 27.38
N PRO K 84 21.49 -7.21 26.76
CA PRO K 84 22.26 -6.26 27.57
C PRO K 84 21.37 -5.20 28.25
N PRO K 85 21.70 -4.77 29.47
CA PRO K 85 20.99 -3.62 30.08
C PRO K 85 20.86 -2.41 29.18
N PRO K 86 19.63 -1.94 28.93
CA PRO K 86 19.47 -0.72 28.15
C PRO K 86 19.98 0.50 28.92
N PRO K 87 20.23 1.59 28.21
CA PRO K 87 20.99 2.70 28.71
C PRO K 87 20.47 3.23 30.04
N SER K 88 19.16 3.33 30.19
CA SER K 88 18.61 3.81 31.49
C SER K 88 18.88 2.82 32.59
N LEU K 89 18.93 1.54 32.26
CA LEU K 89 19.16 0.50 33.25
C LEU K 89 20.67 0.49 33.62
N VAL K 90 21.53 0.75 32.65
CA VAL K 90 22.95 1.03 32.94
C VAL K 90 23.10 2.03 34.09
N ASN K 91 22.33 3.11 34.08
CA ASN K 91 22.52 4.18 35.04
C ASN K 91 21.86 3.88 36.35
N ILE K 92 20.79 3.09 36.30
CA ILE K 92 20.16 2.55 37.50
C ILE K 92 21.23 1.74 38.23
N TYR K 93 21.92 0.90 37.46
CA TYR K 93 22.95 0.04 38.03
C TYR K 93 24.16 0.86 38.46
N LYS K 94 24.45 1.96 37.76
CA LYS K 94 25.54 2.84 38.18
C LYS K 94 25.22 3.46 39.52
N GLU K 95 23.94 3.76 39.73
CA GLU K 95 23.51 4.41 40.96
C GLU K 95 23.53 3.45 42.11
N LEU K 96 23.19 2.18 41.84
CA LEU K 96 23.22 1.14 42.85
C LEU K 96 24.68 0.83 43.25
N CYS K 97 25.60 0.93 42.30
CA CYS K 97 27.01 0.74 42.54
C CYS K 97 27.53 1.70 43.59
N THR K 98 26.94 2.89 43.70
CA THR K 98 27.36 3.83 44.71
C THR K 98 26.47 3.78 45.96
N ASP K 99 25.19 3.48 45.76
CA ASP K 99 24.18 3.71 46.79
C ASP K 99 24.05 2.56 47.78
N ILE K 100 24.30 1.34 47.32
CA ILE K 100 24.07 0.12 48.10
C ILE K 100 25.37 -0.64 48.36
N ASP K 101 25.71 -0.71 49.65
CA ASP K 101 26.93 -1.37 50.13
C ASP K 101 26.93 -2.81 49.62
N GLY K 102 28.03 -3.21 49.01
CA GLY K 102 28.15 -4.55 48.43
C GLY K 102 27.29 -4.88 47.23
N PHE K 103 26.80 -3.87 46.52
CA PHE K 103 26.13 -4.13 45.25
C PHE K 103 27.13 -4.68 44.23
N LYS K 104 26.69 -5.67 43.46
CA LYS K 104 27.42 -5.99 42.24
C LYS K 104 26.42 -6.02 41.07
N HIS K 105 26.91 -5.58 39.92
CA HIS K 105 26.22 -5.66 38.65
C HIS K 105 25.97 -7.15 38.39
N PRO K 106 24.76 -7.49 37.98
CA PRO K 106 24.52 -8.93 37.91
C PRO K 106 24.84 -9.60 36.57
N GLY K 107 25.46 -8.85 35.65
CA GLY K 107 25.73 -9.29 34.25
C GLY K 107 24.51 -9.48 33.35
N HIS K 108 23.37 -8.88 33.73
CA HIS K 108 22.14 -8.92 32.91
C HIS K 108 21.15 -7.83 33.39
N GLY K 109 20.05 -7.68 32.65
CA GLY K 109 19.10 -6.61 32.89
C GLY K 109 17.75 -7.11 33.42
N ASP K 110 17.74 -8.34 33.89
CA ASP K 110 16.51 -9.02 34.27
C ASP K 110 16.25 -8.66 35.73
N LEU K 111 15.20 -7.87 35.98
CA LEU K 111 14.85 -7.37 37.32
C LEU K 111 13.87 -8.23 38.10
N SER K 112 13.56 -9.44 37.63
CA SER K 112 12.59 -10.34 38.35
C SER K 112 12.87 -10.45 39.86
N GLY K 113 14.15 -10.51 40.20
CA GLY K 113 14.57 -10.68 41.56
C GLY K 113 14.09 -9.57 42.47
N TRP K 114 14.03 -8.35 41.94
CA TRP K 114 13.42 -7.26 42.67
C TRP K 114 11.90 -7.44 42.72
N ALA K 115 11.30 -7.77 41.59
CA ALA K 115 9.84 -7.89 41.60
C ALA K 115 9.40 -8.90 42.65
N LYS K 116 10.20 -9.95 42.81
CA LYS K 116 9.81 -11.02 43.71
C LYS K 116 9.89 -10.57 45.16
N GLN K 117 10.68 -9.52 45.41
CA GLN K 117 10.80 -8.97 46.76
C GLN K 117 9.79 -7.88 47.08
N GLY K 118 8.87 -7.64 46.17
CA GLY K 118 7.84 -6.64 46.45
C GLY K 118 8.10 -5.33 45.80
N VAL K 119 8.96 -5.30 44.80
CA VAL K 119 9.20 -4.05 44.07
C VAL K 119 8.36 -4.16 42.81
N LEU K 120 7.32 -3.33 42.79
CA LEU K 120 6.37 -3.26 41.65
C LEU K 120 6.99 -2.44 40.57
N LEU K 121 7.27 -3.09 39.45
CA LEU K 121 7.90 -2.51 38.31
C LEU K 121 6.81 -2.31 37.26
N LEU K 122 6.08 -1.20 37.39
CA LEU K 122 4.85 -0.95 36.65
C LEU K 122 5.09 0.03 35.53
N ASN K 123 4.96 -0.46 34.29
CA ASN K 123 4.87 0.44 33.15
C ASN K 123 3.48 1.03 33.18
N ALA K 124 3.36 2.30 32.79
CA ALA K 124 2.11 3.03 32.75
C ALA K 124 1.28 2.45 31.59
N VAL K 125 1.98 2.18 30.47
CA VAL K 125 1.43 1.56 29.26
C VAL K 125 2.05 0.15 29.07
N LEU K 126 1.21 -0.86 28.84
CA LEU K 126 1.61 -2.28 28.99
C LEU K 126 1.82 -3.08 27.71
N THR K 127 1.57 -2.46 26.54
CA THR K 127 1.86 -3.11 25.27
C THR K 127 2.42 -2.08 24.35
N VAL K 128 3.00 -2.55 23.26
CA VAL K 128 3.52 -1.60 22.24
C VAL K 128 3.59 -2.39 20.96
N ARG K 129 3.35 -1.72 19.84
CA ARG K 129 3.58 -2.36 18.54
C ARG K 129 5.05 -2.38 18.29
N ALA K 130 5.51 -3.52 17.80
CA ALA K 130 6.88 -3.80 17.52
C ALA K 130 7.51 -2.65 16.72
N HIS K 131 8.71 -2.25 17.14
CA HIS K 131 9.47 -1.14 16.54
C HIS K 131 8.85 0.27 16.60
N GLN K 132 7.72 0.38 17.29
CA GLN K 132 7.02 1.65 17.36
C GLN K 132 6.79 2.11 18.82
N ALA K 133 7.75 2.87 19.34
CA ALA K 133 7.66 3.43 20.69
C ALA K 133 6.37 4.20 20.88
N ASN K 134 5.75 4.00 22.04
CA ASN K 134 4.59 4.77 22.46
C ASN K 134 3.41 4.67 21.49
N SER K 135 3.38 3.58 20.71
CA SER K 135 2.34 3.39 19.68
C SER K 135 1.01 2.96 20.28
N HIS K 136 1.00 2.67 21.57
CA HIS K 136 -0.19 2.23 22.24
C HIS K 136 -0.61 3.20 23.35
N LYS K 137 -0.03 4.40 23.36
CA LYS K 137 -0.46 5.45 24.28
C LYS K 137 -1.91 5.86 24.05
N ASP K 138 -2.59 6.14 25.17
CA ASP K 138 -3.96 6.68 25.18
C ASP K 138 -5.00 5.76 24.56
N ARG K 139 -4.92 4.49 24.93
CA ARG K 139 -5.81 3.46 24.43
C ARG K 139 -6.49 2.76 25.61
N GLY K 140 -6.20 3.22 26.82
CA GLY K 140 -6.73 2.55 28.01
C GLY K 140 -5.73 2.18 29.09
N TRP K 141 -4.49 1.98 28.70
CA TRP K 141 -3.56 1.39 29.61
C TRP K 141 -3.26 2.36 30.77
N GLU K 142 -3.12 3.64 30.45
CA GLU K 142 -2.81 4.69 31.44
C GLU K 142 -3.88 4.73 32.49
N THR K 143 -5.11 4.60 32.02
CA THR K 143 -6.26 4.70 32.89
C THR K 143 -6.23 3.50 33.84
N PHE K 144 -5.93 2.33 33.33
CA PHE K 144 -5.90 1.15 34.17
C PHE K 144 -4.80 1.30 35.22
N THR K 145 -3.62 1.69 34.76
CA THR K 145 -2.47 1.77 35.66
C THR K 145 -2.58 2.89 36.67
N ASP K 146 -3.33 3.92 36.33
CA ASP K 146 -3.80 4.84 37.38
C ASP K 146 -4.62 4.12 38.45
N ALA K 147 -5.56 3.25 38.05
CA ALA K 147 -6.31 2.41 39.02
C ALA K 147 -5.40 1.56 39.91
N VAL K 148 -4.33 0.99 39.36
CA VAL K 148 -3.37 0.19 40.13
C VAL K 148 -2.67 1.09 41.15
N ILE K 149 -2.27 2.30 40.72
CA ILE K 149 -1.52 3.21 41.54
C ILE K 149 -2.47 3.72 42.62
N LYS K 150 -3.70 4.03 42.23
CA LYS K 150 -4.70 4.55 43.18
C LYS K 150 -5.09 3.54 44.21
N TRP K 151 -5.16 2.25 43.83
CA TRP K 151 -5.62 1.23 44.76
C TRP K 151 -4.61 1.24 45.90
N LEU K 152 -3.34 1.13 45.52
CA LEU K 152 -2.28 1.09 46.51
C LEU K 152 -2.36 2.35 47.41
N SER K 153 -2.56 3.55 46.86
CA SER K 153 -2.52 4.75 47.72
C SER K 153 -3.60 4.72 48.75
N VAL K 154 -4.77 4.25 48.33
CA VAL K 154 -5.94 4.27 49.14
C VAL K 154 -6.00 3.13 50.15
N ASN K 155 -5.47 1.97 49.80
CA ASN K 155 -5.67 0.78 50.64
C ASN K 155 -4.41 0.35 51.38
N ARG K 156 -3.36 1.15 51.31
CA ARG K 156 -2.09 0.78 51.95
C ARG K 156 -1.55 1.97 52.71
N GLU K 157 -0.52 1.72 53.51
CA GLU K 157 0.23 2.83 54.08
C GLU K 157 1.70 2.54 54.17
N GLY K 158 2.53 3.53 53.90
CA GLY K 158 3.97 3.36 54.08
C GLY K 158 4.60 2.68 52.86
N VAL K 159 3.89 2.68 51.76
CA VAL K 159 4.45 2.17 50.52
C VAL K 159 5.42 3.24 50.02
N VAL K 160 6.47 2.80 49.38
CA VAL K 160 7.46 3.72 48.84
C VAL K 160 7.38 3.80 47.32
N PHE K 161 7.19 5.02 46.83
CA PHE K 161 7.11 5.24 45.37
C PHE K 161 8.33 5.99 44.86
N LEU K 162 8.91 5.44 43.79
CA LEU K 162 10.06 6.05 43.15
C LEU K 162 9.73 6.49 41.72
N LEU K 163 9.62 7.80 41.57
CA LEU K 163 9.14 8.52 40.40
C LEU K 163 10.31 9.19 39.65
N TRP K 164 10.72 8.59 38.54
CA TRP K 164 11.86 9.05 37.76
C TRP K 164 11.48 9.70 36.42
N GLY K 165 11.76 10.99 36.27
CA GLY K 165 11.43 11.71 35.04
C GLY K 165 10.07 12.37 35.22
N SER K 166 9.74 13.37 34.40
CA SER K 166 8.57 14.20 34.72
C SER K 166 7.28 13.46 34.36
N TYR K 167 7.35 12.52 33.43
CA TYR K 167 6.14 11.78 33.04
C TYR K 167 5.68 10.99 34.25
N ALA K 168 6.65 10.41 34.95
CA ALA K 168 6.31 9.62 36.16
C ALA K 168 5.92 10.47 37.38
N HIS K 169 6.47 11.67 37.50
CA HIS K 169 6.07 12.64 38.53
C HIS K 169 4.60 13.03 38.39
N LYS K 170 4.23 13.48 37.20
CA LYS K 170 2.85 13.65 36.86
C LYS K 170 2.00 12.43 37.21
N LYS K 171 2.30 11.23 36.69
CA LYS K 171 1.43 10.06 37.00
C LYS K 171 1.29 9.73 38.50
N GLY K 172 2.35 9.94 39.26
CA GLY K 172 2.35 9.82 40.71
C GLY K 172 1.85 11.03 41.50
N ALA K 173 1.40 12.08 40.81
CA ALA K 173 1.02 13.35 41.41
C ALA K 173 -0.15 13.29 42.38
N THR K 174 -0.90 12.20 42.35
CA THR K 174 -2.09 12.09 43.15
C THR K 174 -2.03 11.02 44.22
N ILE K 175 -0.81 10.53 44.49
CA ILE K 175 -0.54 9.60 45.57
C ILE K 175 -0.63 10.46 46.82
N ASP K 176 -1.26 9.88 47.84
CA ASP K 176 -1.42 10.52 49.16
C ASP K 176 -0.08 10.61 49.91
N ARG K 177 0.51 11.79 49.88
CA ARG K 177 1.83 12.09 50.47
C ARG K 177 1.90 11.99 51.99
N LYS K 178 0.74 12.11 52.61
CA LYS K 178 0.57 11.91 54.04
C LYS K 178 0.68 10.45 54.45
N ARG K 179 0.33 9.52 53.56
CA ARG K 179 0.31 8.08 53.93
C ARG K 179 1.46 7.24 53.37
N HIS K 180 2.05 7.75 52.30
CA HIS K 180 3.08 7.11 51.57
C HIS K 180 4.30 8.01 51.42
N HIS K 181 5.38 7.42 50.94
CA HIS K 181 6.58 8.16 50.70
C HIS K 181 6.85 8.25 49.21
N VAL K 182 6.88 9.48 48.72
CA VAL K 182 7.07 9.74 47.28
C VAL K 182 8.41 10.38 47.04
N LEU K 183 9.34 9.67 46.39
CA LEU K 183 10.67 10.15 46.05
C LEU K 183 10.75 10.40 44.56
N GLN K 184 11.18 11.62 44.22
CA GLN K 184 11.27 12.06 42.83
C GLN K 184 12.67 12.42 42.38
N ALA K 185 13.04 11.99 41.17
CA ALA K 185 14.28 12.34 40.53
C ALA K 185 14.04 12.54 39.03
N VAL K 186 15.04 13.09 38.36
CA VAL K 186 15.01 13.13 36.90
C VAL K 186 15.19 11.71 36.35
N HIS K 187 15.07 11.57 35.03
CA HIS K 187 15.16 10.25 34.40
C HIS K 187 16.57 9.68 34.34
N PRO K 188 16.71 8.35 34.56
CA PRO K 188 18.04 7.70 34.45
C PRO K 188 18.53 7.60 33.00
N SER K 189 17.80 8.15 32.04
CA SER K 189 18.30 8.18 30.66
C SER K 189 19.63 8.94 30.64
N PRO K 190 20.56 8.55 29.75
CA PRO K 190 21.77 9.31 29.63
C PRO K 190 21.49 10.79 29.34
N LEU K 191 20.35 11.13 28.73
CA LEU K 191 20.02 12.54 28.52
C LEU K 191 19.99 13.39 29.81
N SER K 192 19.43 12.83 30.89
CA SER K 192 19.13 13.60 32.09
C SER K 192 19.80 13.09 33.39
N ALA K 193 20.52 11.99 33.32
CA ALA K 193 20.92 11.26 34.50
C ALA K 193 21.92 11.98 35.40
N HIS K 194 22.87 12.71 34.81
CA HIS K 194 23.85 13.50 35.56
C HIS K 194 23.29 14.83 36.07
N ARG K 195 21.99 15.01 35.94
CA ARG K 195 21.33 16.24 36.38
C ARG K 195 20.41 15.92 37.53
N GLY K 196 20.74 14.89 38.28
CA GLY K 196 19.89 14.54 39.40
C GLY K 196 19.75 13.07 39.65
N PHE K 197 19.70 12.24 38.62
CA PHE K 197 19.48 10.84 38.93
C PHE K 197 20.68 10.24 39.66
N LEU K 198 21.84 10.46 39.10
CA LEU K 198 23.00 9.98 39.78
C LEU K 198 23.16 10.79 41.05
N GLY K 199 23.40 10.09 42.15
CA GLY K 199 23.40 10.64 43.50
C GLY K 199 22.03 10.76 44.17
N CYS K 200 20.94 10.34 43.55
CA CYS K 200 19.62 10.40 44.23
C CYS K 200 19.43 9.46 45.43
N LYS K 201 20.21 8.38 45.49
CA LYS K 201 20.21 7.47 46.63
C LYS K 201 18.81 7.00 46.99
N HIS K 202 18.03 6.72 45.96
CA HIS K 202 16.66 6.31 46.15
C HIS K 202 16.54 4.91 46.74
N PHE K 203 17.51 4.04 46.46
CA PHE K 203 17.38 2.63 46.86
C PHE K 203 17.69 2.53 48.32
N SER K 204 18.71 3.23 48.76
CA SER K 204 19.03 3.28 50.17
C SER K 204 17.94 4.07 50.95
N LYS K 205 17.44 5.15 50.35
CA LYS K 205 16.39 5.98 50.99
C LYS K 205 15.16 5.11 51.23
N ALA K 206 14.73 4.36 50.19
CA ALA K 206 13.64 3.41 50.32
C ALA K 206 13.80 2.43 51.49
N ASN K 207 14.94 1.77 51.57
CA ASN K 207 15.12 0.85 52.68
C ASN K 207 15.13 1.56 54.03
N GLY K 208 15.66 2.78 54.07
CA GLY K 208 15.63 3.53 55.32
C GLY K 208 14.20 3.73 55.75
N LEU K 209 13.35 4.13 54.80
CA LEU K 209 11.93 4.28 55.02
C LEU K 209 11.16 3.01 55.34
N LEU K 210 11.43 1.90 54.64
CA LEU K 210 10.92 0.56 55.04
C LEU K 210 11.30 0.11 56.47
N LYS K 211 12.53 0.40 56.88
CA LYS K 211 12.96 0.06 58.25
C LYS K 211 12.14 0.79 59.33
N LEU K 212 11.80 2.05 59.09
CA LEU K 212 11.08 2.84 60.07
C LEU K 212 9.74 2.18 60.38
N SER K 213 9.28 1.34 59.45
CA SER K 213 8.02 0.60 59.52
C SER K 213 8.16 -0.86 59.93
N GLY K 214 9.31 -1.23 60.44
CA GLY K 214 9.60 -2.63 60.71
C GLY K 214 9.47 -3.51 59.47
N THR K 215 9.72 -2.94 58.29
CA THR K 215 9.56 -3.69 57.04
C THR K 215 10.92 -4.18 56.58
N GLU K 216 10.98 -5.42 56.11
CA GLU K 216 12.24 -6.01 55.69
C GLU K 216 12.67 -5.22 54.47
N PRO K 217 13.91 -4.73 54.45
CA PRO K 217 14.36 -3.98 53.29
C PRO K 217 14.49 -4.80 52.00
N ILE K 218 14.57 -4.10 50.87
CA ILE K 218 14.88 -4.76 49.58
C ILE K 218 16.36 -5.13 49.52
N ASN K 219 16.69 -6.38 49.18
CA ASN K 219 18.08 -6.72 48.90
C ASN K 219 18.27 -6.42 47.44
N TRP K 220 18.74 -5.22 47.15
CA TRP K 220 18.84 -4.74 45.81
C TRP K 220 19.82 -5.55 44.94
N ARG K 221 20.83 -6.16 45.56
CA ARG K 221 21.82 -6.95 44.85
C ARG K 221 21.28 -8.28 44.34
N ALA K 222 20.17 -8.76 44.91
CA ALA K 222 19.62 -10.11 44.59
C ALA K 222 18.93 -10.27 43.21
N LEU K 223 19.70 -10.17 42.13
CA LEU K 223 19.14 -10.23 40.78
C LEU K 223 19.46 -11.54 40.02
N ASN L 3 13.48 3.38 9.94
CA ASN L 3 13.27 4.83 10.23
C ASN L 3 14.40 5.34 11.13
N LEU L 4 14.33 5.02 12.42
CA LEU L 4 15.21 5.69 13.39
C LEU L 4 16.70 5.37 13.26
N SER L 5 17.08 4.09 13.17
CA SER L 5 18.49 3.75 13.07
C SER L 5 19.09 4.25 11.75
N ASP L 6 18.24 4.40 10.73
CA ASP L 6 18.66 4.95 9.44
C ASP L 6 18.99 6.43 9.59
N ILE L 7 18.20 7.14 10.40
CA ILE L 7 18.37 8.57 10.67
C ILE L 7 19.63 8.80 11.51
N ILE L 8 19.89 7.90 12.43
CA ILE L 8 21.13 7.91 13.18
C ILE L 8 22.32 7.65 12.27
N GLU L 9 22.25 6.54 11.53
CA GLU L 9 23.28 6.14 10.58
C GLU L 9 23.53 7.23 9.56
N LYS L 10 22.50 8.00 9.23
CA LYS L 10 22.64 9.17 8.36
C LYS L 10 23.60 10.17 9.00
N GLU L 11 23.22 10.68 10.17
CA GLU L 11 23.95 11.77 10.83
C GLU L 11 25.37 11.42 11.30
N THR L 12 25.59 10.16 11.60
CA THR L 12 26.80 9.72 12.31
C THR L 12 27.66 8.70 11.57
N GLY L 13 27.02 7.93 10.68
CA GLY L 13 27.68 6.82 9.99
C GLY L 13 27.81 5.57 10.86
N LYS L 14 26.98 5.47 11.90
CA LYS L 14 27.01 4.35 12.85
C LYS L 14 25.82 3.42 12.64
N GLN L 15 26.06 2.13 12.48
CA GLN L 15 24.95 1.17 12.39
C GLN L 15 24.57 0.74 13.81
N LEU L 16 23.57 1.41 14.36
CA LEU L 16 23.16 1.23 15.75
C LEU L 16 21.77 0.71 15.98
N VAL L 17 21.64 -0.13 17.01
CA VAL L 17 20.34 -0.66 17.40
C VAL L 17 19.86 0.15 18.61
N ILE L 18 18.70 0.77 18.44
CA ILE L 18 18.03 1.51 19.49
C ILE L 18 17.56 0.54 20.55
N GLN L 19 18.03 0.79 21.76
CA GLN L 19 17.78 -0.07 22.89
C GLN L 19 16.58 0.42 23.74
N GLU L 20 16.15 1.67 23.56
CA GLU L 20 15.09 2.28 24.38
C GLU L 20 14.56 3.62 23.82
N SER L 21 13.31 3.91 24.20
CA SER L 21 12.61 5.13 23.87
C SER L 21 11.83 5.70 25.06
N ILE L 22 12.33 6.81 25.58
CA ILE L 22 11.85 7.46 26.82
C ILE L 22 11.26 8.81 26.48
N LEU L 23 10.03 9.03 26.94
CA LEU L 23 9.32 10.27 26.70
C LEU L 23 9.67 11.32 27.76
N MET L 24 10.01 12.52 27.29
CA MET L 24 10.34 13.57 28.23
C MET L 24 9.58 14.81 27.82
N LEU L 25 9.22 15.60 28.83
CA LEU L 25 8.46 16.84 28.66
C LEU L 25 9.39 17.98 28.23
N PRO L 26 8.85 19.05 27.58
CA PRO L 26 9.71 20.15 27.08
C PRO L 26 10.64 20.76 28.11
N GLU L 27 10.12 20.88 29.33
CA GLU L 27 10.81 21.51 30.45
C GLU L 27 11.98 20.67 30.97
N GLU L 28 11.72 19.36 31.04
CA GLU L 28 12.75 18.35 31.25
C GLU L 28 13.82 18.39 30.21
N VAL L 29 13.35 18.48 28.97
CA VAL L 29 14.24 18.45 27.81
C VAL L 29 14.99 19.78 27.75
N GLU L 30 14.26 20.87 27.95
CA GLU L 30 14.76 22.24 27.79
C GLU L 30 16.20 22.53 28.19
N GLU L 31 16.47 22.50 29.49
CA GLU L 31 17.78 22.93 29.98
C GLU L 31 18.91 22.16 29.33
N VAL L 32 18.89 20.84 29.50
CA VAL L 32 19.96 19.98 28.99
C VAL L 32 20.24 20.31 27.53
N ILE L 33 19.19 20.54 26.76
CA ILE L 33 19.32 20.84 25.33
C ILE L 33 19.68 22.30 25.06
N GLY L 34 19.13 23.22 25.84
CA GLY L 34 19.32 24.64 25.59
C GLY L 34 18.45 25.06 24.42
N ASN L 35 17.37 24.32 24.23
CA ASN L 35 16.31 24.68 23.30
C ASN L 35 15.10 23.96 23.84
N LYS L 36 13.92 24.52 23.64
CA LYS L 36 12.68 23.91 24.10
C LYS L 36 11.92 23.36 22.91
N PRO L 37 11.52 22.09 22.97
CA PRO L 37 10.73 21.56 21.86
C PRO L 37 9.28 22.00 21.87
N GLU L 38 8.68 22.02 20.70
CA GLU L 38 7.27 22.34 20.54
C GLU L 38 6.46 21.52 21.52
N SER L 39 6.74 20.22 21.60
CA SER L 39 6.04 19.32 22.54
C SER L 39 6.93 18.25 23.17
N ASP L 40 6.30 17.16 23.63
CA ASP L 40 7.01 16.04 24.22
C ASP L 40 7.98 15.40 23.21
N ILE L 41 9.10 14.93 23.73
CA ILE L 41 10.14 14.32 22.93
C ILE L 41 10.32 12.84 23.27
N LEU L 42 10.47 11.99 22.26
CA LEU L 42 10.98 10.63 22.48
C LEU L 42 12.49 10.66 22.40
N VAL L 43 13.12 10.07 23.40
CA VAL L 43 14.57 10.04 23.48
C VAL L 43 15.01 8.61 23.14
N HIS L 44 15.33 8.45 21.86
CA HIS L 44 15.72 7.15 21.31
C HIS L 44 17.22 6.90 21.53
N THR L 45 17.53 5.92 22.36
CA THR L 45 18.91 5.78 22.82
C THR L 45 19.53 4.47 22.37
N ALA L 46 20.63 4.61 21.66
CA ALA L 46 21.46 3.48 21.24
C ALA L 46 22.85 3.70 21.79
N TYR L 47 23.51 2.66 22.23
CA TYR L 47 24.85 2.83 22.80
C TYR L 47 25.88 2.30 21.82
N ASP L 48 26.94 3.06 21.62
CA ASP L 48 28.00 2.63 20.77
C ASP L 48 29.16 2.02 21.55
N GLU L 49 29.25 0.70 21.52
CA GLU L 49 30.26 -0.01 22.27
C GLU L 49 31.63 0.34 21.74
N SER L 50 31.70 0.64 20.44
CA SER L 50 32.99 0.89 19.79
C SER L 50 33.64 2.19 20.23
N THR L 51 32.82 3.17 20.65
CA THR L 51 33.34 4.44 21.14
C THR L 51 32.95 4.69 22.59
N ASP L 52 32.22 3.76 23.21
CA ASP L 52 31.67 4.02 24.55
C ASP L 52 31.00 5.39 24.54
N GLU L 53 30.05 5.56 23.64
CA GLU L 53 29.27 6.80 23.60
C GLU L 53 27.79 6.42 23.68
N ASN L 54 27.02 7.22 24.36
CA ASN L 54 25.56 7.08 24.26
C ASN L 54 25.03 7.97 23.11
N VAL L 55 24.32 7.34 22.19
CA VAL L 55 23.86 8.02 20.99
C VAL L 55 22.34 8.07 21.09
N MET L 56 21.82 9.28 21.01
CA MET L 56 20.42 9.60 21.35
C MET L 56 19.77 10.44 20.25
N LEU L 57 18.74 9.88 19.63
CA LEU L 57 17.97 10.57 18.59
C LEU L 57 16.70 11.09 19.25
N LEU L 58 16.55 12.41 19.31
CA LEU L 58 15.41 13.03 19.95
C LEU L 58 14.39 13.40 18.88
N THR L 59 13.22 12.75 18.92
CA THR L 59 12.16 12.95 17.91
C THR L 59 10.92 13.44 18.61
N SER L 60 9.97 13.93 17.83
CA SER L 60 8.68 14.20 18.41
C SER L 60 8.06 12.82 18.75
N ASP L 61 7.04 12.86 19.58
CA ASP L 61 6.30 11.70 20.06
C ASP L 61 5.55 11.06 18.91
N ALA L 62 5.09 9.83 19.13
CA ALA L 62 4.21 9.16 18.17
C ALA L 62 2.89 9.93 18.08
N PRO L 63 2.17 9.78 16.96
CA PRO L 63 2.53 8.93 15.81
C PRO L 63 3.60 9.52 14.90
N GLU L 64 3.93 10.81 15.08
CA GLU L 64 4.81 11.49 14.11
C GLU L 64 6.32 11.14 14.11
N TYR L 65 6.94 11.10 15.29
CA TYR L 65 8.38 10.87 15.39
C TYR L 65 9.22 11.80 14.54
N LYS L 66 8.98 13.12 14.56
CA LYS L 66 9.78 14.02 13.71
C LYS L 66 11.11 14.33 14.38
N PRO L 67 12.24 14.10 13.67
CA PRO L 67 13.49 14.35 14.36
C PRO L 67 13.67 15.80 14.77
N TRP L 68 14.23 15.98 15.97
CA TRP L 68 14.37 17.28 16.55
C TRP L 68 15.82 17.59 16.87
N ALA L 69 16.51 16.64 17.50
CA ALA L 69 17.94 16.82 17.81
C ALA L 69 18.68 15.50 17.93
N LEU L 70 19.97 15.53 17.65
CA LEU L 70 20.85 14.38 17.88
C LEU L 70 21.84 14.76 19.00
N VAL L 71 22.01 13.87 19.96
CA VAL L 71 22.97 14.05 21.05
C VAL L 71 23.94 12.86 21.12
N ILE L 72 25.23 13.17 21.25
CA ILE L 72 26.20 12.12 21.49
C ILE L 72 26.90 12.45 22.80
N GLN L 73 26.69 11.59 23.78
CA GLN L 73 27.28 11.72 25.11
C GLN L 73 28.47 10.81 25.31
N ASP L 74 29.55 11.39 25.83
CA ASP L 74 30.77 10.64 26.09
C ASP L 74 30.69 10.00 27.48
N SER L 75 31.73 9.25 27.80
CA SER L 75 31.81 8.44 29.01
C SER L 75 31.83 9.26 30.30
N ASN L 76 32.11 10.54 30.18
CA ASN L 76 32.00 11.52 31.28
C ASN L 76 30.72 12.35 31.32
N GLY L 77 29.76 12.02 30.48
CA GLY L 77 28.45 12.67 30.52
C GLY L 77 28.34 13.94 29.71
N GLU L 78 29.38 14.26 28.94
CA GLU L 78 29.36 15.51 28.20
C GLU L 78 28.70 15.32 26.87
N ASN L 79 27.91 16.31 26.47
CA ASN L 79 27.06 16.19 25.29
C ASN L 79 27.51 17.00 24.08
N LYS L 80 27.48 16.35 22.92
CA LYS L 80 27.60 17.04 21.65
C LYS L 80 26.18 17.06 21.11
N ILE L 81 25.68 18.25 20.76
CA ILE L 81 24.30 18.44 20.34
C ILE L 81 24.19 19.10 18.97
N LYS L 82 23.37 18.49 18.13
CA LYS L 82 23.11 18.96 16.79
C LYS L 82 21.61 18.96 16.61
N MET L 83 21.07 20.06 16.11
CA MET L 83 19.62 20.14 15.94
C MET L 83 19.29 19.69 14.53
N LEU L 84 18.11 19.10 14.37
CA LEU L 84 17.75 18.42 13.14
C LEU L 84 16.65 19.12 12.37
N MET M 1 2.11 16.68 -15.53
CA MET M 1 2.53 16.11 -16.84
C MET M 1 1.54 16.43 -17.97
N GLU M 2 2.09 16.60 -19.17
CA GLU M 2 1.33 17.10 -20.31
C GLU M 2 0.39 16.06 -20.91
N PHE M 3 -0.79 16.52 -21.32
CA PHE M 3 -1.85 15.70 -21.89
C PHE M 3 -2.54 14.76 -20.90
N PHE M 4 -2.36 15.00 -19.59
CA PHE M 4 -2.84 14.09 -18.52
C PHE M 4 -3.52 14.84 -17.36
N GLY M 5 -4.81 14.56 -17.15
CA GLY M 5 -5.66 15.32 -16.22
C GLY M 5 -5.11 15.33 -14.81
N GLU M 6 -4.88 16.53 -14.28
CA GLU M 6 -4.32 16.73 -12.95
C GLU M 6 -4.93 15.90 -11.87
N THR M 7 -6.26 15.83 -11.77
CA THR M 7 -6.85 15.04 -10.68
C THR M 7 -6.29 13.65 -10.83
N TRP M 8 -6.25 13.13 -12.06
CA TRP M 8 -5.70 11.78 -12.24
C TRP M 8 -4.19 11.73 -11.92
N ARG M 9 -3.46 12.76 -12.33
CA ARG M 9 -1.98 12.73 -12.23
C ARG M 9 -1.53 12.56 -10.80
N ARG M 10 -2.19 13.32 -9.94
CA ARG M 10 -1.91 13.38 -8.51
C ARG M 10 -2.23 12.10 -7.76
N GLU M 11 -3.08 11.23 -8.31
CA GLU M 11 -3.38 9.95 -7.66
C GLU M 11 -2.55 8.78 -8.19
N LEU M 12 -2.00 8.92 -9.40
CA LEU M 12 -1.26 7.82 -10.03
C LEU M 12 0.20 8.17 -10.11
N ALA M 13 0.60 9.19 -9.35
CA ALA M 13 1.85 9.88 -9.59
C ALA M 13 3.01 8.92 -9.48
N ALA M 14 2.90 7.97 -8.53
CA ALA M 14 3.99 7.07 -8.21
C ALA M 14 4.38 6.21 -9.39
N GLU M 15 3.47 6.07 -10.35
CA GLU M 15 3.60 5.03 -11.38
C GLU M 15 4.51 5.51 -12.47
N PHE M 16 4.55 6.82 -12.61
CA PHE M 16 5.32 7.45 -13.64
C PHE M 16 6.80 7.34 -13.31
N GLU M 17 7.14 7.12 -12.05
CA GLU M 17 8.56 7.04 -11.67
C GLU M 17 9.14 5.60 -11.68
N LYS M 18 8.29 4.62 -11.95
CA LYS M 18 8.69 3.26 -11.78
C LYS M 18 9.47 2.78 -13.01
N PRO M 19 10.37 1.81 -12.82
CA PRO M 19 11.12 1.27 -13.98
C PRO M 19 10.24 0.89 -15.18
N TYR M 20 9.22 0.08 -14.94
CA TYR M 20 8.38 -0.33 -16.04
C TYR M 20 7.71 0.81 -16.85
N PHE M 21 7.29 1.89 -16.18
CA PHE M 21 6.61 2.99 -16.87
C PHE M 21 7.56 3.83 -17.69
N LYS M 22 8.74 4.09 -17.13
CA LYS M 22 9.81 4.80 -17.84
C LYS M 22 10.22 4.03 -19.07
N GLN M 23 10.23 2.71 -18.95
CA GLN M 23 10.60 1.80 -20.06
C GLN M 23 9.53 1.83 -21.13
N LEU M 24 8.30 1.68 -20.67
CA LEU M 24 7.13 1.82 -21.53
C LEU M 24 7.26 3.09 -22.39
N MET M 25 7.57 4.22 -21.75
CA MET M 25 7.66 5.50 -22.45
C MET M 25 8.69 5.55 -23.58
N SER M 26 9.85 4.97 -23.34
CA SER M 26 10.90 5.04 -24.38
C SER M 26 10.61 4.06 -25.50
N PHE M 27 9.89 2.98 -25.17
CA PHE M 27 9.36 2.05 -26.18
C PHE M 27 8.38 2.76 -27.14
N VAL M 28 7.42 3.47 -26.57
CA VAL M 28 6.47 4.19 -27.42
C VAL M 28 7.21 5.30 -28.18
N ALA M 29 8.12 5.99 -27.53
CA ALA M 29 8.90 7.04 -28.22
C ALA M 29 9.68 6.45 -29.42
N ASP M 30 10.38 5.36 -29.18
CA ASP M 30 11.04 4.57 -30.24
C ASP M 30 10.04 4.18 -31.35
N GLU M 31 8.90 3.69 -30.95
CA GLU M 31 7.87 3.33 -31.91
C GLU M 31 7.43 4.55 -32.75
N ARG M 32 7.15 5.68 -32.11
CA ARG M 32 6.74 6.91 -32.78
C ARG M 32 7.87 7.38 -33.72
N SER M 33 9.11 7.17 -33.29
CA SER M 33 10.28 7.50 -34.09
C SER M 33 10.34 6.82 -35.46
N ARG M 34 9.99 5.55 -35.53
CA ARG M 34 10.13 4.77 -36.77
C ARG M 34 8.79 4.48 -37.45
N HIS M 35 7.69 4.78 -36.77
CA HIS M 35 6.38 4.37 -37.29
C HIS M 35 5.32 5.32 -36.79
N THR M 36 4.14 5.21 -37.37
CA THR M 36 3.00 5.98 -36.90
C THR M 36 2.35 5.08 -35.86
N VAL M 37 1.94 5.70 -34.75
CA VAL M 37 1.36 4.98 -33.63
C VAL M 37 0.03 5.64 -33.25
N TYR M 38 -1.06 4.88 -33.13
CA TYR M 38 -2.34 5.49 -32.71
C TYR M 38 -2.63 5.26 -31.22
N PRO M 39 -3.44 6.14 -30.59
CA PRO M 39 -3.92 7.41 -31.09
C PRO M 39 -2.76 8.40 -31.15
N PRO M 40 -3.02 9.62 -31.65
CA PRO M 40 -2.03 10.70 -31.63
C PRO M 40 -1.58 10.94 -30.20
N ALA M 41 -0.43 11.58 -30.08
CA ALA M 41 0.24 11.76 -28.82
C ALA M 41 -0.60 12.50 -27.79
N ASP M 42 -1.25 13.56 -28.23
CA ASP M 42 -1.99 14.42 -27.33
C ASP M 42 -3.29 13.80 -26.80
N GLN M 43 -3.64 12.62 -27.31
CA GLN M 43 -4.91 11.99 -27.00
C GLN M 43 -4.74 10.69 -26.24
N VAL M 44 -3.50 10.28 -25.99
CA VAL M 44 -3.26 8.94 -25.44
C VAL M 44 -3.98 8.82 -24.11
N TYR M 45 -4.12 9.95 -23.40
CA TYR M 45 -4.77 10.01 -22.12
C TYR M 45 -6.06 10.84 -22.12
N SER M 46 -6.72 10.95 -23.27
CA SER M 46 -8.02 11.65 -23.39
C SER M 46 -9.02 11.25 -22.27
N TRP M 47 -9.00 9.98 -21.89
CA TRP M 47 -9.80 9.43 -20.79
C TRP M 47 -9.53 10.06 -19.43
N THR M 48 -8.39 10.73 -19.23
CA THR M 48 -8.20 11.47 -17.97
C THR M 48 -8.62 12.94 -18.05
N GLU M 49 -9.04 13.41 -19.20
CA GLU M 49 -9.31 14.86 -19.36
C GLU M 49 -10.82 15.12 -19.44
N MET M 50 -11.61 14.07 -19.55
CA MET M 50 -13.05 14.22 -19.79
C MET M 50 -13.83 14.61 -18.55
N CYS M 51 -13.41 14.05 -17.43
CA CYS M 51 -13.93 14.38 -16.10
C CYS M 51 -12.78 14.24 -15.11
N ASP M 52 -13.06 14.56 -13.85
CA ASP M 52 -12.06 14.48 -12.79
C ASP M 52 -12.10 13.05 -12.32
N ILE M 53 -11.03 12.59 -11.70
CA ILE M 53 -10.98 11.19 -11.28
C ILE M 53 -12.06 10.90 -10.23
N GLN M 54 -12.42 11.91 -9.44
CA GLN M 54 -13.43 11.75 -8.42
C GLN M 54 -14.82 11.49 -9.01
N ASP M 55 -15.08 12.01 -10.20
CA ASP M 55 -16.45 11.95 -10.74
C ASP M 55 -16.74 10.70 -11.59
N VAL M 56 -15.76 9.80 -11.65
CA VAL M 56 -15.97 8.50 -12.28
C VAL M 56 -17.10 7.68 -11.60
N LYS M 57 -18.10 7.28 -12.39
CA LYS M 57 -19.21 6.47 -11.88
C LYS M 57 -19.33 5.08 -12.47
N VAL M 58 -18.86 4.95 -13.69
CA VAL M 58 -18.95 3.77 -14.47
C VAL M 58 -17.65 3.60 -15.25
N VAL M 59 -17.17 2.37 -15.25
CA VAL M 59 -15.95 2.04 -15.94
C VAL M 59 -16.29 1.02 -17.02
N ILE M 60 -15.85 1.28 -18.25
CA ILE M 60 -15.97 0.33 -19.36
C ILE M 60 -14.57 0.04 -19.87
N LEU M 61 -14.18 -1.23 -19.86
CA LEU M 61 -12.86 -1.60 -20.29
C LEU M 61 -12.77 -2.05 -21.72
N GLY M 62 -11.68 -1.68 -22.36
CA GLY M 62 -11.45 -2.04 -23.74
C GLY M 62 -10.05 -2.60 -23.86
N GLN M 63 -9.75 -3.19 -25.01
CA GLN M 63 -8.44 -3.80 -25.27
C GLN M 63 -7.39 -2.78 -25.73
N ASP M 64 -7.14 -2.64 -27.04
CA ASP M 64 -6.17 -1.64 -27.52
C ASP M 64 -6.85 -0.64 -28.45
N PRO M 65 -6.16 0.46 -28.83
CA PRO M 65 -6.79 1.42 -29.75
C PRO M 65 -6.91 0.92 -31.19
N TYR M 66 -7.91 1.47 -31.88
CA TYR M 66 -8.08 1.21 -33.29
C TYR M 66 -6.74 1.54 -33.95
N HIS M 67 -6.31 0.71 -34.92
CA HIS M 67 -4.99 0.83 -35.55
C HIS M 67 -5.00 1.57 -36.91
N GLY M 68 -6.10 2.23 -37.24
CA GLY M 68 -6.25 2.92 -38.53
C GLY M 68 -6.32 4.43 -38.36
N PRO M 69 -6.06 5.17 -39.45
CA PRO M 69 -5.89 6.61 -39.33
C PRO M 69 -7.15 7.34 -38.87
N ASN M 70 -7.04 8.10 -37.79
CA ASN M 70 -8.08 9.04 -37.36
C ASN M 70 -9.24 8.43 -36.59
N GLN M 71 -9.14 7.15 -36.29
CA GLN M 71 -10.17 6.43 -35.58
C GLN M 71 -9.98 6.72 -34.10
N ALA M 72 -8.99 6.03 -33.51
CA ALA M 72 -8.70 6.10 -32.10
C ALA M 72 -8.58 7.56 -31.68
N HIS M 73 -9.12 7.89 -30.51
CA HIS M 73 -8.83 9.18 -29.87
C HIS M 73 -8.72 9.09 -28.35
N GLY M 74 -8.31 7.93 -27.86
CA GLY M 74 -8.00 7.82 -26.43
C GLY M 74 -9.11 7.39 -25.51
N LEU M 75 -10.14 6.79 -26.09
CA LEU M 75 -11.32 6.33 -25.33
C LEU M 75 -11.72 4.99 -25.94
N CYS M 76 -11.98 3.98 -25.10
CA CYS M 76 -12.33 2.65 -25.61
C CYS M 76 -13.60 2.70 -26.43
N PHE M 77 -13.57 1.96 -27.55
CA PHE M 77 -14.74 1.75 -28.40
C PHE M 77 -15.15 2.94 -29.27
N SER M 78 -14.85 4.14 -28.79
CA SER M 78 -15.19 5.40 -29.42
C SER M 78 -14.32 5.71 -30.64
N VAL M 79 -14.97 6.23 -31.68
CA VAL M 79 -14.28 6.76 -32.86
C VAL M 79 -14.50 8.27 -33.01
N GLN M 80 -13.46 8.97 -33.44
CA GLN M 80 -13.58 10.43 -33.69
C GLN M 80 -14.64 10.69 -34.77
N LYS M 81 -15.34 11.81 -34.66
CA LYS M 81 -16.27 12.19 -35.72
C LYS M 81 -15.41 12.42 -36.97
N PRO M 82 -15.92 12.08 -38.18
CA PRO M 82 -17.17 11.42 -38.52
C PRO M 82 -16.96 9.94 -38.91
N VAL M 83 -16.08 9.26 -38.21
CA VAL M 83 -15.85 7.86 -38.53
C VAL M 83 -17.15 7.13 -38.17
N PRO M 84 -17.55 6.15 -39.00
CA PRO M 84 -18.79 5.50 -38.58
C PRO M 84 -18.54 4.50 -37.47
N PRO M 85 -19.51 4.34 -36.54
CA PRO M 85 -19.23 3.37 -35.47
C PRO M 85 -18.80 1.99 -35.96
N PRO M 86 -17.70 1.47 -35.41
CA PRO M 86 -17.25 0.14 -35.79
C PRO M 86 -18.20 -0.90 -35.31
N PRO M 87 -18.01 -2.15 -35.75
CA PRO M 87 -18.99 -3.24 -35.51
C PRO M 87 -19.40 -3.50 -34.07
N SER M 88 -18.46 -3.40 -33.15
CA SER M 88 -18.75 -3.60 -31.71
C SER M 88 -19.60 -2.47 -31.16
N LEU M 89 -19.31 -1.24 -31.61
CA LEU M 89 -20.10 -0.10 -31.18
C LEU M 89 -21.49 -0.15 -31.82
N VAL M 90 -21.55 -0.59 -33.07
CA VAL M 90 -22.89 -0.81 -33.69
C VAL M 90 -23.76 -1.72 -32.76
N ASN M 91 -23.17 -2.75 -32.20
CA ASN M 91 -23.93 -3.60 -31.27
C ASN M 91 -24.24 -2.99 -29.90
N ILE M 92 -23.36 -2.11 -29.43
CA ILE M 92 -23.56 -1.39 -28.17
C ILE M 92 -24.77 -0.44 -28.32
N TYR M 93 -24.77 0.34 -29.41
CA TYR M 93 -25.92 1.15 -29.80
C TYR M 93 -27.19 0.32 -29.99
N LYS M 94 -27.06 -0.86 -30.62
CA LYS M 94 -28.18 -1.81 -30.76
C LYS M 94 -28.74 -2.20 -29.40
N GLU M 95 -27.91 -2.52 -28.42
CA GLU M 95 -28.40 -2.79 -27.05
C GLU M 95 -29.00 -1.58 -26.35
N LEU M 96 -28.36 -0.43 -26.51
CA LEU M 96 -28.92 0.87 -26.02
C LEU M 96 -30.30 1.07 -26.56
N CYS M 97 -30.46 0.87 -27.86
CA CYS M 97 -31.80 0.99 -28.48
C CYS M 97 -32.88 0.16 -27.77
N THR M 98 -32.59 -1.06 -27.29
CA THR M 98 -33.63 -1.83 -26.52
C THR M 98 -33.60 -1.56 -25.00
N ASP M 99 -32.43 -1.16 -24.51
CA ASP M 99 -32.25 -1.05 -23.06
C ASP M 99 -32.73 0.29 -22.46
N ILE M 100 -32.42 1.36 -23.17
CA ILE M 100 -32.62 2.70 -22.69
C ILE M 100 -33.80 3.43 -23.33
N ASP M 101 -34.83 3.67 -22.52
CA ASP M 101 -36.01 4.48 -22.91
C ASP M 101 -35.62 5.83 -23.46
N GLY M 102 -36.15 6.19 -24.62
CA GLY M 102 -35.75 7.40 -25.28
C GLY M 102 -34.46 7.37 -26.07
N PHE M 103 -33.67 6.32 -25.98
CA PHE M 103 -32.36 6.40 -26.63
C PHE M 103 -32.52 6.69 -28.11
N LYS M 104 -31.51 7.35 -28.66
CA LYS M 104 -31.39 7.64 -30.10
C LYS M 104 -29.94 7.50 -30.56
N HIS M 105 -29.70 6.75 -31.65
CA HIS M 105 -28.37 6.68 -32.29
C HIS M 105 -28.03 8.12 -32.75
N PRO M 106 -26.94 8.72 -32.23
CA PRO M 106 -26.63 10.14 -32.34
C PRO M 106 -26.13 10.67 -33.71
N GLY M 107 -25.77 9.78 -34.61
CA GLY M 107 -25.29 10.15 -35.93
C GLY M 107 -23.78 10.02 -36.03
N HIS M 108 -23.18 9.32 -35.06
CA HIS M 108 -21.72 9.18 -34.96
C HIS M 108 -21.30 8.09 -33.94
N GLY M 109 -19.99 7.93 -33.72
CA GLY M 109 -19.49 7.03 -32.68
C GLY M 109 -18.54 7.64 -31.64
N ASP M 110 -18.58 8.96 -31.47
CA ASP M 110 -17.78 9.66 -30.50
C ASP M 110 -18.54 9.56 -29.17
N LEU M 111 -17.88 8.97 -28.19
CA LEU M 111 -18.52 8.66 -26.90
C LEU M 111 -18.13 9.64 -25.81
N SER M 112 -17.62 10.82 -26.19
CA SER M 112 -17.09 11.79 -25.21
C SER M 112 -18.17 12.24 -24.24
N GLY M 113 -19.40 12.25 -24.72
CA GLY M 113 -20.57 12.62 -23.93
C GLY M 113 -20.81 11.68 -22.76
N TRP M 114 -20.35 10.43 -22.85
CA TRP M 114 -20.40 9.53 -21.70
C TRP M 114 -19.22 9.83 -20.79
N ALA M 115 -18.03 9.96 -21.39
CA ALA M 115 -16.85 10.26 -20.60
C ALA M 115 -17.02 11.49 -19.71
N LYS M 116 -17.63 12.55 -20.23
CA LYS M 116 -17.78 13.83 -19.48
C LYS M 116 -18.71 13.65 -18.27
N GLN M 117 -19.59 12.67 -18.37
CA GLN M 117 -20.53 12.38 -17.32
C GLN M 117 -19.96 11.36 -16.35
N GLY M 118 -18.69 10.98 -16.50
CA GLY M 118 -18.07 10.09 -15.57
C GLY M 118 -18.12 8.62 -15.94
N VAL M 119 -18.20 8.32 -17.23
CA VAL M 119 -18.04 6.95 -17.68
C VAL M 119 -16.62 6.87 -18.15
N LEU M 120 -15.82 6.12 -17.42
CA LEU M 120 -14.46 5.87 -17.79
C LEU M 120 -14.32 4.87 -18.94
N LEU M 121 -13.80 5.33 -20.05
CA LEU M 121 -13.68 4.55 -21.27
C LEU M 121 -12.22 4.18 -21.47
N LEU M 122 -11.86 3.11 -20.79
CA LEU M 122 -10.45 2.77 -20.58
C LEU M 122 -9.95 1.54 -21.27
N ASN M 123 -9.18 1.73 -22.34
CA ASN M 123 -8.50 0.61 -22.99
C ASN M 123 -7.43 0.00 -22.08
N ALA M 124 -7.22 -1.31 -22.08
CA ALA M 124 -6.11 -1.88 -21.28
C ALA M 124 -4.77 -1.45 -21.83
N VAL M 125 -4.70 -1.21 -23.14
CA VAL M 125 -3.47 -0.86 -23.84
C VAL M 125 -3.74 0.45 -24.54
N LEU M 126 -2.92 1.45 -24.31
CA LEU M 126 -3.24 2.83 -24.69
C LEU M 126 -2.60 3.22 -26.01
N THR M 127 -1.76 2.36 -26.58
CA THR M 127 -1.21 2.64 -27.92
C THR M 127 -1.19 1.40 -28.79
N VAL M 128 -1.09 1.60 -30.11
CA VAL M 128 -0.89 0.54 -31.09
C VAL M 128 -0.12 1.07 -32.31
N ARG M 129 0.68 0.24 -32.96
CA ARG M 129 1.35 0.64 -34.21
C ARG M 129 0.36 0.61 -35.38
N ALA M 130 0.57 1.50 -36.36
CA ALA M 130 -0.38 1.63 -37.49
C ALA M 130 -0.70 0.28 -38.13
N HIS M 131 -2.00 -0.01 -38.24
CA HIS M 131 -2.44 -1.22 -38.90
C HIS M 131 -1.96 -2.53 -38.27
N GLN M 132 -1.51 -2.50 -37.02
CA GLN M 132 -1.03 -3.73 -36.43
C GLN M 132 -1.75 -4.03 -35.12
N ALA M 133 -2.75 -4.90 -35.20
CA ALA M 133 -3.60 -5.23 -34.07
C ALA M 133 -2.77 -5.80 -32.94
N ASN M 134 -2.93 -5.23 -31.75
CA ASN M 134 -2.30 -5.76 -30.54
C ASN M 134 -0.77 -5.71 -30.54
N SER M 135 -0.21 -4.86 -31.40
CA SER M 135 1.25 -4.74 -31.59
C SER M 135 1.98 -4.25 -30.35
N HIS M 136 1.30 -3.43 -29.53
CA HIS M 136 1.87 -2.91 -28.30
C HIS M 136 1.47 -3.66 -27.01
N LYS M 137 1.04 -4.91 -27.08
CA LYS M 137 0.72 -5.63 -25.85
C LYS M 137 2.01 -5.96 -25.07
N ASP M 138 1.86 -6.13 -23.76
CA ASP M 138 2.95 -6.54 -22.87
C ASP M 138 4.17 -5.61 -22.83
N ARG M 139 3.96 -4.36 -23.21
CA ARG M 139 5.01 -3.37 -23.24
C ARG M 139 4.95 -2.45 -22.02
N GLY M 140 4.00 -2.72 -21.13
CA GLY M 140 3.86 -1.94 -19.92
C GLY M 140 2.52 -1.23 -19.75
N TRP M 141 1.68 -1.12 -20.80
CA TRP M 141 0.38 -0.41 -20.64
C TRP M 141 -0.56 -1.19 -19.71
N GLU M 142 -0.51 -2.52 -19.83
CA GLU M 142 -1.37 -3.42 -19.06
C GLU M 142 -1.18 -3.23 -17.56
N THR M 143 0.08 -3.16 -17.12
CA THR M 143 0.42 -2.89 -15.72
C THR M 143 -0.06 -1.52 -15.24
N PHE M 144 0.15 -0.52 -16.09
CA PHE M 144 -0.33 0.86 -15.84
C PHE M 144 -1.86 0.93 -15.62
N THR M 145 -2.62 0.21 -16.43
CA THR M 145 -4.08 0.36 -16.37
C THR M 145 -4.71 -0.58 -15.32
N ASP M 146 -4.02 -1.70 -15.03
CA ASP M 146 -4.14 -2.42 -13.77
C ASP M 146 -4.06 -1.45 -12.56
N ALA M 147 -3.00 -0.64 -12.53
CA ALA M 147 -2.80 0.33 -11.46
C ALA M 147 -4.01 1.23 -11.40
N VAL M 148 -4.39 1.81 -12.55
CA VAL M 148 -5.61 2.64 -12.63
C VAL M 148 -6.89 2.00 -12.06
N ILE M 149 -7.16 0.75 -12.43
CA ILE M 149 -8.36 0.06 -11.95
C ILE M 149 -8.22 -0.28 -10.48
N LYS M 150 -7.02 -0.69 -10.07
CA LYS M 150 -6.79 -0.96 -8.65
C LYS M 150 -7.07 0.29 -7.80
N TRP M 151 -6.63 1.48 -8.24
CA TRP M 151 -6.85 2.72 -7.47
C TRP M 151 -8.36 2.97 -7.22
N LEU M 152 -9.16 2.91 -8.27
CA LEU M 152 -10.62 3.04 -8.13
C LEU M 152 -11.23 2.06 -7.15
N SER M 153 -10.97 0.78 -7.35
CA SER M 153 -11.47 -0.27 -6.47
C SER M 153 -11.14 0.01 -5.02
N VAL M 154 -9.86 0.35 -4.79
CA VAL M 154 -9.34 0.60 -3.44
C VAL M 154 -9.89 1.88 -2.77
N ASN M 155 -9.94 2.99 -3.50
CA ASN M 155 -10.24 4.23 -2.85
C ASN M 155 -11.67 4.79 -3.10
N ARG M 156 -12.54 4.00 -3.75
CA ARG M 156 -13.89 4.45 -4.00
C ARG M 156 -14.83 3.41 -3.48
N GLU M 157 -16.12 3.73 -3.50
CA GLU M 157 -17.16 2.82 -3.05
C GLU M 157 -18.26 2.97 -4.06
N GLY M 158 -18.73 1.86 -4.62
CA GLY M 158 -19.94 1.88 -5.42
C GLY M 158 -19.82 2.10 -6.91
N VAL M 159 -18.60 2.06 -7.42
CA VAL M 159 -18.37 2.19 -8.87
C VAL M 159 -18.97 0.98 -9.60
N VAL M 160 -19.49 1.24 -10.80
CA VAL M 160 -20.07 0.22 -11.61
C VAL M 160 -19.06 -0.15 -12.70
N PHE M 161 -18.70 -1.43 -12.76
CA PHE M 161 -17.82 -1.92 -13.82
C PHE M 161 -18.54 -2.83 -14.84
N LEU M 162 -18.37 -2.49 -16.13
CA LEU M 162 -18.91 -3.21 -17.22
C LEU M 162 -17.80 -3.91 -18.01
N LEU M 163 -17.74 -5.21 -17.84
CA LEU M 163 -16.68 -6.04 -18.37
C LEU M 163 -17.26 -6.93 -19.45
N TRP M 164 -16.82 -6.68 -20.67
CA TRP M 164 -17.34 -7.33 -21.84
C TRP M 164 -16.26 -8.12 -22.56
N GLY M 165 -16.45 -9.43 -22.65
CA GLY M 165 -15.41 -10.29 -23.24
C GLY M 165 -14.49 -10.80 -22.15
N SER M 166 -13.79 -11.90 -22.42
CA SER M 166 -13.10 -12.58 -21.34
C SER M 166 -11.80 -11.90 -20.94
N TYR M 167 -11.23 -11.13 -21.86
CA TYR M 167 -10.07 -10.32 -21.57
C TYR M 167 -10.41 -9.31 -20.48
N ALA M 168 -11.56 -8.70 -20.65
CA ALA M 168 -12.08 -7.64 -19.80
C ALA M 168 -12.41 -8.18 -18.44
N HIS M 169 -13.09 -9.33 -18.42
CA HIS M 169 -13.33 -10.04 -17.17
C HIS M 169 -12.08 -10.31 -16.39
N LYS M 170 -11.04 -10.77 -17.06
CA LYS M 170 -9.87 -11.22 -16.31
C LYS M 170 -9.16 -10.01 -15.75
N LYS M 171 -9.16 -8.95 -16.53
CA LYS M 171 -8.58 -7.69 -16.05
C LYS M 171 -9.36 -7.13 -14.86
N GLY M 172 -10.65 -7.46 -14.77
CA GLY M 172 -11.48 -6.96 -13.66
C GLY M 172 -11.58 -7.93 -12.51
N ALA M 173 -10.78 -8.99 -12.59
CA ALA M 173 -10.95 -10.12 -11.67
C ALA M 173 -10.67 -9.83 -10.19
N THR M 174 -9.91 -8.77 -9.92
CA THR M 174 -9.44 -8.46 -8.58
C THR M 174 -10.12 -7.23 -8.03
N ILE M 175 -11.14 -6.75 -8.75
CA ILE M 175 -12.01 -5.68 -8.26
C ILE M 175 -12.79 -6.22 -7.06
N ASP M 176 -12.95 -5.36 -6.05
CA ASP M 176 -13.57 -5.78 -4.80
C ASP M 176 -15.06 -5.76 -5.04
N ARG M 177 -15.61 -6.96 -5.15
CA ARG M 177 -17.03 -7.22 -5.37
C ARG M 177 -17.88 -6.76 -4.22
N LYS M 178 -17.32 -6.70 -3.01
CA LYS M 178 -18.06 -6.17 -1.86
C LYS M 178 -18.17 -4.63 -1.86
N ARG M 179 -17.34 -3.96 -2.65
CA ARG M 179 -17.29 -2.51 -2.65
C ARG M 179 -17.88 -1.88 -3.91
N HIS M 180 -17.88 -2.67 -4.95
CA HIS M 180 -18.22 -2.18 -6.25
C HIS M 180 -19.18 -3.12 -6.89
N HIS M 181 -19.76 -2.68 -7.99
CA HIS M 181 -20.66 -3.54 -8.73
C HIS M 181 -19.93 -3.97 -10.01
N VAL M 182 -19.76 -5.27 -10.22
CA VAL M 182 -19.13 -5.75 -11.47
C VAL M 182 -20.11 -6.53 -12.35
N LEU M 183 -20.41 -6.00 -13.53
CA LEU M 183 -21.38 -6.62 -14.40
C LEU M 183 -20.63 -7.22 -15.61
N GLN M 184 -20.89 -8.50 -15.90
CA GLN M 184 -20.16 -9.19 -16.94
C GLN M 184 -21.09 -9.62 -18.07
N ALA M 185 -20.59 -9.56 -19.30
CA ALA M 185 -21.25 -10.19 -20.45
C ALA M 185 -20.21 -10.57 -21.52
N VAL M 186 -20.66 -11.32 -22.49
CA VAL M 186 -19.80 -11.63 -23.64
C VAL M 186 -19.51 -10.31 -24.41
N HIS M 187 -18.58 -10.38 -25.33
CA HIS M 187 -18.20 -9.20 -26.12
C HIS M 187 -19.28 -8.79 -27.15
N PRO M 188 -19.40 -7.47 -27.42
CA PRO M 188 -20.40 -7.00 -28.37
C PRO M 188 -20.02 -7.25 -29.83
N SER M 189 -18.78 -7.69 -30.07
CA SER M 189 -18.39 -8.13 -31.41
C SER M 189 -19.50 -8.97 -32.07
N PRO M 190 -19.76 -8.75 -33.38
CA PRO M 190 -20.68 -9.58 -34.17
C PRO M 190 -20.41 -11.04 -33.97
N LEU M 191 -19.15 -11.42 -33.75
CA LEU M 191 -18.88 -12.82 -33.48
C LEU M 191 -19.63 -13.36 -32.25
N SER M 192 -19.83 -12.51 -31.25
CA SER M 192 -20.24 -12.95 -29.92
C SER M 192 -21.47 -12.28 -29.35
N ALA M 193 -21.90 -11.20 -29.97
CA ALA M 193 -22.99 -10.39 -29.44
C ALA M 193 -24.26 -11.18 -29.10
N HIS M 194 -24.62 -12.12 -29.97
CA HIS M 194 -25.91 -12.85 -29.87
C HIS M 194 -25.86 -13.99 -28.88
N ARG M 195 -24.76 -14.09 -28.13
CA ARG M 195 -24.62 -15.13 -27.13
C ARG M 195 -24.50 -14.55 -25.72
N GLY M 196 -25.06 -13.35 -25.52
CA GLY M 196 -25.14 -12.73 -24.17
C GLY M 196 -25.08 -11.20 -24.08
N PHE M 197 -24.51 -10.54 -25.09
CA PHE M 197 -24.35 -9.09 -25.04
C PHE M 197 -25.69 -8.41 -25.37
N LEU M 198 -26.28 -8.81 -26.48
CA LEU M 198 -27.62 -8.39 -26.82
C LEU M 198 -28.46 -9.00 -25.71
N GLY M 199 -29.23 -8.15 -25.03
CA GLY M 199 -30.04 -8.57 -23.89
C GLY M 199 -29.43 -8.38 -22.50
N CYS M 200 -28.15 -8.03 -22.41
CA CYS M 200 -27.50 -7.89 -21.10
C CYS M 200 -28.03 -6.74 -20.21
N LYS M 201 -28.55 -5.68 -20.80
CA LYS M 201 -29.13 -4.56 -20.06
C LYS M 201 -28.20 -3.88 -19.06
N HIS M 202 -26.94 -3.81 -19.41
CA HIS M 202 -25.90 -3.21 -18.58
C HIS M 202 -26.01 -1.71 -18.34
N PHE M 203 -26.65 -0.99 -19.25
CA PHE M 203 -26.74 0.44 -19.18
C PHE M 203 -27.84 0.87 -18.20
N SER M 204 -28.99 0.23 -18.33
CA SER M 204 -30.07 0.47 -17.39
C SER M 204 -29.76 -0.21 -16.07
N LYS M 205 -29.01 -1.32 -16.09
CA LYS M 205 -28.65 -1.97 -14.84
C LYS M 205 -27.75 -1.06 -14.05
N ALA M 206 -26.75 -0.49 -14.75
CA ALA M 206 -25.80 0.42 -14.13
C ALA M 206 -26.51 1.68 -13.58
N ASN M 207 -27.48 2.22 -14.29
CA ASN M 207 -28.24 3.31 -13.70
C ASN M 207 -29.04 2.86 -12.45
N GLY M 208 -29.60 1.66 -12.42
CA GLY M 208 -30.36 1.19 -11.25
C GLY M 208 -29.49 1.16 -10.02
N LEU M 209 -28.28 0.67 -10.23
CA LEU M 209 -27.26 0.67 -9.19
C LEU M 209 -26.82 2.06 -8.74
N LEU M 210 -26.58 2.96 -9.69
CA LEU M 210 -26.22 4.30 -9.26
C LEU M 210 -27.36 4.88 -8.39
N LYS M 211 -28.60 4.71 -8.83
CA LYS M 211 -29.76 5.30 -8.17
C LYS M 211 -29.86 4.84 -6.71
N LEU M 212 -29.42 3.63 -6.44
CA LEU M 212 -29.42 3.07 -5.10
C LEU M 212 -28.54 3.79 -4.10
N SER M 213 -27.54 4.50 -4.59
CA SER M 213 -26.68 5.25 -3.68
C SER M 213 -26.92 6.74 -3.84
N GLY M 214 -28.08 7.10 -4.39
CA GLY M 214 -28.38 8.49 -4.68
C GLY M 214 -27.43 9.13 -5.65
N THR M 215 -26.90 8.36 -6.58
CA THR M 215 -26.06 8.94 -7.62
C THR M 215 -26.88 9.21 -8.88
N GLU M 216 -26.61 10.34 -9.52
CA GLU M 216 -27.31 10.74 -10.72
C GLU M 216 -26.89 9.75 -11.79
N PRO M 217 -27.86 9.28 -12.59
CA PRO M 217 -27.59 8.22 -13.55
C PRO M 217 -26.89 8.80 -14.77
N ILE M 218 -26.35 7.92 -15.59
CA ILE M 218 -25.66 8.31 -16.81
C ILE M 218 -26.78 8.55 -17.79
N ASN M 219 -26.77 9.70 -18.46
CA ASN M 219 -27.65 9.93 -19.59
C ASN M 219 -27.00 9.31 -20.83
N TRP M 220 -27.39 8.09 -21.18
CA TRP M 220 -26.70 7.34 -22.22
C TRP M 220 -27.00 7.99 -23.60
N ARG M 221 -28.07 8.76 -23.64
CA ARG M 221 -28.55 9.42 -24.84
C ARG M 221 -27.69 10.62 -25.22
N ALA M 222 -27.01 11.19 -24.24
CA ALA M 222 -26.33 12.46 -24.38
C ALA M 222 -24.97 12.23 -24.99
N LEU M 223 -25.00 12.02 -26.30
CA LEU M 223 -23.80 11.88 -27.14
C LEU M 223 -23.70 13.02 -28.15
N ASN N 3 -4.15 -6.07 -47.12
CA ASN N 3 -3.11 -6.62 -46.21
C ASN N 3 -3.60 -7.85 -45.43
N LEU N 4 -4.66 -7.67 -44.63
CA LEU N 4 -5.59 -8.74 -44.22
C LEU N 4 -6.85 -8.65 -45.08
N SER N 5 -7.11 -7.46 -45.61
CA SER N 5 -8.20 -7.24 -46.56
C SER N 5 -7.97 -8.02 -47.86
N ASP N 6 -6.70 -8.22 -48.21
CA ASP N 6 -6.33 -9.07 -49.34
C ASP N 6 -6.96 -10.46 -49.17
N ILE N 7 -6.73 -11.04 -48.00
CA ILE N 7 -7.28 -12.35 -47.65
C ILE N 7 -8.81 -12.35 -47.82
N ILE N 8 -9.46 -11.38 -47.20
CA ILE N 8 -10.90 -11.19 -47.35
C ILE N 8 -11.36 -11.11 -48.81
N GLU N 9 -10.67 -10.33 -49.66
CA GLU N 9 -11.03 -10.22 -51.07
C GLU N 9 -10.74 -11.52 -51.83
N LYS N 10 -9.63 -12.15 -51.50
CA LYS N 10 -9.24 -13.41 -52.15
C LYS N 10 -10.33 -14.45 -51.95
N GLU N 11 -10.95 -14.45 -50.76
CA GLU N 11 -11.95 -15.44 -50.37
C GLU N 11 -13.36 -15.11 -50.82
N THR N 12 -13.68 -13.83 -50.82
CA THR N 12 -15.07 -13.43 -50.96
C THR N 12 -15.37 -12.51 -52.17
N GLY N 13 -14.34 -11.86 -52.72
CA GLY N 13 -14.51 -10.86 -53.78
C GLY N 13 -14.72 -9.46 -53.21
N LYS N 14 -14.76 -9.39 -51.88
CA LYS N 14 -15.05 -8.15 -51.18
C LYS N 14 -13.74 -7.52 -50.82
N GLN N 15 -13.61 -6.26 -51.22
CA GLN N 15 -12.51 -5.45 -50.78
C GLN N 15 -13.13 -4.59 -49.71
N LEU N 16 -12.77 -4.86 -48.47
CA LEU N 16 -13.31 -4.16 -47.32
C LEU N 16 -12.16 -3.60 -46.50
N VAL N 17 -12.51 -2.67 -45.62
CA VAL N 17 -11.58 -2.05 -44.70
C VAL N 17 -11.89 -2.66 -43.36
N ILE N 18 -10.86 -3.07 -42.65
CA ILE N 18 -11.03 -3.61 -41.30
C ILE N 18 -11.30 -2.47 -40.30
N GLN N 19 -12.30 -2.70 -39.44
CA GLN N 19 -12.82 -1.63 -38.59
C GLN N 19 -12.43 -1.80 -37.14
N GLU N 20 -12.16 -3.06 -36.75
CA GLU N 20 -11.71 -3.35 -35.41
C GLU N 20 -11.04 -4.71 -35.45
N SER N 21 -10.19 -4.94 -34.47
CA SER N 21 -9.61 -6.24 -34.20
C SER N 21 -9.79 -6.50 -32.73
N ILE N 22 -10.57 -7.54 -32.43
CA ILE N 22 -10.97 -7.93 -31.06
C ILE N 22 -10.41 -9.30 -30.69
N LEU N 23 -9.56 -9.27 -29.66
CA LEU N 23 -8.87 -10.43 -29.12
C LEU N 23 -9.83 -11.25 -28.29
N MET N 24 -9.79 -12.55 -28.53
CA MET N 24 -10.67 -13.51 -27.84
C MET N 24 -9.96 -14.81 -27.46
N LEU N 25 -10.36 -15.35 -26.31
CA LEU N 25 -9.86 -16.63 -25.87
C LEU N 25 -10.42 -17.76 -26.74
N PRO N 26 -9.67 -18.88 -26.83
CA PRO N 26 -10.19 -20.07 -27.48
C PRO N 26 -11.62 -20.41 -27.05
N GLU N 27 -11.84 -20.48 -25.73
CA GLU N 27 -13.16 -20.84 -25.19
C GLU N 27 -14.26 -19.84 -25.58
N GLU N 28 -13.84 -18.59 -25.79
CA GLU N 28 -14.76 -17.55 -26.21
C GLU N 28 -15.31 -17.79 -27.61
N VAL N 29 -14.57 -18.52 -28.43
CA VAL N 29 -14.91 -18.71 -29.85
C VAL N 29 -15.35 -20.13 -30.21
N GLU N 30 -14.97 -21.12 -29.40
CA GLU N 30 -15.11 -22.55 -29.74
C GLU N 30 -16.52 -23.00 -30.14
N GLU N 31 -17.48 -22.56 -29.35
CA GLU N 31 -18.90 -22.90 -29.52
C GLU N 31 -19.35 -22.44 -30.89
N VAL N 32 -19.17 -21.14 -31.13
CA VAL N 32 -19.67 -20.51 -32.33
C VAL N 32 -18.98 -21.05 -33.58
N ILE N 33 -17.67 -21.25 -33.52
CA ILE N 33 -16.93 -21.67 -34.72
C ILE N 33 -17.02 -23.18 -34.98
N GLY N 34 -17.25 -23.97 -33.93
CA GLY N 34 -17.34 -25.43 -34.05
C GLY N 34 -16.04 -26.16 -33.82
N ASN N 35 -14.92 -25.43 -33.85
CA ASN N 35 -13.61 -26.00 -33.56
C ASN N 35 -12.92 -25.08 -32.57
N LYS N 36 -12.19 -25.64 -31.62
CA LYS N 36 -11.39 -24.85 -30.69
C LYS N 36 -10.07 -24.42 -31.35
N PRO N 37 -9.73 -23.11 -31.29
CA PRO N 37 -8.38 -22.75 -31.68
C PRO N 37 -7.40 -23.18 -30.60
N GLU N 38 -6.12 -23.17 -30.94
CA GLU N 38 -5.09 -23.63 -30.00
C GLU N 38 -4.80 -22.45 -29.08
N SER N 39 -4.71 -21.28 -29.71
CA SER N 39 -4.24 -20.07 -29.06
C SER N 39 -5.26 -18.96 -29.25
N ASP N 40 -4.97 -17.79 -28.69
CA ASP N 40 -5.89 -16.67 -28.79
C ASP N 40 -6.10 -16.26 -30.23
N ILE N 41 -7.27 -15.69 -30.46
CA ILE N 41 -7.72 -15.40 -31.79
C ILE N 41 -8.04 -13.91 -31.85
N LEU N 42 -7.55 -13.24 -32.88
CA LEU N 42 -7.96 -11.88 -33.15
C LEU N 42 -9.09 -11.90 -34.17
N VAL N 43 -10.18 -11.22 -33.84
CA VAL N 43 -11.34 -11.09 -34.72
C VAL N 43 -11.34 -9.75 -35.42
N HIS N 44 -10.91 -9.75 -36.70
CA HIS N 44 -10.84 -8.54 -37.52
C HIS N 44 -12.14 -8.39 -38.34
N THR N 45 -12.88 -7.32 -38.10
CA THR N 45 -14.20 -7.17 -38.63
C THR N 45 -14.36 -6.00 -39.57
N ALA N 46 -15.00 -6.28 -40.69
CA ALA N 46 -15.37 -5.26 -41.64
C ALA N 46 -16.87 -5.43 -41.90
N TYR N 47 -17.53 -4.32 -42.12
CA TYR N 47 -18.92 -4.28 -42.48
C TYR N 47 -19.01 -3.98 -43.98
N ASP N 48 -19.74 -4.83 -44.71
CA ASP N 48 -20.00 -4.67 -46.14
C ASP N 48 -21.46 -4.22 -46.34
N GLU N 49 -21.65 -2.95 -46.67
CA GLU N 49 -22.98 -2.33 -46.74
C GLU N 49 -23.86 -3.00 -47.79
N SER N 50 -23.26 -3.31 -48.93
CA SER N 50 -24.03 -3.82 -50.08
C SER N 50 -24.77 -5.13 -49.77
N THR N 51 -24.28 -5.88 -48.80
CA THR N 51 -24.90 -7.18 -48.50
C THR N 51 -25.51 -7.22 -47.08
N ASP N 52 -25.41 -6.10 -46.41
CA ASP N 52 -25.62 -5.97 -44.99
C ASP N 52 -25.11 -7.19 -44.20
N GLU N 53 -23.81 -7.43 -44.29
CA GLU N 53 -23.20 -8.58 -43.64
C GLU N 53 -21.96 -8.13 -42.89
N ASN N 54 -21.75 -8.71 -41.71
CA ASN N 54 -20.48 -8.53 -40.99
C ASN N 54 -19.52 -9.60 -41.48
N VAL N 55 -18.32 -9.20 -41.90
CA VAL N 55 -17.31 -10.12 -42.41
C VAL N 55 -16.21 -10.19 -41.38
N MET N 56 -15.92 -11.39 -40.90
CA MET N 56 -14.91 -11.55 -39.88
C MET N 56 -13.82 -12.52 -40.32
N LEU N 57 -12.58 -12.08 -40.17
CA LEU N 57 -11.41 -12.92 -40.43
C LEU N 57 -10.73 -13.09 -39.11
N LEU N 58 -10.72 -14.33 -38.63
CA LEU N 58 -10.07 -14.64 -37.38
C LEU N 58 -8.64 -15.10 -37.64
N THR N 59 -7.68 -14.38 -37.06
CA THR N 59 -6.29 -14.80 -37.12
C THR N 59 -5.82 -15.17 -35.75
N SER N 60 -4.72 -15.92 -35.68
CA SER N 60 -3.97 -16.02 -34.41
C SER N 60 -3.40 -14.63 -34.08
N ASP N 61 -2.90 -14.47 -32.87
CA ASP N 61 -2.52 -13.16 -32.33
C ASP N 61 -1.38 -12.49 -33.12
N ALA N 62 -1.06 -11.26 -32.73
CA ALA N 62 0.18 -10.62 -33.15
C ALA N 62 1.31 -11.43 -32.51
N PRO N 63 2.51 -11.42 -33.11
CA PRO N 63 2.82 -10.75 -34.36
C PRO N 63 2.64 -11.62 -35.62
N GLU N 64 2.05 -12.80 -35.52
CA GLU N 64 1.90 -13.71 -36.67
C GLU N 64 0.62 -13.49 -37.52
N TYR N 65 -0.45 -13.05 -36.87
CA TYR N 65 -1.77 -12.99 -37.53
C TYR N 65 -1.99 -14.14 -38.53
N LYS N 66 -1.77 -15.36 -38.08
CA LYS N 66 -2.02 -16.56 -38.89
C LYS N 66 -3.53 -16.74 -39.13
N PRO N 67 -3.95 -16.72 -40.41
CA PRO N 67 -5.39 -16.84 -40.65
C PRO N 67 -5.96 -18.22 -40.27
N TRP N 68 -7.00 -18.20 -39.44
CA TRP N 68 -7.62 -19.40 -38.92
C TRP N 68 -8.97 -19.66 -39.57
N ALA N 69 -9.82 -18.64 -39.59
CA ALA N 69 -11.18 -18.80 -40.08
C ALA N 69 -11.69 -17.55 -40.75
N LEU N 70 -12.67 -17.73 -41.62
CA LEU N 70 -13.42 -16.65 -42.20
C LEU N 70 -14.87 -16.82 -41.81
N VAL N 71 -15.46 -15.77 -41.25
CA VAL N 71 -16.88 -15.75 -40.86
C VAL N 71 -17.74 -14.63 -41.45
N ILE N 72 -18.72 -14.99 -42.30
CA ILE N 72 -19.68 -14.00 -42.78
C ILE N 72 -21.00 -14.19 -42.07
N GLN N 73 -21.50 -13.10 -41.51
CA GLN N 73 -22.70 -13.09 -40.68
C GLN N 73 -23.74 -12.11 -41.25
N ASP N 74 -24.98 -12.54 -41.31
CA ASP N 74 -26.03 -11.75 -41.90
C ASP N 74 -26.82 -10.97 -40.84
N SER N 75 -27.74 -10.13 -41.32
CA SER N 75 -28.73 -9.41 -40.50
C SER N 75 -29.23 -10.15 -39.29
N ASN N 76 -29.55 -11.43 -39.48
CA ASN N 76 -30.04 -12.26 -38.41
C ASN N 76 -29.01 -12.75 -37.43
N GLY N 77 -27.77 -12.31 -37.57
CA GLY N 77 -26.69 -12.87 -36.76
C GLY N 77 -26.24 -14.27 -37.15
N GLU N 78 -26.82 -14.83 -38.20
CA GLU N 78 -26.56 -16.23 -38.58
C GLU N 78 -25.26 -16.28 -39.36
N ASN N 79 -24.43 -17.26 -39.04
CA ASN N 79 -23.08 -17.38 -39.57
C ASN N 79 -22.84 -18.39 -40.71
N LYS N 80 -22.17 -17.94 -41.75
CA LYS N 80 -21.54 -18.86 -42.70
C LYS N 80 -20.06 -18.83 -42.36
N ILE N 81 -19.54 -19.97 -41.93
CA ILE N 81 -18.17 -20.09 -41.47
C ILE N 81 -17.35 -20.78 -42.53
N LYS N 82 -16.06 -20.47 -42.60
CA LYS N 82 -15.16 -21.19 -43.48
C LYS N 82 -13.79 -21.23 -42.85
N MET N 83 -13.30 -22.44 -42.60
CA MET N 83 -12.02 -22.67 -41.93
C MET N 83 -10.88 -22.71 -42.93
N LEU N 84 -9.91 -21.83 -42.69
CA LEU N 84 -8.85 -21.57 -43.67
C LEU N 84 -7.65 -22.48 -43.42
N MET O 1 -86.77 12.44 -15.36
CA MET O 1 -87.58 12.48 -14.12
C MET O 1 -86.84 13.16 -12.97
N GLU O 2 -87.61 13.59 -11.97
CA GLU O 2 -87.08 14.45 -10.93
C GLU O 2 -85.88 13.83 -10.24
N PHE O 3 -84.84 14.64 -10.05
CA PHE O 3 -83.60 14.26 -9.35
C PHE O 3 -82.67 13.34 -10.15
N PHE O 4 -82.97 13.12 -11.42
CA PHE O 4 -82.29 12.10 -12.23
C PHE O 4 -81.55 12.68 -13.42
N GLY O 5 -80.24 12.43 -13.51
CA GLY O 5 -79.37 12.96 -14.60
C GLY O 5 -79.96 12.61 -15.97
N GLU O 6 -79.99 13.56 -16.88
CA GLU O 6 -80.76 13.40 -18.11
C GLU O 6 -80.16 12.32 -19.01
N THR O 7 -78.83 12.25 -19.09
CA THR O 7 -78.16 11.26 -19.93
C THR O 7 -78.53 9.84 -19.47
N TRP O 8 -78.64 9.68 -18.16
CA TRP O 8 -79.05 8.41 -17.60
C TRP O 8 -80.54 8.13 -17.86
N ARG O 9 -81.38 9.12 -17.62
CA ARG O 9 -82.81 8.93 -17.83
C ARG O 9 -83.07 8.48 -19.26
N ARG O 10 -82.41 9.12 -20.21
CA ARG O 10 -82.68 8.90 -21.64
C ARG O 10 -82.38 7.46 -21.99
N GLU O 11 -81.49 6.85 -21.24
CA GLU O 11 -81.16 5.49 -21.52
C GLU O 11 -82.05 4.58 -20.69
N LEU O 12 -82.37 4.95 -19.46
CA LEU O 12 -83.10 4.07 -18.55
C LEU O 12 -84.62 4.32 -18.55
N ALA O 13 -85.09 5.16 -19.46
CA ALA O 13 -86.50 5.56 -19.55
C ALA O 13 -87.48 4.41 -19.37
N ALA O 14 -87.16 3.31 -20.05
CA ALA O 14 -88.07 2.19 -20.22
C ALA O 14 -88.51 1.61 -18.88
N GLU O 15 -87.58 1.65 -17.91
CA GLU O 15 -87.79 1.06 -16.59
C GLU O 15 -88.83 1.75 -15.75
N PHE O 16 -88.93 3.05 -15.90
CA PHE O 16 -89.76 3.81 -14.99
C PHE O 16 -91.26 3.54 -15.18
N GLU O 17 -91.62 3.00 -16.33
CA GLU O 17 -93.00 2.70 -16.71
C GLU O 17 -93.43 1.27 -16.37
N LYS O 18 -92.49 0.44 -15.94
CA LYS O 18 -92.79 -0.97 -15.68
C LYS O 18 -93.51 -1.16 -14.33
N PRO O 19 -94.40 -2.16 -14.24
CA PRO O 19 -95.07 -2.52 -12.98
C PRO O 19 -94.09 -2.55 -11.78
N TYR O 20 -93.00 -3.28 -11.90
CA TYR O 20 -92.14 -3.42 -10.72
C TYR O 20 -91.65 -2.03 -10.23
N PHE O 21 -91.35 -1.12 -11.14
CA PHE O 21 -90.77 0.13 -10.75
C PHE O 21 -91.83 1.06 -10.17
N LYS O 22 -93.05 1.04 -10.71
CA LYS O 22 -94.16 1.84 -10.18
C LYS O 22 -94.46 1.37 -8.77
N GLN O 23 -94.40 0.04 -8.55
CA GLN O 23 -94.69 -0.59 -7.26
C GLN O 23 -93.66 -0.24 -6.20
N LEU O 24 -92.42 -0.24 -6.65
CA LEU O 24 -91.27 0.24 -5.85
C LEU O 24 -91.45 1.68 -5.41
N MET O 25 -91.70 2.59 -6.37
CA MET O 25 -92.02 4.00 -6.05
C MET O 25 -93.14 4.15 -5.02
N SER O 26 -94.26 3.45 -5.22
CA SER O 26 -95.32 3.47 -4.17
C SER O 26 -94.82 3.01 -2.83
N PHE O 27 -94.00 1.96 -2.77
CA PHE O 27 -93.45 1.48 -1.48
C PHE O 27 -92.69 2.59 -0.77
N VAL O 28 -91.79 3.20 -1.53
CA VAL O 28 -90.87 4.14 -0.93
C VAL O 28 -91.61 5.35 -0.37
N ALA O 29 -92.60 5.83 -1.11
CA ALA O 29 -93.47 6.95 -0.69
C ALA O 29 -94.26 6.59 0.60
N ASP O 30 -94.87 5.42 0.61
CA ASP O 30 -95.45 4.84 1.83
C ASP O 30 -94.46 4.93 2.99
N GLU O 31 -93.26 4.41 2.75
CA GLU O 31 -92.21 4.48 3.76
C GLU O 31 -91.96 5.90 4.25
N ARG O 32 -91.71 6.82 3.34
CA ARG O 32 -91.38 8.18 3.70
C ARG O 32 -92.57 8.84 4.42
N SER O 33 -93.80 8.55 3.97
CA SER O 33 -94.98 9.05 4.67
C SER O 33 -94.93 8.69 6.14
N ARG O 34 -94.54 7.46 6.42
CA ARG O 34 -94.63 6.90 7.77
C ARG O 34 -93.34 7.01 8.55
N HIS O 35 -92.22 7.19 7.86
CA HIS O 35 -90.92 7.10 8.51
C HIS O 35 -89.91 8.02 7.85
N THR O 36 -88.70 8.05 8.42
CA THR O 36 -87.63 8.78 7.79
C THR O 36 -86.84 7.75 6.99
N VAL O 37 -86.48 8.14 5.78
CA VAL O 37 -85.86 7.23 4.85
C VAL O 37 -84.62 7.90 4.29
N TYR O 38 -83.51 7.16 4.30
CA TYR O 38 -82.28 7.76 3.81
C TYR O 38 -81.89 7.08 2.51
N PRO O 39 -81.25 7.83 1.63
CA PRO O 39 -81.05 9.28 1.73
C PRO O 39 -82.31 10.11 1.43
N PRO O 40 -82.23 11.43 1.64
CA PRO O 40 -83.22 12.40 1.16
C PRO O 40 -83.66 12.17 -0.28
N ALA O 41 -84.93 12.45 -0.59
CA ALA O 41 -85.43 12.21 -1.91
C ALA O 41 -84.49 12.81 -2.95
N ASP O 42 -83.89 13.97 -2.68
CA ASP O 42 -83.08 14.62 -3.72
C ASP O 42 -81.71 13.97 -4.03
N GLN O 43 -81.26 13.05 -3.18
CA GLN O 43 -79.95 12.42 -3.40
C GLN O 43 -80.01 10.95 -3.80
N VAL O 44 -81.19 10.39 -3.94
CA VAL O 44 -81.32 8.97 -4.14
C VAL O 44 -80.59 8.55 -5.43
N TYR O 45 -80.53 9.48 -6.39
CA TYR O 45 -79.88 9.25 -7.66
C TYR O 45 -78.63 10.13 -7.89
N SER O 46 -77.99 10.58 -6.81
CA SER O 46 -76.81 11.42 -6.90
C SER O 46 -75.84 10.83 -7.90
N TRP O 47 -75.87 9.52 -8.00
CA TRP O 47 -74.96 8.77 -8.86
C TRP O 47 -75.19 9.04 -10.35
N THR O 48 -76.36 9.55 -10.72
CA THR O 48 -76.62 9.93 -12.11
C THR O 48 -76.35 11.42 -12.40
N GLU O 49 -75.91 12.15 -11.40
CA GLU O 49 -75.76 13.60 -11.50
C GLU O 49 -74.31 14.04 -11.49
N MET O 50 -73.45 13.22 -10.86
CA MET O 50 -72.06 13.57 -10.62
C MET O 50 -71.27 13.51 -11.92
N CYS O 51 -71.63 12.56 -12.77
CA CYS O 51 -71.09 12.43 -14.14
C CYS O 51 -72.20 11.95 -15.07
N ASP O 52 -71.91 11.93 -16.38
CA ASP O 52 -72.81 11.46 -17.44
C ASP O 52 -72.59 9.96 -17.66
N ILE O 53 -73.64 9.31 -18.18
CA ILE O 53 -73.64 7.85 -18.30
C ILE O 53 -72.59 7.38 -19.26
N GLN O 54 -72.34 8.18 -20.29
CA GLN O 54 -71.26 7.92 -21.26
C GLN O 54 -69.86 7.94 -20.61
N ASP O 55 -69.64 8.81 -19.63
CA ASP O 55 -68.30 8.99 -19.03
C ASP O 55 -67.90 8.02 -17.90
N VAL O 56 -68.82 7.14 -17.52
CA VAL O 56 -68.48 6.01 -16.66
C VAL O 56 -67.33 5.14 -17.20
N LYS O 57 -66.32 4.98 -16.36
CA LYS O 57 -65.15 4.18 -16.64
C LYS O 57 -64.99 3.00 -15.69
N VAL O 58 -65.33 3.23 -14.42
CA VAL O 58 -65.18 2.23 -13.38
C VAL O 58 -66.51 2.18 -12.64
N VAL O 59 -66.92 0.96 -12.29
CA VAL O 59 -68.11 0.77 -11.47
C VAL O 59 -67.74 0.05 -10.21
N ILE O 60 -68.09 0.63 -9.07
CA ILE O 60 -68.00 0.00 -7.77
C ILE O 60 -69.40 -0.23 -7.24
N LEU O 61 -69.68 -1.47 -6.85
CA LEU O 61 -70.99 -1.84 -6.31
C LEU O 61 -71.05 -1.94 -4.80
N GLY O 62 -72.16 -1.54 -4.20
CA GLY O 62 -72.32 -1.79 -2.76
C GLY O 62 -73.74 -2.20 -2.53
N GLN O 63 -74.18 -2.19 -1.28
CA GLN O 63 -75.42 -2.84 -0.96
C GLN O 63 -76.58 -1.87 -0.83
N ASP O 64 -76.87 -1.43 0.40
CA ASP O 64 -77.90 -0.43 0.60
C ASP O 64 -77.20 0.75 1.29
N PRO O 65 -77.90 1.87 1.49
CA PRO O 65 -77.32 3.08 2.00
C PRO O 65 -77.19 3.03 3.51
N TYR O 66 -76.27 3.81 4.03
CA TYR O 66 -76.09 3.91 5.46
C TYR O 66 -77.41 4.37 6.07
N HIS O 67 -77.71 3.85 7.27
CA HIS O 67 -79.03 4.08 7.83
C HIS O 67 -79.08 5.11 8.98
N GLY O 68 -78.01 5.84 9.20
CA GLY O 68 -78.01 6.91 10.20
C GLY O 68 -78.20 8.27 9.60
N PRO O 69 -78.70 9.23 10.40
CA PRO O 69 -78.85 10.58 9.85
C PRO O 69 -77.59 11.26 9.32
N ASN O 70 -77.74 11.94 8.17
CA ASN O 70 -76.71 12.75 7.52
C ASN O 70 -75.51 11.95 7.02
N GLN O 71 -75.71 10.71 6.62
CA GLN O 71 -74.58 9.87 6.25
C GLN O 71 -74.59 9.60 4.77
N ALA O 72 -75.65 8.92 4.37
CA ALA O 72 -75.85 8.48 3.00
C ALA O 72 -76.19 9.66 2.13
N HIS O 73 -75.61 9.71 0.93
CA HIS O 73 -75.97 10.76 -0.01
C HIS O 73 -76.04 10.28 -1.45
N GLY O 74 -76.47 9.03 -1.61
CA GLY O 74 -76.67 8.49 -2.95
C GLY O 74 -75.47 7.89 -3.64
N LEU O 75 -74.35 7.72 -2.93
CA LEU O 75 -73.20 6.98 -3.51
C LEU O 75 -72.84 5.81 -2.61
N CYS O 76 -72.39 4.71 -3.20
CA CYS O 76 -71.99 3.60 -2.35
C CYS O 76 -70.80 4.03 -1.50
N PHE O 77 -70.71 3.42 -0.31
CA PHE O 77 -69.59 3.54 0.67
C PHE O 77 -69.40 4.98 1.19
N SER O 78 -69.54 5.96 0.31
CA SER O 78 -69.40 7.37 0.66
C SER O 78 -70.31 7.92 1.79
N VAL O 79 -69.72 8.82 2.57
CA VAL O 79 -70.39 9.59 3.63
C VAL O 79 -70.23 11.09 3.49
N GLN O 80 -71.36 11.79 3.67
CA GLN O 80 -71.40 13.29 3.67
C GLN O 80 -70.35 13.89 4.65
N LYS O 81 -69.70 14.98 4.25
CA LYS O 81 -68.84 15.73 5.17
C LYS O 81 -69.74 16.19 6.34
N PRO O 82 -69.24 16.18 7.58
CA PRO O 82 -67.92 15.76 8.08
C PRO O 82 -67.85 14.33 8.65
N VAL O 83 -68.75 13.43 8.25
CA VAL O 83 -68.82 12.10 8.90
C VAL O 83 -67.48 11.38 8.73
N PRO O 84 -66.96 10.77 9.83
CA PRO O 84 -65.72 10.01 9.69
C PRO O 84 -65.97 8.79 8.79
N PRO O 85 -64.99 8.45 7.94
CA PRO O 85 -65.17 7.28 7.10
C PRO O 85 -65.54 6.07 7.92
N PRO O 86 -66.59 5.35 7.51
CA PRO O 86 -66.91 4.14 8.21
C PRO O 86 -65.91 2.98 8.02
N PRO O 87 -66.04 1.95 8.84
CA PRO O 87 -65.08 0.83 8.84
C PRO O 87 -64.64 0.26 7.46
N SER O 88 -65.57 0.05 6.53
CA SER O 88 -65.20 -0.41 5.15
C SER O 88 -64.42 0.66 4.39
N LEU O 89 -64.84 1.93 4.53
CA LEU O 89 -64.14 3.00 3.82
C LEU O 89 -62.75 3.26 4.42
N VAL O 90 -62.62 2.98 5.72
CA VAL O 90 -61.29 3.00 6.37
C VAL O 90 -60.35 2.00 5.70
N ASN O 91 -60.85 0.81 5.44
CA ASN O 91 -60.05 -0.22 4.78
C ASN O 91 -59.73 0.05 3.31
N ILE O 92 -60.71 0.61 2.60
CA ILE O 92 -60.57 1.03 1.21
C ILE O 92 -59.43 2.05 1.10
N TYR O 93 -59.42 3.04 1.99
CA TYR O 93 -58.32 4.04 2.09
C TYR O 93 -57.00 3.43 2.54
N LYS O 94 -57.02 2.48 3.48
CA LYS O 94 -55.82 1.63 3.72
C LYS O 94 -55.25 0.95 2.47
N GLU O 95 -56.11 0.42 1.59
CA GLU O 95 -55.59 -0.24 0.39
C GLU O 95 -55.03 0.82 -0.55
N LEU O 96 -55.80 1.89 -0.75
CA LEU O 96 -55.35 3.02 -1.54
C LEU O 96 -53.99 3.55 -1.06
N CYS O 97 -53.82 3.66 0.25
CA CYS O 97 -52.50 3.99 0.84
C CYS O 97 -51.33 3.11 0.34
N THR O 98 -51.55 1.81 0.15
CA THR O 98 -50.47 0.94 -0.38
C THR O 98 -50.46 0.71 -1.88
N ASP O 99 -51.59 0.93 -2.56
CA ASP O 99 -51.72 0.64 -3.98
C ASP O 99 -51.38 1.83 -4.88
N ILE O 100 -51.76 3.00 -4.45
CA ILE O 100 -51.65 4.17 -5.33
C ILE O 100 -50.53 5.11 -4.86
N ASP O 101 -49.47 5.27 -5.69
CA ASP O 101 -48.37 6.24 -5.43
C ASP O 101 -48.90 7.66 -5.22
N GLY O 102 -48.41 8.35 -4.19
CA GLY O 102 -48.88 9.69 -3.84
C GLY O 102 -50.20 9.75 -3.08
N PHE O 103 -50.88 8.63 -2.85
CA PHE O 103 -52.20 8.72 -2.20
C PHE O 103 -52.11 9.40 -0.85
N LYS O 104 -53.16 10.10 -0.45
CA LYS O 104 -53.30 10.51 0.96
C LYS O 104 -54.77 10.53 1.39
N HIS O 105 -55.04 10.12 2.61
CA HIS O 105 -56.38 10.25 3.22
C HIS O 105 -56.80 11.72 3.07
N PRO O 106 -57.97 11.99 2.46
CA PRO O 106 -58.43 13.35 2.30
C PRO O 106 -58.88 14.03 3.59
N GLY O 107 -59.19 13.25 4.61
CA GLY O 107 -59.64 13.78 5.93
C GLY O 107 -61.14 13.76 6.13
N HIS O 108 -61.83 13.05 5.25
CA HIS O 108 -63.30 12.97 5.22
C HIS O 108 -63.65 11.70 4.42
N GLY O 109 -64.92 11.31 4.37
CA GLY O 109 -65.30 10.12 3.58
C GLY O 109 -66.17 10.36 2.36
N ASP O 110 -66.07 11.54 1.77
CA ASP O 110 -66.91 11.97 0.64
C ASP O 110 -66.16 11.68 -0.68
N LEU O 111 -66.76 10.78 -1.46
CA LEU O 111 -66.16 10.22 -2.69
C LEU O 111 -66.70 10.83 -3.97
N SER O 112 -67.26 12.04 -3.88
CA SER O 112 -67.84 12.67 -5.05
C SER O 112 -66.71 12.89 -6.05
N GLY O 113 -65.49 13.05 -5.57
CA GLY O 113 -64.30 13.23 -6.40
C GLY O 113 -64.07 12.10 -7.41
N TRP O 114 -64.31 10.88 -6.95
CA TRP O 114 -64.29 9.70 -7.81
C TRP O 114 -65.51 9.70 -8.75
N ALA O 115 -66.69 10.05 -8.26
CA ALA O 115 -67.91 10.05 -9.08
C ALA O 115 -67.81 11.01 -10.29
N LYS O 116 -67.29 12.21 -10.04
CA LYS O 116 -67.13 13.21 -11.10
C LYS O 116 -66.15 12.81 -12.20
N GLN O 117 -65.21 11.92 -11.89
CA GLN O 117 -64.30 11.37 -12.90
C GLN O 117 -64.85 10.08 -13.50
N GLY O 118 -66.09 9.66 -13.20
CA GLY O 118 -66.69 8.52 -13.88
C GLY O 118 -66.52 7.18 -13.18
N VAL O 119 -66.28 7.24 -11.87
CA VAL O 119 -66.39 6.08 -11.05
C VAL O 119 -67.85 6.12 -10.56
N LEU O 120 -68.63 5.20 -11.11
CA LEU O 120 -70.00 4.97 -10.73
C LEU O 120 -70.03 4.21 -9.41
N LEU O 121 -70.53 4.89 -8.40
CA LEU O 121 -70.62 4.36 -7.06
C LEU O 121 -72.06 3.91 -6.81
N LEU O 122 -72.35 2.68 -7.21
CA LEU O 122 -73.73 2.15 -7.18
C LEU O 122 -74.04 1.18 -6.07
N ASN O 123 -74.95 1.57 -5.18
CA ASN O 123 -75.53 0.59 -4.25
C ASN O 123 -76.54 -0.23 -5.00
N ALA O 124 -76.71 -1.47 -4.60
CA ALA O 124 -77.80 -2.30 -5.15
C ALA O 124 -79.18 -1.82 -4.78
N VAL O 125 -79.31 -1.36 -3.54
CA VAL O 125 -80.56 -0.90 -3.01
C VAL O 125 -80.43 0.59 -2.74
N LEU O 126 -81.34 1.45 -3.22
CA LEU O 126 -81.05 2.87 -3.20
C LEU O 126 -81.68 3.67 -2.05
N THR O 127 -82.47 3.00 -1.21
CA THR O 127 -83.02 3.64 -0.02
C THR O 127 -83.01 2.64 1.11
N VAL O 128 -83.21 3.16 2.33
CA VAL O 128 -83.18 2.42 3.58
C VAL O 128 -84.01 3.20 4.61
N ARG O 129 -84.80 2.47 5.40
CA ARG O 129 -85.50 3.09 6.54
C ARG O 129 -84.47 3.41 7.62
N ALA O 130 -84.55 4.63 8.16
CA ALA O 130 -83.63 5.04 9.22
C ALA O 130 -83.46 3.94 10.26
N HIS O 131 -82.19 3.75 10.63
CA HIS O 131 -81.74 2.79 11.61
C HIS O 131 -82.17 1.34 11.44
N GLN O 132 -82.59 0.96 10.24
CA GLN O 132 -82.92 -0.43 9.95
C GLN O 132 -82.23 -0.92 8.68
N ALA O 133 -81.04 -1.51 8.87
CA ALA O 133 -80.21 -2.04 7.78
C ALA O 133 -80.99 -3.07 6.97
N ASN O 134 -80.85 -2.97 5.66
CA ASN O 134 -81.53 -3.82 4.68
C ASN O 134 -83.06 -3.75 4.79
N SER O 135 -83.57 -2.64 5.29
CA SER O 135 -84.98 -2.56 5.51
C SER O 135 -85.74 -2.49 4.18
N HIS O 136 -85.08 -2.07 3.11
CA HIS O 136 -85.74 -1.97 1.81
C HIS O 136 -85.22 -2.94 0.72
N LYS O 137 -84.68 -4.09 1.12
CA LYS O 137 -84.33 -5.14 0.17
C LYS O 137 -85.59 -5.71 -0.51
N ASP O 138 -85.39 -6.19 -1.75
CA ASP O 138 -86.40 -6.87 -2.57
C ASP O 138 -87.75 -6.21 -2.65
N ARG O 139 -87.68 -4.90 -2.87
CA ARG O 139 -88.85 -4.07 -3.06
C ARG O 139 -88.80 -3.51 -4.50
N GLY O 140 -87.77 -3.86 -5.29
CA GLY O 140 -87.67 -3.41 -6.69
C GLY O 140 -86.34 -2.73 -7.04
N TRP O 141 -85.59 -2.29 -6.03
CA TRP O 141 -84.29 -1.63 -6.32
C TRP O 141 -83.25 -2.53 -6.99
N GLU O 142 -83.10 -3.77 -6.47
CA GLU O 142 -82.23 -4.78 -7.03
C GLU O 142 -82.50 -4.94 -8.52
N THR O 143 -83.77 -5.05 -8.88
CA THR O 143 -84.17 -5.19 -10.28
C THR O 143 -83.71 -4.00 -11.10
N PHE O 144 -83.90 -2.80 -10.56
CA PHE O 144 -83.53 -1.59 -11.24
C PHE O 144 -82.01 -1.46 -11.43
N THR O 145 -81.26 -1.89 -10.41
CA THR O 145 -79.81 -1.68 -10.46
C THR O 145 -79.19 -2.75 -11.32
N ASP O 146 -79.83 -3.92 -11.36
CA ASP O 146 -79.48 -4.94 -12.36
C ASP O 146 -79.69 -4.38 -13.77
N ALA O 147 -80.74 -3.56 -13.94
CA ALA O 147 -80.95 -2.92 -15.23
C ALA O 147 -79.83 -1.92 -15.55
N VAL O 148 -79.27 -1.26 -14.55
CA VAL O 148 -78.22 -0.31 -14.85
C VAL O 148 -76.96 -1.01 -15.28
N ILE O 149 -76.57 -2.00 -14.48
CA ILE O 149 -75.32 -2.72 -14.72
C ILE O 149 -75.44 -3.35 -16.11
N LYS O 150 -76.61 -3.94 -16.40
CA LYS O 150 -76.88 -4.57 -17.68
C LYS O 150 -76.73 -3.59 -18.80
N TRP O 151 -77.26 -2.37 -18.64
CA TRP O 151 -77.15 -1.38 -19.67
C TRP O 151 -75.68 -1.09 -20.01
N LEU O 152 -74.86 -0.94 -18.97
CA LEU O 152 -73.45 -0.64 -19.19
C LEU O 152 -72.77 -1.80 -19.87
N SER O 153 -73.11 -3.01 -19.49
CA SER O 153 -72.42 -4.19 -19.98
C SER O 153 -72.68 -4.37 -21.47
N VAL O 154 -73.94 -4.16 -21.86
CA VAL O 154 -74.45 -4.35 -23.22
C VAL O 154 -74.00 -3.20 -24.13
N ASN O 155 -74.20 -1.98 -23.69
CA ASN O 155 -73.95 -0.83 -24.59
C ASN O 155 -72.54 -0.24 -24.55
N ARG O 156 -71.65 -0.80 -23.74
CA ARG O 156 -70.32 -0.22 -23.59
C ARG O 156 -69.25 -1.29 -23.81
N GLU O 157 -68.00 -0.87 -23.96
CA GLU O 157 -66.89 -1.79 -24.02
C GLU O 157 -65.82 -1.36 -23.05
N GLY O 158 -65.28 -2.32 -22.31
CA GLY O 158 -64.08 -2.08 -21.52
C GLY O 158 -64.23 -1.20 -20.28
N VAL O 159 -65.41 -1.22 -19.68
CA VAL O 159 -65.66 -0.69 -18.33
C VAL O 159 -65.00 -1.65 -17.33
N VAL O 160 -64.44 -1.13 -16.26
CA VAL O 160 -63.87 -1.90 -15.17
C VAL O 160 -64.87 -1.94 -14.00
N PHE O 161 -65.26 -3.14 -13.58
CA PHE O 161 -66.18 -3.26 -12.45
C PHE O 161 -65.36 -3.79 -11.30
N LEU O 162 -65.42 -3.11 -10.13
CA LEU O 162 -64.78 -3.58 -8.93
C LEU O 162 -65.84 -4.21 -8.01
N LEU O 163 -65.75 -5.51 -7.81
CA LEU O 163 -66.79 -6.26 -7.11
C LEU O 163 -66.28 -6.79 -5.80
N TRP O 164 -66.79 -6.25 -4.71
CA TRP O 164 -66.25 -6.59 -3.39
C TRP O 164 -67.27 -7.31 -2.47
N GLY O 165 -66.91 -8.53 -2.10
CA GLY O 165 -67.78 -9.37 -1.24
C GLY O 165 -68.68 -10.22 -2.10
N SER O 166 -69.23 -11.28 -1.52
CA SER O 166 -69.98 -12.24 -2.29
C SER O 166 -71.34 -11.77 -2.82
N TYR O 167 -72.04 -10.89 -2.14
CA TYR O 167 -73.21 -10.21 -2.73
C TYR O 167 -72.88 -9.53 -4.09
N ALA O 168 -71.86 -8.73 -4.05
CA ALA O 168 -71.41 -7.99 -5.25
C ALA O 168 -70.86 -8.92 -6.34
N HIS O 169 -70.24 -10.03 -5.96
CA HIS O 169 -69.85 -11.00 -6.97
C HIS O 169 -71.11 -11.50 -7.69
N LYS O 170 -72.17 -11.83 -6.94
CA LYS O 170 -73.39 -12.37 -7.54
C LYS O 170 -74.10 -11.33 -8.43
N LYS O 171 -74.20 -10.10 -7.96
CA LYS O 171 -74.88 -9.09 -8.72
C LYS O 171 -74.13 -8.76 -10.01
N GLY O 172 -72.85 -9.11 -10.11
CA GLY O 172 -72.12 -8.94 -11.36
C GLY O 172 -71.80 -10.20 -12.14
N ALA O 173 -72.40 -11.33 -11.73
CA ALA O 173 -72.13 -12.61 -12.39
C ALA O 173 -72.38 -12.66 -13.92
N THR O 174 -73.34 -11.88 -14.42
CA THR O 174 -73.64 -11.86 -15.86
C THR O 174 -73.00 -10.70 -16.65
N ILE O 175 -72.07 -9.97 -16.05
CA ILE O 175 -71.40 -8.87 -16.81
C ILE O 175 -70.58 -9.58 -17.88
N ASP O 176 -70.68 -9.12 -19.12
CA ASP O 176 -69.95 -9.73 -20.23
C ASP O 176 -68.44 -9.53 -20.07
N ARG O 177 -67.76 -10.60 -19.72
CA ARG O 177 -66.34 -10.57 -19.39
C ARG O 177 -65.43 -10.52 -20.65
N LYS O 178 -65.96 -10.94 -21.79
CA LYS O 178 -65.26 -10.76 -23.09
C LYS O 178 -65.15 -9.29 -23.44
N ARG O 179 -66.09 -8.50 -22.92
CA ARG O 179 -66.27 -7.13 -23.27
C ARG O 179 -65.85 -6.16 -22.17
N HIS O 180 -65.88 -6.63 -20.93
CA HIS O 180 -65.55 -5.80 -19.79
C HIS O 180 -64.54 -6.47 -18.87
N HIS O 181 -64.02 -5.65 -17.97
CA HIS O 181 -63.01 -6.12 -17.05
C HIS O 181 -63.69 -6.23 -15.67
N VAL O 182 -63.67 -7.42 -15.10
CA VAL O 182 -64.30 -7.65 -13.79
C VAL O 182 -63.25 -8.11 -12.79
N LEU O 183 -62.91 -7.24 -11.83
CA LEU O 183 -61.97 -7.61 -10.77
C LEU O 183 -62.78 -7.91 -9.49
N GLN O 184 -62.41 -8.98 -8.82
CA GLN O 184 -63.10 -9.43 -7.62
C GLN O 184 -62.23 -9.55 -6.35
N ALA O 185 -62.83 -9.22 -5.21
CA ALA O 185 -62.15 -9.45 -3.94
C ALA O 185 -63.19 -9.60 -2.84
N VAL O 186 -62.72 -10.02 -1.70
CA VAL O 186 -63.55 -10.15 -0.52
C VAL O 186 -63.94 -8.73 -0.06
N HIS O 187 -64.90 -8.65 0.85
CA HIS O 187 -65.39 -7.33 1.24
C HIS O 187 -64.33 -6.53 2.05
N PRO O 188 -64.25 -5.20 1.90
CA PRO O 188 -63.37 -4.37 2.74
C PRO O 188 -63.84 -4.19 4.23
N SER O 189 -64.98 -4.77 4.60
CA SER O 189 -65.35 -4.85 6.03
C SER O 189 -64.19 -5.45 6.86
N PRO O 190 -63.94 -4.89 8.06
CA PRO O 190 -63.00 -5.51 8.98
C PRO O 190 -63.14 -7.02 9.10
N LEU O 191 -64.38 -7.54 9.00
CA LEU O 191 -64.57 -8.97 9.15
C LEU O 191 -63.73 -9.78 8.16
N SER O 192 -63.47 -9.20 7.00
CA SER O 192 -62.93 -9.96 5.88
C SER O 192 -61.79 -9.27 5.17
N ALA O 193 -61.58 -7.99 5.45
CA ALA O 193 -60.56 -7.19 4.76
C ALA O 193 -59.20 -7.88 4.67
N HIS O 194 -58.77 -8.52 5.76
CA HIS O 194 -57.44 -9.21 5.79
C HIS O 194 -57.37 -10.53 5.05
N ARG O 195 -58.49 -10.89 4.41
CA ARG O 195 -58.61 -12.17 3.75
C ARG O 195 -58.54 -12.01 2.23
N GLY O 196 -58.13 -10.84 1.76
CA GLY O 196 -57.91 -10.65 0.34
C GLY O 196 -58.27 -9.31 -0.22
N PHE O 197 -58.89 -8.45 0.58
CA PHE O 197 -59.14 -7.13 0.12
C PHE O 197 -57.88 -6.31 0.23
N LEU O 198 -57.31 -6.31 1.42
CA LEU O 198 -56.02 -5.71 1.64
C LEU O 198 -55.08 -6.48 0.70
N GLY O 199 -54.33 -5.79 -0.14
CA GLY O 199 -53.56 -6.44 -1.21
C GLY O 199 -54.20 -6.69 -2.58
N CYS O 200 -55.49 -6.44 -2.78
CA CYS O 200 -56.10 -6.69 -4.10
C CYS O 200 -55.58 -5.77 -5.21
N LYS O 201 -55.02 -4.62 -4.85
CA LYS O 201 -54.51 -3.60 -5.79
C LYS O 201 -55.55 -3.24 -6.88
N HIS O 202 -56.84 -3.16 -6.53
CA HIS O 202 -57.88 -2.87 -7.54
C HIS O 202 -57.78 -1.50 -8.24
N PHE O 203 -57.27 -0.54 -7.51
CA PHE O 203 -57.34 0.83 -7.94
C PHE O 203 -56.24 0.99 -9.02
N SER O 204 -55.05 0.49 -8.69
CA SER O 204 -53.95 0.47 -9.64
C SER O 204 -54.25 -0.45 -10.85
N LYS O 205 -54.88 -1.59 -10.60
CA LYS O 205 -55.25 -2.52 -11.68
C LYS O 205 -56.24 -1.87 -12.61
N ALA O 206 -57.25 -1.25 -12.04
CA ALA O 206 -58.23 -0.50 -12.85
C ALA O 206 -57.54 0.51 -13.77
N ASN O 207 -56.55 1.23 -13.26
CA ASN O 207 -55.98 2.28 -14.08
C ASN O 207 -55.18 1.71 -15.20
N GLY O 208 -54.44 0.63 -14.92
CA GLY O 208 -53.64 -0.09 -15.92
C GLY O 208 -54.52 -0.52 -17.06
N LEU O 209 -55.69 -1.04 -16.69
CA LEU O 209 -56.70 -1.38 -17.68
C LEU O 209 -57.19 -0.20 -18.50
N LEU O 210 -57.43 0.95 -17.88
CA LEU O 210 -57.88 2.08 -18.60
C LEU O 210 -56.77 2.48 -19.58
N LYS O 211 -55.54 2.51 -19.10
CA LYS O 211 -54.43 2.93 -19.94
C LYS O 211 -54.34 2.10 -21.22
N LEU O 212 -54.64 0.82 -21.12
CA LEU O 212 -54.67 -0.05 -22.31
C LEU O 212 -55.69 0.43 -23.35
N SER O 213 -56.79 1.04 -22.91
CA SER O 213 -57.73 1.63 -23.84
C SER O 213 -57.53 3.11 -24.14
N GLY O 214 -56.37 3.67 -23.80
CA GLY O 214 -56.18 5.11 -23.98
C GLY O 214 -57.17 5.92 -23.18
N THR O 215 -57.64 5.38 -22.04
CA THR O 215 -58.58 6.09 -21.18
C THR O 215 -57.82 6.78 -20.07
N GLU O 216 -58.12 8.04 -19.83
CA GLU O 216 -57.49 8.74 -18.71
C GLU O 216 -57.81 7.91 -17.47
N PRO O 217 -56.78 7.64 -16.68
CA PRO O 217 -56.96 6.89 -15.45
C PRO O 217 -57.73 7.73 -14.44
N ILE O 218 -58.23 7.05 -13.42
CA ILE O 218 -58.81 7.71 -12.28
C ILE O 218 -57.71 8.26 -11.39
N ASN O 219 -57.81 9.52 -11.10
CA ASN O 219 -57.03 10.10 -10.06
C ASN O 219 -57.71 9.81 -8.72
N TRP O 220 -57.31 8.73 -8.09
CA TRP O 220 -57.91 8.24 -6.84
C TRP O 220 -57.62 9.18 -5.62
N ARG O 221 -56.52 9.93 -5.68
CA ARG O 221 -56.14 10.99 -4.71
C ARG O 221 -57.06 12.19 -4.73
N ALA O 222 -57.80 12.36 -5.84
CA ALA O 222 -58.61 13.56 -6.05
C ALA O 222 -59.99 13.54 -5.38
N LEU O 223 -60.00 13.70 -4.05
CA LEU O 223 -61.18 13.70 -3.20
C LEU O 223 -61.35 15.05 -2.50
N ASN P 3 -81.26 -0.63 19.76
CA ASN P 3 -81.39 -2.11 19.89
C ASN P 3 -80.03 -2.81 19.83
N LEU P 4 -79.23 -2.47 18.81
CA LEU P 4 -77.95 -3.15 18.57
C LEU P 4 -76.81 -2.65 19.45
N SER P 5 -76.73 -1.34 19.67
CA SER P 5 -75.69 -0.81 20.59
C SER P 5 -75.99 -1.19 22.05
N ASP P 6 -77.25 -1.51 22.36
CA ASP P 6 -77.59 -1.99 23.70
C ASP P 6 -76.86 -3.31 23.87
N ILE P 7 -76.85 -4.12 22.81
CA ILE P 7 -76.31 -5.48 22.89
C ILE P 7 -74.81 -5.41 23.06
N ILE P 8 -74.17 -4.62 22.20
CA ILE P 8 -72.74 -4.37 22.28
C ILE P 8 -72.36 -3.80 23.64
N GLU P 9 -73.24 -3.03 24.29
CA GLU P 9 -72.90 -2.50 25.61
C GLU P 9 -72.97 -3.61 26.67
N LYS P 10 -73.98 -4.47 26.55
CA LYS P 10 -74.23 -5.56 27.49
C LYS P 10 -73.05 -6.54 27.44
N GLU P 11 -72.77 -7.01 26.23
CA GLU P 11 -71.75 -8.01 25.98
C GLU P 11 -70.32 -7.55 26.22
N THR P 12 -70.05 -6.26 26.08
CA THR P 12 -68.67 -5.79 26.10
C THR P 12 -68.44 -4.80 27.22
N GLY P 13 -69.39 -3.91 27.41
CA GLY P 13 -69.20 -2.80 28.35
C GLY P 13 -68.94 -1.53 27.58
N LYS P 14 -69.02 -1.59 26.26
CA LYS P 14 -68.81 -0.43 25.39
C LYS P 14 -70.10 0.12 24.79
N GLN P 15 -70.27 1.43 24.91
CA GLN P 15 -71.34 2.18 24.30
C GLN P 15 -70.84 2.78 22.99
N LEU P 16 -71.02 2.01 21.93
CA LEU P 16 -70.46 2.38 20.64
C LEU P 16 -71.60 2.72 19.74
N VAL P 17 -71.31 3.48 18.68
CA VAL P 17 -72.31 3.68 17.65
C VAL P 17 -71.95 2.83 16.42
N ILE P 18 -72.96 2.16 15.88
CA ILE P 18 -72.81 1.33 14.66
C ILE P 18 -72.64 2.24 13.43
N GLN P 19 -71.52 2.10 12.74
CA GLN P 19 -71.22 2.95 11.55
C GLN P 19 -71.54 2.35 10.18
N GLU P 20 -71.83 1.07 10.14
CA GLU P 20 -72.11 0.34 8.89
C GLU P 20 -72.56 -1.05 9.22
N SER P 21 -73.44 -1.59 8.39
CA SER P 21 -74.02 -2.91 8.50
C SER P 21 -73.93 -3.54 7.11
N ILE P 22 -73.05 -4.52 6.94
CA ILE P 22 -72.71 -5.06 5.60
C ILE P 22 -73.20 -6.47 5.50
N LEU P 23 -73.93 -6.77 4.42
CA LEU P 23 -74.48 -8.10 4.24
C LEU P 23 -73.50 -9.11 3.68
N MET P 24 -73.41 -10.24 4.37
CA MET P 24 -72.55 -11.33 3.97
C MET P 24 -73.30 -12.65 3.88
N LEU P 25 -72.88 -13.43 2.90
CA LEU P 25 -73.41 -14.78 2.68
C LEU P 25 -72.83 -15.73 3.70
N PRO P 26 -73.55 -16.82 4.02
CA PRO P 26 -73.09 -17.80 4.97
C PRO P 26 -71.69 -18.35 4.71
N GLU P 27 -71.42 -18.78 3.48
CA GLU P 27 -70.08 -19.27 3.12
C GLU P 27 -69.02 -18.19 3.33
N GLU P 28 -69.40 -16.95 3.00
CA GLU P 28 -68.56 -15.76 3.19
C GLU P 28 -68.21 -15.54 4.66
N VAL P 29 -69.18 -15.82 5.52
CA VAL P 29 -69.04 -15.70 6.96
C VAL P 29 -68.23 -16.85 7.52
N GLU P 30 -68.57 -18.06 7.07
CA GLU P 30 -67.90 -19.25 7.54
C GLU P 30 -66.41 -19.15 7.36
N GLU P 31 -65.96 -18.63 6.20
CA GLU P 31 -64.52 -18.62 5.96
C GLU P 31 -63.70 -17.75 6.93
N VAL P 32 -64.37 -17.07 7.86
CA VAL P 32 -63.70 -16.35 8.97
C VAL P 32 -64.13 -16.78 10.36
N ILE P 33 -65.44 -16.95 10.57
CA ILE P 33 -65.98 -17.29 11.89
C ILE P 33 -65.73 -18.74 12.27
N GLY P 34 -65.62 -19.62 11.27
CA GLY P 34 -65.46 -21.05 11.50
C GLY P 34 -66.75 -21.66 12.02
N ASN P 35 -67.86 -20.98 11.74
CA ASN P 35 -69.19 -21.54 11.98
C ASN P 35 -70.02 -20.96 10.85
N LYS P 36 -70.92 -21.75 10.32
CA LYS P 36 -71.78 -21.29 9.23
C LYS P 36 -73.12 -20.86 9.84
N PRO P 37 -73.61 -19.69 9.47
CA PRO P 37 -74.90 -19.28 9.98
C PRO P 37 -75.98 -19.91 9.11
N GLU P 38 -77.17 -20.06 9.66
CA GLU P 38 -78.31 -20.68 8.96
C GLU P 38 -78.84 -19.78 7.83
N SER P 39 -78.56 -18.48 7.91
CA SER P 39 -78.94 -17.59 6.81
C SER P 39 -77.86 -16.56 6.52
N ASP P 40 -78.18 -15.52 5.74
CA ASP P 40 -77.24 -14.41 5.57
C ASP P 40 -77.06 -13.67 6.89
N ILE P 41 -76.05 -12.81 6.91
CA ILE P 41 -75.64 -12.09 8.11
C ILE P 41 -75.36 -10.61 7.77
N LEU P 42 -75.94 -9.71 8.58
CA LEU P 42 -75.52 -8.30 8.55
C LEU P 42 -74.40 -8.12 9.54
N VAL P 43 -73.33 -7.44 9.11
CA VAL P 43 -72.18 -7.26 9.97
C VAL P 43 -72.24 -5.81 10.30
N HIS P 44 -72.78 -5.56 11.48
CA HIS P 44 -72.90 -4.19 12.00
C HIS P 44 -71.61 -3.89 12.75
N THR P 45 -70.88 -2.87 12.31
CA THR P 45 -69.53 -2.63 12.76
C THR P 45 -69.40 -1.25 13.38
N ALA P 46 -68.74 -1.23 14.52
CA ALA P 46 -68.46 -0.05 15.27
C ALA P 46 -66.97 -0.01 15.54
N TYR P 47 -66.38 1.18 15.39
CA TYR P 47 -64.98 1.36 15.81
C TYR P 47 -64.89 1.88 17.23
N ASP P 48 -64.00 1.29 18.03
CA ASP P 48 -63.71 1.76 19.40
C ASP P 48 -62.34 2.47 19.51
N GLU P 49 -62.34 3.79 19.46
CA GLU P 49 -61.13 4.59 19.47
C GLU P 49 -60.29 4.45 20.73
N SER P 50 -60.91 4.04 21.83
CA SER P 50 -60.19 3.84 23.09
C SER P 50 -59.28 2.59 23.05
N THR P 51 -59.69 1.57 22.31
CA THR P 51 -58.90 0.34 22.21
C THR P 51 -58.34 0.11 20.81
N ASP P 52 -58.68 1.01 19.90
CA ASP P 52 -58.45 0.82 18.48
C ASP P 52 -58.82 -0.62 18.11
N GLU P 53 -60.08 -0.94 18.23
CA GLU P 53 -60.60 -2.23 17.85
C GLU P 53 -61.85 -1.96 17.05
N ASN P 54 -62.08 -2.79 16.04
CA ASN P 54 -63.40 -2.82 15.43
C ASN P 54 -64.21 -3.88 16.15
N VAL P 55 -65.36 -3.47 16.65
CA VAL P 55 -66.35 -4.33 17.29
C VAL P 55 -67.48 -4.65 16.31
N MET P 56 -67.63 -5.92 15.94
CA MET P 56 -68.58 -6.36 14.95
C MET P 56 -69.66 -7.20 15.60
N LEU P 57 -70.89 -6.73 15.52
CA LEU P 57 -72.01 -7.55 15.95
C LEU P 57 -72.64 -8.16 14.70
N LEU P 58 -72.61 -9.47 14.65
CA LEU P 58 -73.18 -10.20 13.55
C LEU P 58 -74.61 -10.57 13.90
N THR P 59 -75.55 -10.21 13.03
CA THR P 59 -76.94 -10.64 13.15
C THR P 59 -77.49 -11.29 11.90
N SER P 60 -78.63 -11.97 12.04
CA SER P 60 -79.44 -12.32 10.87
C SER P 60 -80.00 -11.07 10.16
N ASP P 61 -80.45 -11.30 8.93
CA ASP P 61 -80.88 -10.23 8.04
C ASP P 61 -82.16 -9.58 8.58
N ALA P 62 -82.46 -8.42 8.01
CA ALA P 62 -83.74 -7.77 8.23
C ALA P 62 -84.86 -8.76 7.88
N PRO P 63 -85.98 -8.76 8.62
CA PRO P 63 -86.34 -7.91 9.78
C PRO P 63 -86.01 -8.38 11.22
N GLU P 64 -85.71 -9.65 11.46
CA GLU P 64 -85.53 -10.17 12.84
C GLU P 64 -84.19 -9.72 13.49
N TYR P 65 -83.17 -9.53 12.67
CA TYR P 65 -81.86 -9.14 13.16
C TYR P 65 -81.42 -9.96 14.40
N LYS P 66 -81.59 -11.29 14.37
CA LYS P 66 -81.16 -12.17 15.49
C LYS P 66 -79.66 -12.12 15.74
N PRO P 67 -79.24 -11.61 16.92
CA PRO P 67 -77.84 -11.65 17.27
C PRO P 67 -77.24 -13.04 17.14
N TRP P 68 -76.23 -13.13 16.29
CA TRP P 68 -75.60 -14.44 16.01
C TRP P 68 -74.24 -14.60 16.68
N ALA P 69 -73.40 -13.58 16.57
CA ALA P 69 -72.03 -13.63 17.12
C ALA P 69 -71.50 -12.21 17.37
N LEU P 70 -70.50 -12.12 18.24
CA LEU P 70 -69.80 -10.86 18.42
C LEU P 70 -68.32 -11.05 18.20
N VAL P 71 -67.78 -10.22 17.33
CA VAL P 71 -66.36 -10.28 16.97
C VAL P 71 -65.65 -8.98 17.33
N ILE P 72 -64.60 -9.10 18.14
CA ILE P 72 -63.78 -7.93 18.43
C ILE P 72 -62.47 -8.14 17.72
N GLN P 73 -62.07 -7.19 16.87
CA GLN P 73 -60.82 -7.28 16.12
C GLN P 73 -59.83 -6.15 16.36
N ASP P 74 -58.62 -6.56 16.79
CA ASP P 74 -57.48 -5.68 17.01
C ASP P 74 -56.80 -5.19 15.73
N SER P 75 -55.82 -4.31 15.95
CA SER P 75 -55.21 -3.56 14.87
C SER P 75 -54.38 -4.47 13.96
N ASN P 76 -53.97 -5.64 14.46
CA ASN P 76 -53.34 -6.60 13.58
C ASN P 76 -54.31 -7.51 12.83
N GLY P 77 -55.60 -7.29 13.03
CA GLY P 77 -56.63 -8.05 12.31
C GLY P 77 -57.06 -9.38 12.92
N GLU P 78 -56.49 -9.75 14.07
CA GLU P 78 -56.90 -10.95 14.81
C GLU P 78 -58.23 -10.78 15.49
N ASN P 79 -59.06 -11.82 15.37
CA ASN P 79 -60.42 -11.82 15.89
C ASN P 79 -60.59 -12.60 17.17
N LYS P 80 -61.28 -12.00 18.12
CA LYS P 80 -61.80 -12.73 19.29
C LYS P 80 -63.30 -12.93 19.07
N ILE P 81 -63.73 -14.16 18.87
CA ILE P 81 -65.11 -14.51 18.49
C ILE P 81 -65.90 -15.05 19.69
N LYS P 82 -67.12 -14.58 19.90
CA LYS P 82 -67.99 -15.13 20.92
C LYS P 82 -69.34 -15.40 20.25
N MET P 83 -69.73 -16.68 20.15
CA MET P 83 -71.04 -17.02 19.62
C MET P 83 -72.12 -16.65 20.62
N LEU P 84 -73.23 -16.11 20.12
CA LEU P 84 -74.26 -15.54 21.01
C LEU P 84 -75.49 -16.40 21.23
#